data_5APS
# 
_entry.id   5APS 
# 
_audit_conform.dict_name       mmcif_pdbx.dic 
_audit_conform.dict_version    5.383 
_audit_conform.dict_location   http://mmcif.pdb.org/dictionaries/ascii/mmcif_pdbx.dic 
# 
loop_
_database_2.database_id 
_database_2.database_code 
_database_2.pdbx_database_accession 
_database_2.pdbx_DOI 
PDB   5APS         pdb_00005aps 10.2210/pdb5aps/pdb 
PDBE  EBI-65073    ?            ?                   
WWPDB D_1290065073 ?            ?                   
# 
loop_
_pdbx_audit_revision_history.ordinal 
_pdbx_audit_revision_history.data_content_type 
_pdbx_audit_revision_history.major_revision 
_pdbx_audit_revision_history.minor_revision 
_pdbx_audit_revision_history.revision_date 
1 'Structure model' 1 0 2016-01-27 
2 'Structure model' 1 1 2017-03-22 
3 'Structure model' 1 2 2024-01-10 
# 
_pdbx_audit_revision_details.ordinal             1 
_pdbx_audit_revision_details.revision_ordinal    1 
_pdbx_audit_revision_details.data_content_type   'Structure model' 
_pdbx_audit_revision_details.provider            repository 
_pdbx_audit_revision_details.type                'Initial release' 
_pdbx_audit_revision_details.description         ? 
_pdbx_audit_revision_details.details             ? 
# 
loop_
_pdbx_audit_revision_group.ordinal 
_pdbx_audit_revision_group.revision_ordinal 
_pdbx_audit_revision_group.data_content_type 
_pdbx_audit_revision_group.group 
1 2 'Structure model' 'Database references'    
2 3 'Structure model' 'Data collection'        
3 3 'Structure model' 'Database references'    
4 3 'Structure model' Other                    
5 3 'Structure model' 'Refinement description' 
# 
loop_
_pdbx_audit_revision_category.ordinal 
_pdbx_audit_revision_category.revision_ordinal 
_pdbx_audit_revision_category.data_content_type 
_pdbx_audit_revision_category.category 
1 3 'Structure model' chem_comp_atom                
2 3 'Structure model' chem_comp_bond                
3 3 'Structure model' database_2                    
4 3 'Structure model' pdbx_database_status          
5 3 'Structure model' pdbx_initial_refinement_model 
# 
loop_
_pdbx_audit_revision_item.ordinal 
_pdbx_audit_revision_item.revision_ordinal 
_pdbx_audit_revision_item.data_content_type 
_pdbx_audit_revision_item.item 
1 3 'Structure model' '_database_2.pdbx_DOI'                 
2 3 'Structure model' '_database_2.pdbx_database_accession'  
3 3 'Structure model' '_pdbx_database_status.status_code_sf' 
# 
_pdbx_database_status.status_code                     REL 
_pdbx_database_status.entry_id                        5APS 
_pdbx_database_status.deposit_site                    PDBE 
_pdbx_database_status.process_site                    PDBE 
_pdbx_database_status.SG_entry                        . 
_pdbx_database_status.recvd_initial_deposition_date   2015-09-17 
_pdbx_database_status.pdb_format_compatible           Y 
_pdbx_database_status.status_code_sf                  REL 
_pdbx_database_status.status_code_mr                  ? 
_pdbx_database_status.status_code_cs                  ? 
_pdbx_database_status.methods_development_category    ? 
_pdbx_database_status.status_code_nmr_data            ? 
# 
loop_
_pdbx_database_related.db_name 
_pdbx_database_related.db_id 
_pdbx_database_related.content_type 
_pdbx_database_related.details 
PDB 5APP unspecified 'ACTINOBACILLUS ACTINOMYCETEMCOMITANS OMP100 RESIDUES 133-198 FUSED TO GCN4 ADAPTORS'          
PDB 5APQ unspecified 'SEQUENCE IENKAD INSERTED BETWEEN GCN4 ADAPTORS - STRUCTURE A6'                                
PDB 5APT unspecified 'SEQUENCE IENKADKAD INSERTED BETWEEN GCN4 ADAPTORS - STRUCTURE A9'                             
PDB 5APU unspecified 'SEQUENCE IANKEDKAD INSERTED BETWEEN GCN4 ADAPTORS - STRUCTURE A9B BLACK'                      
PDB 5APV unspecified 'SEQUENCE IANKEDKAD INSERTED BETWEEN GCN4 ADAPTORS - STRUCTURE A9B GREY'                       
PDB 5APW unspecified 'SEQUENCE MATKDD INSERTED BETWEEN GCN4 ADAPTORS - STRUCTURE T6'                                
PDB 5APX unspecified 'SEQUENCE MATKDDIAN INSERTED BETWEEN GCN4 ADAPTORS - STRUCTURE T9(6)'                          
PDB 5APY unspecified 'SEQUENCE MATKDDIAN INSERTED BETWEEN GCN4 ADAPTORS - STRUCTURE T9(9)'                          
PDB 5APZ unspecified 'THERMOSINUS CARBOXYDIVORANS NOR1 TCAR0761 RESIDUES 68-101 AND 191-211 FUSED TO GCN4 ADAPTORS' 
# 
loop_
_audit_author.name 
_audit_author.pdbx_ordinal 
'Hartmann, M.D.'        1 
'Mendler, C.T.'         2 
'Lupas, A.N.'           3 
'Hernandez Alvarez, B.' 4 
# 
_citation.id                        primary 
_citation.title                     'alpha / beta coiled coils.' 
_citation.journal_abbrev            Elife 
_citation.journal_volume            5 
_citation.page_first                ? 
_citation.page_last                 ? 
_citation.year                      2016 
_citation.journal_id_ASTM           ? 
_citation.country                   US 
_citation.journal_id_ISSN           2050-084X 
_citation.journal_id_CSD            ? 
_citation.book_publisher            ? 
_citation.pdbx_database_id_PubMed   26771248 
_citation.pdbx_database_id_DOI      10.7554/eLife.11861 
# 
loop_
_citation_author.citation_id 
_citation_author.name 
_citation_author.ordinal 
_citation_author.identifier_ORCID 
primary 'Hartmann, M.D.'        1 ? 
primary 'Mendler, C.T.'         2 ? 
primary 'Bassler, J.'           3 ? 
primary 'Karamichali, I.'       4 ? 
primary 'Ridderbusch, O.'       5 ? 
primary 'Lupas, A.N.'           6 ? 
primary 'Hernandez Alvarez, B.' 7 ? 
# 
loop_
_entity.id 
_entity.type 
_entity.src_method 
_entity.pdbx_description 
_entity.formula_weight 
_entity.pdbx_number_of_molecules 
_entity.pdbx_ec 
_entity.pdbx_mutation 
_entity.pdbx_fragment 
_entity.details 
1 polymer man 'GENERAL CONTROL PROTEIN GCN4' 11207.912 1  ? YES ? ? 
2 water   nat water                          18.015    84 ? ?   ? ? 
# 
_entity_name_com.entity_id   1 
_entity_name_com.name        'AMINO ACID BIOSYNTHESIS REGULATORY PROTEIN' 
# 
_entity_poly.entity_id                      1 
_entity_poly.type                           'polypeptide(L)' 
_entity_poly.nstd_linkage                   no 
_entity_poly.nstd_monomer                   no 
_entity_poly.pdbx_seq_one_letter_code       
;MKHHHHHHPMSDYDIPTTENLYFQGHMKQLEDKVEELLSKVYHLENEVARLKKLIENKKADMKQLEDKVEELLSKVYHLE
NEVARLKKLVGER
;
_entity_poly.pdbx_seq_one_letter_code_can   
;MKHHHHHHPMSDYDIPTTENLYFQGHMKQLEDKVEELLSKVYHLENEVARLKKLIENKKADMKQLEDKVEELLSKVYHLE
NEVARLKKLVGER
;
_entity_poly.pdbx_strand_id                 A 
_entity_poly.pdbx_target_identifier         ? 
# 
_pdbx_entity_nonpoly.entity_id   2 
_pdbx_entity_nonpoly.name        water 
_pdbx_entity_nonpoly.comp_id     HOH 
# 
loop_
_entity_poly_seq.entity_id 
_entity_poly_seq.num 
_entity_poly_seq.mon_id 
_entity_poly_seq.hetero 
1 1  MET n 
1 2  LYS n 
1 3  HIS n 
1 4  HIS n 
1 5  HIS n 
1 6  HIS n 
1 7  HIS n 
1 8  HIS n 
1 9  PRO n 
1 10 MET n 
1 11 SER n 
1 12 ASP n 
1 13 TYR n 
1 14 ASP n 
1 15 ILE n 
1 16 PRO n 
1 17 THR n 
1 18 THR n 
1 19 GLU n 
1 20 ASN n 
1 21 LEU n 
1 22 TYR n 
1 23 PHE n 
1 24 GLN n 
1 25 GLY n 
1 26 HIS n 
1 27 MET n 
1 28 LYS n 
1 29 GLN n 
1 30 LEU n 
1 31 GLU n 
1 32 ASP n 
1 33 LYS n 
1 34 VAL n 
1 35 GLU n 
1 36 GLU n 
1 37 LEU n 
1 38 LEU n 
1 39 SER n 
1 40 LYS n 
1 41 VAL n 
1 42 TYR n 
1 43 HIS n 
1 44 LEU n 
1 45 GLU n 
1 46 ASN n 
1 47 GLU n 
1 48 VAL n 
1 49 ALA n 
1 50 ARG n 
1 51 LEU n 
1 52 LYS n 
1 53 LYS n 
1 54 LEU n 
1 55 ILE n 
1 56 GLU n 
1 57 ASN n 
1 58 LYS n 
1 59 LYS n 
1 60 ALA n 
1 61 ASP n 
1 62 MET n 
1 63 LYS n 
1 64 GLN n 
1 65 LEU n 
1 66 GLU n 
1 67 ASP n 
1 68 LYS n 
1 69 VAL n 
1 70 GLU n 
1 71 GLU n 
1 72 LEU n 
1 73 LEU n 
1 74 SER n 
1 75 LYS n 
1 76 VAL n 
1 77 TYR n 
1 78 HIS n 
1 79 LEU n 
1 80 GLU n 
1 81 ASN n 
1 82 GLU n 
1 83 VAL n 
1 84 ALA n 
1 85 ARG n 
1 86 LEU n 
1 87 LYS n 
1 88 LYS n 
1 89 LEU n 
1 90 VAL n 
1 91 GLY n 
1 92 GLU n 
1 93 ARG n 
# 
_entity_src_gen.entity_id                          1 
_entity_src_gen.pdbx_src_id                        1 
_entity_src_gen.pdbx_alt_source_flag               sample 
_entity_src_gen.pdbx_seq_type                      ? 
_entity_src_gen.pdbx_beg_seq_num                   ? 
_entity_src_gen.pdbx_end_seq_num                   ? 
_entity_src_gen.gene_src_common_name               
;BAKER'S YEAST
;
_entity_src_gen.gene_src_genus                     ? 
_entity_src_gen.pdbx_gene_src_gene                 ? 
_entity_src_gen.gene_src_species                   ? 
_entity_src_gen.gene_src_strain                    ? 
_entity_src_gen.gene_src_tissue                    ? 
_entity_src_gen.gene_src_tissue_fraction           ? 
_entity_src_gen.gene_src_details                   ? 
_entity_src_gen.pdbx_gene_src_fragment             ? 
_entity_src_gen.pdbx_gene_src_scientific_name      'SACCHAROMYCES CEREVISIAE' 
_entity_src_gen.pdbx_gene_src_ncbi_taxonomy_id     4932 
_entity_src_gen.pdbx_gene_src_variant              ? 
_entity_src_gen.pdbx_gene_src_cell_line            ? 
_entity_src_gen.pdbx_gene_src_atcc                 ? 
_entity_src_gen.pdbx_gene_src_organ                ? 
_entity_src_gen.pdbx_gene_src_organelle            ? 
_entity_src_gen.pdbx_gene_src_cell                 ? 
_entity_src_gen.pdbx_gene_src_cellular_location    ? 
_entity_src_gen.host_org_common_name               ? 
_entity_src_gen.pdbx_host_org_scientific_name      'ESCHERICHIA COLI' 
_entity_src_gen.pdbx_host_org_ncbi_taxonomy_id     562 
_entity_src_gen.host_org_genus                     ? 
_entity_src_gen.pdbx_host_org_gene                 ? 
_entity_src_gen.pdbx_host_org_organ                ? 
_entity_src_gen.host_org_species                   ? 
_entity_src_gen.pdbx_host_org_tissue               ? 
_entity_src_gen.pdbx_host_org_tissue_fraction      ? 
_entity_src_gen.pdbx_host_org_strain               ? 
_entity_src_gen.pdbx_host_org_variant              ? 
_entity_src_gen.pdbx_host_org_cell_line            ? 
_entity_src_gen.pdbx_host_org_atcc                 ? 
_entity_src_gen.pdbx_host_org_culture_collection   ? 
_entity_src_gen.pdbx_host_org_cell                 ? 
_entity_src_gen.pdbx_host_org_organelle            ? 
_entity_src_gen.pdbx_host_org_cellular_location    ? 
_entity_src_gen.pdbx_host_org_vector_type          ? 
_entity_src_gen.pdbx_host_org_vector               ? 
_entity_src_gen.host_org_details                   ? 
_entity_src_gen.expression_system_id               ? 
_entity_src_gen.plasmid_name                       ? 
_entity_src_gen.plasmid_details                    ? 
_entity_src_gen.pdbx_description                   ? 
# 
loop_
_chem_comp.id 
_chem_comp.type 
_chem_comp.mon_nstd_flag 
_chem_comp.name 
_chem_comp.pdbx_synonyms 
_chem_comp.formula 
_chem_comp.formula_weight 
ALA 'L-peptide linking' y ALANINE         ? 'C3 H7 N O2'     89.093  
ARG 'L-peptide linking' y ARGININE        ? 'C6 H15 N4 O2 1' 175.209 
ASN 'L-peptide linking' y ASPARAGINE      ? 'C4 H8 N2 O3'    132.118 
ASP 'L-peptide linking' y 'ASPARTIC ACID' ? 'C4 H7 N O4'     133.103 
GLN 'L-peptide linking' y GLUTAMINE       ? 'C5 H10 N2 O3'   146.144 
GLU 'L-peptide linking' y 'GLUTAMIC ACID' ? 'C5 H9 N O4'     147.129 
GLY 'peptide linking'   y GLYCINE         ? 'C2 H5 N O2'     75.067  
HIS 'L-peptide linking' y HISTIDINE       ? 'C6 H10 N3 O2 1' 156.162 
HOH non-polymer         . WATER           ? 'H2 O'           18.015  
ILE 'L-peptide linking' y ISOLEUCINE      ? 'C6 H13 N O2'    131.173 
LEU 'L-peptide linking' y LEUCINE         ? 'C6 H13 N O2'    131.173 
LYS 'L-peptide linking' y LYSINE          ? 'C6 H15 N2 O2 1' 147.195 
MET 'L-peptide linking' y METHIONINE      ? 'C5 H11 N O2 S'  149.211 
PHE 'L-peptide linking' y PHENYLALANINE   ? 'C9 H11 N O2'    165.189 
PRO 'L-peptide linking' y PROLINE         ? 'C5 H9 N O2'     115.130 
SER 'L-peptide linking' y SERINE          ? 'C3 H7 N O3'     105.093 
THR 'L-peptide linking' y THREONINE       ? 'C4 H9 N O3'     119.119 
TYR 'L-peptide linking' y TYROSINE        ? 'C9 H11 N O3'    181.189 
VAL 'L-peptide linking' y VALINE          ? 'C5 H11 N O2'    117.146 
# 
loop_
_pdbx_poly_seq_scheme.asym_id 
_pdbx_poly_seq_scheme.entity_id 
_pdbx_poly_seq_scheme.seq_id 
_pdbx_poly_seq_scheme.mon_id 
_pdbx_poly_seq_scheme.ndb_seq_num 
_pdbx_poly_seq_scheme.pdb_seq_num 
_pdbx_poly_seq_scheme.auth_seq_num 
_pdbx_poly_seq_scheme.pdb_mon_id 
_pdbx_poly_seq_scheme.auth_mon_id 
_pdbx_poly_seq_scheme.pdb_strand_id 
_pdbx_poly_seq_scheme.pdb_ins_code 
_pdbx_poly_seq_scheme.hetero 
A 1 1  MET 1  -25 ?  ?   ?   A . n 
A 1 2  LYS 2  -24 ?  ?   ?   A . n 
A 1 3  HIS 3  -23 ?  ?   ?   A . n 
A 1 4  HIS 4  -22 ?  ?   ?   A . n 
A 1 5  HIS 5  -21 ?  ?   ?   A . n 
A 1 6  HIS 6  -20 ?  ?   ?   A . n 
A 1 7  HIS 7  -19 ?  ?   ?   A . n 
A 1 8  HIS 8  -18 ?  ?   ?   A . n 
A 1 9  PRO 9  -17 ?  ?   ?   A . n 
A 1 10 MET 10 -16 ?  ?   ?   A . n 
A 1 11 SER 11 -15 ?  ?   ?   A . n 
A 1 12 ASP 12 -14 ?  ?   ?   A . n 
A 1 13 TYR 13 -13 ?  ?   ?   A . n 
A 1 14 ASP 14 -12 ?  ?   ?   A . n 
A 1 15 ILE 15 -11 ?  ?   ?   A . n 
A 1 16 PRO 16 -10 ?  ?   ?   A . n 
A 1 17 THR 17 -9  ?  ?   ?   A . n 
A 1 18 THR 18 -8  ?  ?   ?   A . n 
A 1 19 GLU 19 -7  ?  ?   ?   A . n 
A 1 20 ASN 20 -6  ?  ?   ?   A . n 
A 1 21 LEU 21 -5  ?  ?   ?   A . n 
A 1 22 TYR 22 -4  ?  ?   ?   A . n 
A 1 23 PHE 23 -3  ?  ?   ?   A . n 
A 1 24 GLN 24 -2  ?  ?   ?   A . n 
A 1 25 GLY 25 -1  ?  ?   ?   A . n 
A 1 26 HIS 26 0   ?  ?   ?   A . n 
A 1 27 MET 27 1   ?  ?   ?   A . n 
A 1 28 LYS 28 2   ?  ?   ?   A . n 
A 1 29 GLN 29 3   ?  ?   ?   A . n 
A 1 30 LEU 30 4   ?  ?   ?   A . n 
A 1 31 GLU 31 5   5  GLU GLU A . n 
A 1 32 ASP 32 6   6  ASP ASP A . n 
A 1 33 LYS 33 7   7  LYS LYS A . n 
A 1 34 VAL 34 8   8  VAL VAL A . n 
A 1 35 GLU 35 9   9  GLU GLU A . n 
A 1 36 GLU 36 10  10 GLU GLU A . n 
A 1 37 LEU 37 11  11 LEU LEU A . n 
A 1 38 LEU 38 12  12 LEU LEU A . n 
A 1 39 SER 39 13  13 SER SER A . n 
A 1 40 LYS 40 14  14 LYS LYS A . n 
A 1 41 VAL 41 15  15 VAL VAL A . n 
A 1 42 TYR 42 16  16 TYR TYR A . n 
A 1 43 HIS 43 17  17 HIS HIS A . n 
A 1 44 LEU 44 18  18 LEU LEU A . n 
A 1 45 GLU 45 19  19 GLU GLU A . n 
A 1 46 ASN 46 20  20 ASN ASN A . n 
A 1 47 GLU 47 21  21 GLU GLU A . n 
A 1 48 VAL 48 22  22 VAL VAL A . n 
A 1 49 ALA 49 23  23 ALA ALA A . n 
A 1 50 ARG 50 24  24 ARG ARG A . n 
A 1 51 LEU 51 25  25 LEU LEU A . n 
A 1 52 LYS 52 26  26 LYS LYS A . n 
A 1 53 LYS 53 27  27 LYS LYS A . n 
A 1 54 LEU 54 28  28 LEU LEU A . n 
A 1 55 ILE 55 29  29 ILE ILE A . n 
A 1 56 GLU 56 30  30 GLU GLU A . n 
A 1 57 ASN 57 31  31 ASN ASN A . n 
A 1 58 LYS 58 32  32 LYS LYS A . n 
A 1 59 LYS 59 33  33 LYS LYS A . n 
A 1 60 ALA 60 34  34 ALA ALA A . n 
A 1 61 ASP 61 35  35 ASP ASP A . n 
A 1 62 MET 62 36  36 MET MET A . n 
A 1 63 LYS 63 37  37 LYS LYS A . n 
A 1 64 GLN 64 38  38 GLN GLN A . n 
A 1 65 LEU 65 39  39 LEU LEU A . n 
A 1 66 GLU 66 40  40 GLU GLU A . n 
A 1 67 ASP 67 41  41 ASP ASP A . n 
A 1 68 LYS 68 42  42 LYS LYS A . n 
A 1 69 VAL 69 43  43 VAL VAL A . n 
A 1 70 GLU 70 44  44 GLU GLU A . n 
A 1 71 GLU 71 45  45 GLU GLU A . n 
A 1 72 LEU 72 46  46 LEU LEU A . n 
A 1 73 LEU 73 47  47 LEU LEU A . n 
A 1 74 SER 74 48  48 SER SER A . n 
A 1 75 LYS 75 49  49 LYS LYS A . n 
A 1 76 VAL 76 50  50 VAL VAL A . n 
A 1 77 TYR 77 51  51 TYR TYR A . n 
A 1 78 HIS 78 52  52 HIS HIS A . n 
A 1 79 LEU 79 53  53 LEU LEU A . n 
A 1 80 GLU 80 54  54 GLU GLU A . n 
A 1 81 ASN 81 55  55 ASN ASN A . n 
A 1 82 GLU 82 56  56 GLU GLU A . n 
A 1 83 VAL 83 57  57 VAL VAL A . n 
A 1 84 ALA 84 58  58 ALA ALA A . n 
A 1 85 ARG 85 59  59 ARG ARG A . n 
A 1 86 LEU 86 60  60 LEU LEU A . n 
A 1 87 LYS 87 61  61 LYS LYS A . n 
A 1 88 LYS 88 62  62 LYS LYS A . n 
A 1 89 LEU 89 63  63 LEU LEU A . n 
A 1 90 VAL 90 64  64 VAL VAL A . n 
A 1 91 GLY 91 65  65 GLY GLY A . n 
A 1 92 GLU 92 66  66 GLU GLU A . n 
A 1 93 ARG 93 67  67 ARG ARG A . n 
# 
loop_
_pdbx_nonpoly_scheme.asym_id 
_pdbx_nonpoly_scheme.entity_id 
_pdbx_nonpoly_scheme.mon_id 
_pdbx_nonpoly_scheme.ndb_seq_num 
_pdbx_nonpoly_scheme.pdb_seq_num 
_pdbx_nonpoly_scheme.auth_seq_num 
_pdbx_nonpoly_scheme.pdb_mon_id 
_pdbx_nonpoly_scheme.auth_mon_id 
_pdbx_nonpoly_scheme.pdb_strand_id 
_pdbx_nonpoly_scheme.pdb_ins_code 
B 2 HOH 1  2001 2001 HOH HOH A . 
B 2 HOH 2  2002 2002 HOH HOH A . 
B 2 HOH 3  2003 2003 HOH HOH A . 
B 2 HOH 4  2004 2004 HOH HOH A . 
B 2 HOH 5  2005 2005 HOH HOH A . 
B 2 HOH 6  2006 2006 HOH HOH A . 
B 2 HOH 7  2007 2007 HOH HOH A . 
B 2 HOH 8  2008 2008 HOH HOH A . 
B 2 HOH 9  2009 2009 HOH HOH A . 
B 2 HOH 10 2010 2010 HOH HOH A . 
B 2 HOH 11 2011 2011 HOH HOH A . 
B 2 HOH 12 2012 2012 HOH HOH A . 
B 2 HOH 13 2013 2013 HOH HOH A . 
B 2 HOH 14 2014 2014 HOH HOH A . 
B 2 HOH 15 2015 2015 HOH HOH A . 
B 2 HOH 16 2016 2016 HOH HOH A . 
B 2 HOH 17 2017 2017 HOH HOH A . 
B 2 HOH 18 2018 2018 HOH HOH A . 
B 2 HOH 19 2019 2019 HOH HOH A . 
B 2 HOH 20 2020 2020 HOH HOH A . 
B 2 HOH 21 2021 2021 HOH HOH A . 
B 2 HOH 22 2022 2022 HOH HOH A . 
B 2 HOH 23 2023 2023 HOH HOH A . 
B 2 HOH 24 2024 2024 HOH HOH A . 
B 2 HOH 25 2025 2025 HOH HOH A . 
B 2 HOH 26 2026 2026 HOH HOH A . 
B 2 HOH 27 2027 2027 HOH HOH A . 
B 2 HOH 28 2028 2028 HOH HOH A . 
B 2 HOH 29 2029 2029 HOH HOH A . 
B 2 HOH 30 2030 2030 HOH HOH A . 
B 2 HOH 31 2031 2031 HOH HOH A . 
B 2 HOH 32 2032 2032 HOH HOH A . 
B 2 HOH 33 2033 2033 HOH HOH A . 
B 2 HOH 34 2034 2034 HOH HOH A . 
B 2 HOH 35 2035 2035 HOH HOH A . 
B 2 HOH 36 2036 2036 HOH HOH A . 
B 2 HOH 37 2037 2037 HOH HOH A . 
B 2 HOH 38 2038 2038 HOH HOH A . 
B 2 HOH 39 2039 2039 HOH HOH A . 
B 2 HOH 40 2040 2040 HOH HOH A . 
B 2 HOH 41 2041 2041 HOH HOH A . 
B 2 HOH 42 2042 2042 HOH HOH A . 
B 2 HOH 43 2043 2043 HOH HOH A . 
B 2 HOH 44 2044 2044 HOH HOH A . 
B 2 HOH 45 2045 2045 HOH HOH A . 
B 2 HOH 46 2046 2046 HOH HOH A . 
B 2 HOH 47 2047 2047 HOH HOH A . 
B 2 HOH 48 2048 2048 HOH HOH A . 
B 2 HOH 49 2049 2049 HOH HOH A . 
B 2 HOH 50 2050 2050 HOH HOH A . 
B 2 HOH 51 2051 2051 HOH HOH A . 
B 2 HOH 52 2052 2052 HOH HOH A . 
B 2 HOH 53 2053 2053 HOH HOH A . 
B 2 HOH 54 2054 2054 HOH HOH A . 
B 2 HOH 55 2055 2055 HOH HOH A . 
B 2 HOH 56 2056 2056 HOH HOH A . 
B 2 HOH 57 2057 2057 HOH HOH A . 
B 2 HOH 58 2058 2058 HOH HOH A . 
B 2 HOH 59 2059 2059 HOH HOH A . 
B 2 HOH 60 2060 2060 HOH HOH A . 
B 2 HOH 61 2061 2061 HOH HOH A . 
B 2 HOH 62 2062 2062 HOH HOH A . 
B 2 HOH 63 2063 2063 HOH HOH A . 
B 2 HOH 64 2064 2064 HOH HOH A . 
B 2 HOH 65 2065 2065 HOH HOH A . 
B 2 HOH 66 2066 2066 HOH HOH A . 
B 2 HOH 67 2067 2067 HOH HOH A . 
B 2 HOH 68 2068 2068 HOH HOH A . 
B 2 HOH 69 2069 2069 HOH HOH A . 
B 2 HOH 70 2070 2070 HOH HOH A . 
B 2 HOH 71 2071 2071 HOH HOH A . 
B 2 HOH 72 2072 2072 HOH HOH A . 
B 2 HOH 73 2073 2073 HOH HOH A . 
B 2 HOH 74 2074 2074 HOH HOH A . 
B 2 HOH 75 2075 2075 HOH HOH A . 
B 2 HOH 76 2076 2076 HOH HOH A . 
B 2 HOH 77 2077 2077 HOH HOH A . 
B 2 HOH 78 2078 2078 HOH HOH A . 
B 2 HOH 79 2079 2079 HOH HOH A . 
B 2 HOH 80 2080 2080 HOH HOH A . 
B 2 HOH 81 2081 2081 HOH HOH A . 
B 2 HOH 82 2082 2082 HOH HOH A . 
B 2 HOH 83 2083 2083 HOH HOH A . 
B 2 HOH 84 2084 2084 HOH HOH A . 
# 
loop_
_pdbx_unobs_or_zero_occ_atoms.id 
_pdbx_unobs_or_zero_occ_atoms.PDB_model_num 
_pdbx_unobs_or_zero_occ_atoms.polymer_flag 
_pdbx_unobs_or_zero_occ_atoms.occupancy_flag 
_pdbx_unobs_or_zero_occ_atoms.auth_asym_id 
_pdbx_unobs_or_zero_occ_atoms.auth_comp_id 
_pdbx_unobs_or_zero_occ_atoms.auth_seq_id 
_pdbx_unobs_or_zero_occ_atoms.PDB_ins_code 
_pdbx_unobs_or_zero_occ_atoms.auth_atom_id 
_pdbx_unobs_or_zero_occ_atoms.label_alt_id 
_pdbx_unobs_or_zero_occ_atoms.label_asym_id 
_pdbx_unobs_or_zero_occ_atoms.label_comp_id 
_pdbx_unobs_or_zero_occ_atoms.label_seq_id 
_pdbx_unobs_or_zero_occ_atoms.label_atom_id 
1  1 Y 1 A LYS 32 ? CG  ? A LYS 58 CG  
2  1 Y 1 A LYS 32 ? CD  ? A LYS 58 CD  
3  1 Y 1 A LYS 32 ? CE  ? A LYS 58 CE  
4  1 Y 1 A LYS 32 ? NZ  ? A LYS 58 NZ  
5  1 Y 1 A LYS 33 ? CG  ? A LYS 59 CG  
6  1 Y 1 A LYS 33 ? CD  ? A LYS 59 CD  
7  1 Y 1 A LYS 33 ? CE  ? A LYS 59 CE  
8  1 Y 1 A LYS 33 ? NZ  ? A LYS 59 NZ  
9  1 Y 1 A GLN 38 ? CG  ? A GLN 64 CG  
10 1 Y 1 A GLN 38 ? CD  ? A GLN 64 CD  
11 1 Y 1 A GLN 38 ? OE1 ? A GLN 64 OE1 
12 1 Y 1 A GLN 38 ? NE2 ? A GLN 64 NE2 
13 1 Y 1 A ARG 67 ? NE  ? A ARG 93 NE  
14 1 Y 1 A ARG 67 ? CZ  ? A ARG 93 CZ  
15 1 Y 1 A ARG 67 ? NH1 ? A ARG 93 NH1 
16 1 Y 1 A ARG 67 ? NH2 ? A ARG 93 NH2 
# 
loop_
_software.name 
_software.classification 
_software.version 
_software.citation_id 
_software.pdbx_ordinal 
REFMAC refinement       5.8.0049 ? 1 
XDS    'data reduction' .        ? 2 
XDS    'data scaling'   .        ? 3 
MOLREP phasing          .        ? 4 
# 
_cell.entry_id           5APS 
_cell.length_a           38.240 
_cell.length_b           38.240 
_cell.length_c           87.100 
_cell.angle_alpha        90.00 
_cell.angle_beta         90.00 
_cell.angle_gamma        120.00 
_cell.Z_PDB              6 
_cell.pdbx_unique_axis   ? 
# 
_symmetry.entry_id                         5APS 
_symmetry.space_group_name_H-M             'P 3 2 1' 
_symmetry.pdbx_full_space_group_name_H-M   ? 
_symmetry.cell_setting                     ? 
_symmetry.Int_Tables_number                150 
# 
_exptl.entry_id          5APS 
_exptl.method            'X-RAY DIFFRACTION' 
_exptl.crystals_number   1 
# 
_exptl_crystal.id                    1 
_exptl_crystal.density_meas          ? 
_exptl_crystal.density_Matthews      2.4 
_exptl_crystal.density_percent_sol   48 
_exptl_crystal.description           NONE 
# 
_exptl_crystal_grow.crystal_id      1 
_exptl_crystal_grow.method          ? 
_exptl_crystal_grow.temp            ? 
_exptl_crystal_grow.temp_details    ? 
_exptl_crystal_grow.pH              ? 
_exptl_crystal_grow.pdbx_pH_range   ? 
_exptl_crystal_grow.pdbx_details    '0.1 M CITRIC ACID PH 3.5, 3 M NACL' 
# 
_diffrn.id                     1 
_diffrn.ambient_temp           100 
_diffrn.ambient_temp_details   ? 
_diffrn.crystal_id             1 
# 
_diffrn_detector.diffrn_id              1 
_diffrn_detector.detector               CCD 
_diffrn_detector.type                   MARRESEARCH 
_diffrn_detector.pdbx_collection_date   2009-11-27 
_diffrn_detector.details                ? 
# 
_diffrn_radiation.diffrn_id                        1 
_diffrn_radiation.wavelength_id                    1 
_diffrn_radiation.pdbx_monochromatic_or_laue_m_l   M 
_diffrn_radiation.monochromator                    ? 
_diffrn_radiation.pdbx_diffrn_protocol             'SINGLE WAVELENGTH' 
_diffrn_radiation.pdbx_scattering_type             x-ray 
# 
_diffrn_radiation_wavelength.id           1 
_diffrn_radiation_wavelength.wavelength   1 
_diffrn_radiation_wavelength.wt           1.0 
# 
_diffrn_source.diffrn_id                   1 
_diffrn_source.source                      SYNCHROTRON 
_diffrn_source.type                        'SLS BEAMLINE X10SA' 
_diffrn_source.pdbx_synchrotron_site       SLS 
_diffrn_source.pdbx_synchrotron_beamline   X10SA 
_diffrn_source.pdbx_wavelength             1 
_diffrn_source.pdbx_wavelength_list        ? 
# 
_reflns.pdbx_diffrn_id               1 
_reflns.pdbx_ordinal                 1 
_reflns.entry_id                     5APS 
_reflns.observed_criterion_sigma_I   -3.0 
_reflns.observed_criterion_sigma_F   ? 
_reflns.d_resolution_low             18.20 
_reflns.d_resolution_high            1.37 
_reflns.number_obs                   16040 
_reflns.number_all                   ? 
_reflns.percent_possible_obs         99.0 
_reflns.pdbx_Rmerge_I_obs            0.05 
_reflns.pdbx_Rsym_value              ? 
_reflns.pdbx_netI_over_sigmaI        18.20 
_reflns.B_iso_Wilson_estimate        ? 
_reflns.pdbx_redundancy              6.35 
# 
_reflns_shell.pdbx_diffrn_id         1 
_reflns_shell.pdbx_ordinal           1 
_reflns_shell.d_res_high             1.37 
_reflns_shell.d_res_low              1.45 
_reflns_shell.percent_possible_all   98.6 
_reflns_shell.Rmerge_I_obs           0.76 
_reflns_shell.pdbx_Rsym_value        ? 
_reflns_shell.meanI_over_sigI_obs    2.52 
_reflns_shell.pdbx_redundancy        6.33 
# 
_refine.pdbx_refine_id                           'X-RAY DIFFRACTION' 
_refine.entry_id                                 5APS 
_refine.pdbx_diffrn_id                           1 
_refine.pdbx_TLS_residual_ADP_flag               ? 
_refine.ls_number_reflns_obs                     15218 
_refine.ls_number_reflns_all                     ? 
_refine.pdbx_ls_sigma_I                          ? 
_refine.pdbx_ls_sigma_F                          . 
_refine.pdbx_data_cutoff_high_absF               ? 
_refine.pdbx_data_cutoff_low_absF                ? 
_refine.pdbx_data_cutoff_high_rms_absF           ? 
_refine.ls_d_res_low                             17.51 
_refine.ls_d_res_high                            1.37 
_refine.ls_percent_reflns_obs                    98.90 
_refine.ls_R_factor_obs                          0.19749 
_refine.ls_R_factor_all                          ? 
_refine.ls_R_factor_R_work                       0.19546 
_refine.ls_R_factor_R_free                       0.23823 
_refine.ls_R_factor_R_free_error                 ? 
_refine.ls_R_factor_R_free_error_details         ? 
_refine.ls_percent_reflns_R_free                 5.0 
_refine.ls_number_reflns_R_free                  809 
_refine.ls_number_parameters                     ? 
_refine.ls_number_restraints                     ? 
_refine.occupancy_min                            ? 
_refine.occupancy_max                            ? 
_refine.correlation_coeff_Fo_to_Fc               0.960 
_refine.correlation_coeff_Fo_to_Fc_free          0.938 
_refine.B_iso_mean                               25.032 
_refine.aniso_B[1][1]                            0.52 
_refine.aniso_B[2][2]                            0.52 
_refine.aniso_B[3][3]                            -1.67 
_refine.aniso_B[1][2]                            0.26 
_refine.aniso_B[1][3]                            0.00 
_refine.aniso_B[2][3]                            0.00 
_refine.solvent_model_details                    MASK 
_refine.solvent_model_param_ksol                 ? 
_refine.solvent_model_param_bsol                 ? 
_refine.pdbx_solvent_vdw_probe_radii             1.20 
_refine.pdbx_solvent_ion_probe_radii             0.80 
_refine.pdbx_solvent_shrinkage_radii             0.80 
_refine.pdbx_ls_cross_valid_method               THROUGHOUT 
_refine.details                                  'HYDROGENS HAVE BEEN ADDED IN THE RIDING POSITIONS. U VALUES WITH TLS ADDED' 
_refine.pdbx_starting_model                      'PDB ENTRY 2WPQ' 
_refine.pdbx_method_to_determine_struct          'MOLECULAR REPLACEMENT' 
_refine.pdbx_isotropic_thermal_model             ? 
_refine.pdbx_stereochemistry_target_values       'MAXIMUM LIKELIHOOD' 
_refine.pdbx_stereochem_target_val_spec_case     ? 
_refine.pdbx_R_Free_selection_details            RANDOM 
_refine.pdbx_overall_ESU_R                       0.061 
_refine.pdbx_overall_ESU_R_Free                  0.068 
_refine.overall_SU_ML                            0.043 
_refine.pdbx_overall_phase_error                 ? 
_refine.overall_SU_B                             2.199 
_refine.overall_SU_R_Cruickshank_DPI             ? 
_refine.pdbx_overall_SU_R_free_Cruickshank_DPI   ? 
_refine.pdbx_overall_SU_R_Blow_DPI               ? 
_refine.pdbx_overall_SU_R_free_Blow_DPI          ? 
# 
_refine_hist.pdbx_refine_id                   'X-RAY DIFFRACTION' 
_refine_hist.cycle_id                         LAST 
_refine_hist.pdbx_number_atoms_protein        510 
_refine_hist.pdbx_number_atoms_nucleic_acid   0 
_refine_hist.pdbx_number_atoms_ligand         0 
_refine_hist.number_atoms_solvent             84 
_refine_hist.number_atoms_total               594 
_refine_hist.d_res_high                       1.37 
_refine_hist.d_res_low                        17.51 
# 
loop_
_refine_ls_restr.type 
_refine_ls_restr.dev_ideal 
_refine_ls_restr.dev_ideal_target 
_refine_ls_restr.weight 
_refine_ls_restr.number 
_refine_ls_restr.pdbx_refine_id 
_refine_ls_restr.pdbx_restraint_function 
r_bond_refined_d             0.018  0.019  ? 552  'X-RAY DIFFRACTION' ? 
r_bond_other_d               0.001  0.020  ? 575  'X-RAY DIFFRACTION' ? 
r_angle_refined_deg          1.942  2.024  ? 743  'X-RAY DIFFRACTION' ? 
r_angle_other_deg            0.738  3.000  ? 1338 'X-RAY DIFFRACTION' ? 
r_dihedral_angle_1_deg       3.383  5.000  ? 72   'X-RAY DIFFRACTION' ? 
r_dihedral_angle_2_deg       36.568 26.154 ? 26   'X-RAY DIFFRACTION' ? 
r_dihedral_angle_3_deg       17.308 15.000 ? 130  'X-RAY DIFFRACTION' ? 
r_dihedral_angle_4_deg       19.732 15.000 ? 3    'X-RAY DIFFRACTION' ? 
r_chiral_restr               0.083  0.200  ? 86   'X-RAY DIFFRACTION' ? 
r_gen_planes_refined         0.007  0.020  ? 605  'X-RAY DIFFRACTION' ? 
r_gen_planes_other           0.002  0.020  ? 102  'X-RAY DIFFRACTION' ? 
r_nbd_refined                ?      ?      ? ?    'X-RAY DIFFRACTION' ? 
r_nbd_other                  ?      ?      ? ?    'X-RAY DIFFRACTION' ? 
r_nbtor_refined              ?      ?      ? ?    'X-RAY DIFFRACTION' ? 
r_nbtor_other                ?      ?      ? ?    'X-RAY DIFFRACTION' ? 
r_xyhbond_nbd_refined        ?      ?      ? ?    'X-RAY DIFFRACTION' ? 
r_xyhbond_nbd_other          ?      ?      ? ?    'X-RAY DIFFRACTION' ? 
r_metal_ion_refined          ?      ?      ? ?    'X-RAY DIFFRACTION' ? 
r_metal_ion_other            ?      ?      ? ?    'X-RAY DIFFRACTION' ? 
r_symmetry_vdw_refined       ?      ?      ? ?    'X-RAY DIFFRACTION' ? 
r_symmetry_vdw_other         ?      ?      ? ?    'X-RAY DIFFRACTION' ? 
r_symmetry_hbond_refined     ?      ?      ? ?    'X-RAY DIFFRACTION' ? 
r_symmetry_hbond_other       ?      ?      ? ?    'X-RAY DIFFRACTION' ? 
r_symmetry_metal_ion_refined ?      ?      ? ?    'X-RAY DIFFRACTION' ? 
r_symmetry_metal_ion_other   ?      ?      ? ?    'X-RAY DIFFRACTION' ? 
r_mcbond_it                  1.094  1.278  ? 264  'X-RAY DIFFRACTION' ? 
r_mcbond_other               1.070  1.272  ? 263  'X-RAY DIFFRACTION' ? 
r_mcangle_it                 1.517  1.910  ? 332  'X-RAY DIFFRACTION' ? 
r_mcangle_other              ?      ?      ? ?    'X-RAY DIFFRACTION' ? 
r_scbond_it                  2.322  1.680  ? 288  'X-RAY DIFFRACTION' ? 
r_scbond_other               ?      ?      ? ?    'X-RAY DIFFRACTION' ? 
r_scangle_it                 ?      ?      ? ?    'X-RAY DIFFRACTION' ? 
r_scangle_other              ?      ?      ? ?    'X-RAY DIFFRACTION' ? 
r_long_range_B_refined       ?      ?      ? ?    'X-RAY DIFFRACTION' ? 
r_long_range_B_other         ?      ?      ? ?    'X-RAY DIFFRACTION' ? 
r_rigid_bond_restr           ?      ?      ? ?    'X-RAY DIFFRACTION' ? 
r_sphericity_free            ?      ?      ? ?    'X-RAY DIFFRACTION' ? 
r_sphericity_bonded          ?      ?      ? ?    'X-RAY DIFFRACTION' ? 
# 
_refine_ls_shell.pdbx_refine_id                   'X-RAY DIFFRACTION' 
_refine_ls_shell.pdbx_total_number_of_bins_used   20 
_refine_ls_shell.d_res_high                       1.370 
_refine_ls_shell.d_res_low                        1.405 
_refine_ls_shell.number_reflns_R_work             1072 
_refine_ls_shell.R_factor_R_work                  0.297 
_refine_ls_shell.percent_reflns_obs               96.99 
_refine_ls_shell.R_factor_R_free                  0.287 
_refine_ls_shell.R_factor_R_free_error            ? 
_refine_ls_shell.percent_reflns_R_free            ? 
_refine_ls_shell.number_reflns_R_free             57 
_refine_ls_shell.number_reflns_all                ? 
_refine_ls_shell.R_factor_all                     ? 
# 
_struct.entry_id                  5APS 
_struct.title                     'Sequence IENKKAD inserted between GCN4 adaptors - Structure A7' 
_struct.pdbx_model_details        ? 
_struct.pdbx_CASP_flag            ? 
_struct.pdbx_model_type_details   ? 
# 
_struct_keywords.entry_id        5APS 
_struct_keywords.pdbx_keywords   'STRUCTURAL PROTEIN' 
_struct_keywords.text            'STRUCTURAL PROTEIN, TRIMER' 
# 
loop_
_struct_asym.id 
_struct_asym.pdbx_blank_PDB_chainid_flag 
_struct_asym.pdbx_modified 
_struct_asym.entity_id 
_struct_asym.details 
A N N 1 ? 
B N N 2 ? 
# 
_struct_ref.id                         1 
_struct_ref.db_name                    UNP 
_struct_ref.db_code                    GCN4_YEAST 
_struct_ref.entity_id                  1 
_struct_ref.pdbx_seq_one_letter_code   ? 
_struct_ref.pdbx_align_begin           ? 
_struct_ref.pdbx_db_accession          P03069 
_struct_ref.pdbx_db_isoform            ? 
# 
loop_
_struct_ref_seq.align_id 
_struct_ref_seq.ref_id 
_struct_ref_seq.pdbx_PDB_id_code 
_struct_ref_seq.pdbx_strand_id 
_struct_ref_seq.seq_align_beg 
_struct_ref_seq.pdbx_seq_align_beg_ins_code 
_struct_ref_seq.seq_align_end 
_struct_ref_seq.pdbx_seq_align_end_ins_code 
_struct_ref_seq.pdbx_db_accession 
_struct_ref_seq.db_align_beg 
_struct_ref_seq.pdbx_db_align_beg_ins_code 
_struct_ref_seq.db_align_end 
_struct_ref_seq.pdbx_db_align_end_ins_code 
_struct_ref_seq.pdbx_auth_seq_align_beg 
_struct_ref_seq.pdbx_auth_seq_align_end 
1 1 5APS A 27 ? 54 ? P03069 250 ? 277 ? 1  28 
2 1 5APS A 62 ? 93 ? P03069 250 ? 281 ? 36 67 
# 
loop_
_struct_ref_seq_dif.align_id 
_struct_ref_seq_dif.pdbx_pdb_id_code 
_struct_ref_seq_dif.mon_id 
_struct_ref_seq_dif.pdbx_pdb_strand_id 
_struct_ref_seq_dif.seq_num 
_struct_ref_seq_dif.pdbx_pdb_ins_code 
_struct_ref_seq_dif.pdbx_seq_db_name 
_struct_ref_seq_dif.pdbx_seq_db_accession_code 
_struct_ref_seq_dif.db_mon_id 
_struct_ref_seq_dif.pdbx_seq_db_seq_num 
_struct_ref_seq_dif.details 
_struct_ref_seq_dif.pdbx_auth_seq_num 
_struct_ref_seq_dif.pdbx_ordinal 
1 5APS MET A 1  ? UNP P03069 ?   ?   'expression tag'      -25 1  
1 5APS LYS A 2  ? UNP P03069 ?   ?   'expression tag'      -24 2  
1 5APS HIS A 3  ? UNP P03069 ?   ?   'expression tag'      -23 3  
1 5APS HIS A 4  ? UNP P03069 ?   ?   'expression tag'      -22 4  
1 5APS HIS A 5  ? UNP P03069 ?   ?   'expression tag'      -21 5  
1 5APS HIS A 6  ? UNP P03069 ?   ?   'expression tag'      -20 6  
1 5APS HIS A 7  ? UNP P03069 ?   ?   'expression tag'      -19 7  
1 5APS HIS A 8  ? UNP P03069 ?   ?   'expression tag'      -18 8  
1 5APS PRO A 9  ? UNP P03069 ?   ?   'expression tag'      -17 9  
1 5APS MET A 10 ? UNP P03069 ?   ?   'expression tag'      -16 10 
1 5APS SER A 11 ? UNP P03069 ?   ?   'expression tag'      -15 11 
1 5APS ASP A 12 ? UNP P03069 ?   ?   'expression tag'      -14 12 
1 5APS TYR A 13 ? UNP P03069 ?   ?   'expression tag'      -13 13 
1 5APS ASP A 14 ? UNP P03069 ?   ?   'expression tag'      -12 14 
1 5APS ILE A 15 ? UNP P03069 ?   ?   'expression tag'      -11 15 
1 5APS PRO A 16 ? UNP P03069 ?   ?   'expression tag'      -10 16 
1 5APS THR A 17 ? UNP P03069 ?   ?   'expression tag'      -9  17 
1 5APS THR A 18 ? UNP P03069 ?   ?   'expression tag'      -8  18 
1 5APS GLU A 19 ? UNP P03069 ?   ?   'expression tag'      -7  19 
1 5APS ASN A 20 ? UNP P03069 ?   ?   'expression tag'      -6  20 
1 5APS LEU A 21 ? UNP P03069 ?   ?   'expression tag'      -5  21 
1 5APS TYR A 22 ? UNP P03069 ?   ?   'expression tag'      -4  22 
1 5APS PHE A 23 ? UNP P03069 ?   ?   'expression tag'      -3  23 
1 5APS GLN A 24 ? UNP P03069 ?   ?   'expression tag'      -2  24 
1 5APS GLY A 25 ? UNP P03069 ?   ?   'expression tag'      -1  25 
1 5APS HIS A 26 ? UNP P03069 ?   ?   'expression tag'      0   26 
1 5APS VAL A 41 ? UNP P03069 ASN 264 'engineered mutation' 15  27 
1 5APS ILE A 55 ? UNP P03069 ?   ?   linker                29  28 
1 5APS GLU A 56 ? UNP P03069 ?   ?   linker                30  29 
1 5APS ASN A 57 ? UNP P03069 ?   ?   linker                31  30 
1 5APS LYS A 58 ? UNP P03069 ?   ?   linker                32  31 
1 5APS LYS A 59 ? UNP P03069 ?   ?   linker                33  32 
1 5APS ALA A 60 ? UNP P03069 ?   ?   linker                34  33 
1 5APS ASP A 61 ? UNP P03069 ?   ?   linker                35  34 
1 5APS VAL A 76 ? UNP P03069 ASN 264 'engineered mutation' 50  35 
# 
_pdbx_struct_assembly.id                   1 
_pdbx_struct_assembly.details              author_and_software_defined_assembly 
_pdbx_struct_assembly.method_details       PISA 
_pdbx_struct_assembly.oligomeric_details   trimeric 
_pdbx_struct_assembly.oligomeric_count     3 
# 
loop_
_pdbx_struct_assembly_prop.biol_id 
_pdbx_struct_assembly_prop.type 
_pdbx_struct_assembly_prop.value 
_pdbx_struct_assembly_prop.details 
1 'ABSA (A^2)' 6890  ? 
1 MORE         -79.4 ? 
1 'SSA (A^2)'  11880 ? 
# 
_pdbx_struct_assembly_gen.assembly_id       1 
_pdbx_struct_assembly_gen.oper_expression   1,2,3 
_pdbx_struct_assembly_gen.asym_id_list      A,B 
# 
loop_
_pdbx_struct_oper_list.id 
_pdbx_struct_oper_list.type 
_pdbx_struct_oper_list.name 
_pdbx_struct_oper_list.symmetry_operation 
_pdbx_struct_oper_list.matrix[1][1] 
_pdbx_struct_oper_list.matrix[1][2] 
_pdbx_struct_oper_list.matrix[1][3] 
_pdbx_struct_oper_list.vector[1] 
_pdbx_struct_oper_list.matrix[2][1] 
_pdbx_struct_oper_list.matrix[2][2] 
_pdbx_struct_oper_list.matrix[2][3] 
_pdbx_struct_oper_list.vector[2] 
_pdbx_struct_oper_list.matrix[3][1] 
_pdbx_struct_oper_list.matrix[3][2] 
_pdbx_struct_oper_list.matrix[3][3] 
_pdbx_struct_oper_list.vector[3] 
1 'identity operation'         1_555 x,y,z         1.0000000000 0.0000000000  0.0000000000  0.0000000000  0.0000000000  1.0000000000 0.0000000000  0.0000000000  0.0000000000  0.0000000000  1.0000000000  0.0000000000  
2 'crystal symmetry operation' 3_665 -x+y+1,-x+1,z 0.0268083510 -0.8597449103 -0.5100196091 -3.2585830833 -0.5322923393 0.4195790559 -0.7352674897 -1.5778493143 0.8461360280  0.2911908397  -0.4463874069 3.6798932513  
3 'crystal symmetry operation' 2_655 -y+1,x-y,z    0.0268083510 -0.5322923393 0.8461360280  -3.8662101228 -0.8597449103 0.4195790559 0.2911908397  -3.2110689008 -0.5100196091 -0.7352674897 -0.4463874069 -1.1794245680 
# 
_struct_biol.id   1 
# 
_struct_conf.conf_type_id            HELX_P 
_struct_conf.id                      HELX_P1 
_struct_conf.pdbx_PDB_helix_id       1 
_struct_conf.beg_label_comp_id       ASP 
_struct_conf.beg_label_asym_id       A 
_struct_conf.beg_label_seq_id        32 
_struct_conf.pdbx_beg_PDB_ins_code   ? 
_struct_conf.end_label_comp_id       GLY 
_struct_conf.end_label_asym_id       A 
_struct_conf.end_label_seq_id        91 
_struct_conf.pdbx_end_PDB_ins_code   ? 
_struct_conf.beg_auth_comp_id        ASP 
_struct_conf.beg_auth_asym_id        A 
_struct_conf.beg_auth_seq_id         6 
_struct_conf.end_auth_comp_id        GLY 
_struct_conf.end_auth_asym_id        A 
_struct_conf.end_auth_seq_id         65 
_struct_conf.pdbx_PDB_helix_class    1 
_struct_conf.details                 ? 
_struct_conf.pdbx_PDB_helix_length   60 
# 
_struct_conf_type.id          HELX_P 
_struct_conf_type.criteria    ? 
_struct_conf_type.reference   ? 
# 
_pdbx_validate_close_contact.id               1 
_pdbx_validate_close_contact.PDB_model_num    1 
_pdbx_validate_close_contact.auth_atom_id_1   OE2 
_pdbx_validate_close_contact.auth_asym_id_1   A 
_pdbx_validate_close_contact.auth_comp_id_1   GLU 
_pdbx_validate_close_contact.auth_seq_id_1    44 
_pdbx_validate_close_contact.PDB_ins_code_1   ? 
_pdbx_validate_close_contact.label_alt_id_1   ? 
_pdbx_validate_close_contact.auth_atom_id_2   O 
_pdbx_validate_close_contact.auth_asym_id_2   A 
_pdbx_validate_close_contact.auth_comp_id_2   HOH 
_pdbx_validate_close_contact.auth_seq_id_2    2054 
_pdbx_validate_close_contact.PDB_ins_code_2   ? 
_pdbx_validate_close_contact.label_alt_id_2   ? 
_pdbx_validate_close_contact.dist             2.18 
# 
_pdbx_validate_symm_contact.id                1 
_pdbx_validate_symm_contact.PDB_model_num     1 
_pdbx_validate_symm_contact.auth_atom_id_1    O 
_pdbx_validate_symm_contact.auth_asym_id_1    A 
_pdbx_validate_symm_contact.auth_comp_id_1    HOH 
_pdbx_validate_symm_contact.auth_seq_id_1     2027 
_pdbx_validate_symm_contact.PDB_ins_code_1    ? 
_pdbx_validate_symm_contact.label_alt_id_1    ? 
_pdbx_validate_symm_contact.site_symmetry_1   1_555 
_pdbx_validate_symm_contact.auth_atom_id_2    O 
_pdbx_validate_symm_contact.auth_asym_id_2    A 
_pdbx_validate_symm_contact.auth_comp_id_2    HOH 
_pdbx_validate_symm_contact.auth_seq_id_2     2055 
_pdbx_validate_symm_contact.PDB_ins_code_2    ? 
_pdbx_validate_symm_contact.label_alt_id_2    ? 
_pdbx_validate_symm_contact.site_symmetry_2   6_657 
_pdbx_validate_symm_contact.dist              1.95 
# 
loop_
_pdbx_refine_tls.pdbx_refine_id 
_pdbx_refine_tls.id 
_pdbx_refine_tls.details 
_pdbx_refine_tls.method 
_pdbx_refine_tls.origin_x 
_pdbx_refine_tls.origin_y 
_pdbx_refine_tls.origin_z 
_pdbx_refine_tls.T[1][1] 
_pdbx_refine_tls.T[2][2] 
_pdbx_refine_tls.T[3][3] 
_pdbx_refine_tls.T[1][2] 
_pdbx_refine_tls.T[1][3] 
_pdbx_refine_tls.T[2][3] 
_pdbx_refine_tls.L[1][1] 
_pdbx_refine_tls.L[2][2] 
_pdbx_refine_tls.L[3][3] 
_pdbx_refine_tls.L[1][2] 
_pdbx_refine_tls.L[1][3] 
_pdbx_refine_tls.L[2][3] 
_pdbx_refine_tls.S[1][1] 
_pdbx_refine_tls.S[1][2] 
_pdbx_refine_tls.S[1][3] 
_pdbx_refine_tls.S[2][1] 
_pdbx_refine_tls.S[2][2] 
_pdbx_refine_tls.S[2][3] 
_pdbx_refine_tls.S[3][1] 
_pdbx_refine_tls.S[3][2] 
_pdbx_refine_tls.S[3][3] 
'X-RAY DIFFRACTION' 1 ? refined 19.2823  -36.3004 1.4760  0.1769 0.0639 0.0880 0.0018 -0.0183 -0.0182 10.0003 10.4278 7.6522 2.0483  -3.3474 -2.7016 -0.1796 0.5199  -0.4748 -0.7841 0.1174  0.1772  0.6330  -0.2136 0.0622  
'X-RAY DIFFRACTION' 2 ? refined 12.7038  -18.2334 -0.3995 0.0629 0.0177 0.0561 0.0297 -0.0143 0.0060  4.2420  10.4027 2.8151 -4.6714 0.8392  -2.0171 0.0505  0.0802  0.1602  -0.1434 -0.0119 0.3166  -0.2806 -0.1390 -0.0387 
'X-RAY DIFFRACTION' 3 ? refined -9.0173  15.5390  -0.5127 0.0183 0.0237 0.0522 0.0184 -0.0045 -0.0080 7.3645  8.4328  1.7029 -6.5893 0.0508  -0.0051 0.0707  0.0577  0.0855  -0.1317 -0.0809 -0.3381 0.1140  0.1598  0.0100  
'X-RAY DIFFRACTION' 4 ? refined -26.5932 30.2821  0.8021  0.0800 0.0918 0.0949 0.0336 -0.0035 -0.0046 5.2430  4.7417  5.7814 2.5728  -1.1106 -0.1236 0.0012  -0.0500 0.0007  0.1307  0.1160  -0.0137 0.0078  -0.1486 -0.1173  
# 
loop_
_pdbx_refine_tls_group.pdbx_refine_id 
_pdbx_refine_tls_group.id 
_pdbx_refine_tls_group.refine_tls_id 
_pdbx_refine_tls_group.beg_auth_asym_id 
_pdbx_refine_tls_group.beg_auth_seq_id 
_pdbx_refine_tls_group.beg_label_asym_id 
_pdbx_refine_tls_group.beg_label_seq_id 
_pdbx_refine_tls_group.end_auth_asym_id 
_pdbx_refine_tls_group.end_auth_seq_id 
_pdbx_refine_tls_group.end_label_asym_id 
_pdbx_refine_tls_group.end_label_seq_id 
_pdbx_refine_tls_group.selection 
_pdbx_refine_tls_group.selection_details 
'X-RAY DIFFRACTION' 1 1 A -10 ? ? A 9    ? ? ? ? 
'X-RAY DIFFRACTION' 2 2 A 10  ? ? A 32   ? ? ? ? 
'X-RAY DIFFRACTION' 3 3 A 33  ? ? A 61   ? ? ? ? 
'X-RAY DIFFRACTION' 4 4 A 62  ? ? A 9999 ? ? ? ? 
# 
loop_
_pdbx_unobs_or_zero_occ_residues.id 
_pdbx_unobs_or_zero_occ_residues.PDB_model_num 
_pdbx_unobs_or_zero_occ_residues.polymer_flag 
_pdbx_unobs_or_zero_occ_residues.occupancy_flag 
_pdbx_unobs_or_zero_occ_residues.auth_asym_id 
_pdbx_unobs_or_zero_occ_residues.auth_comp_id 
_pdbx_unobs_or_zero_occ_residues.auth_seq_id 
_pdbx_unobs_or_zero_occ_residues.PDB_ins_code 
_pdbx_unobs_or_zero_occ_residues.label_asym_id 
_pdbx_unobs_or_zero_occ_residues.label_comp_id 
_pdbx_unobs_or_zero_occ_residues.label_seq_id 
1  1 Y 1 A MET -25 ? A MET 1  
2  1 Y 1 A LYS -24 ? A LYS 2  
3  1 Y 1 A HIS -23 ? A HIS 3  
4  1 Y 1 A HIS -22 ? A HIS 4  
5  1 Y 1 A HIS -21 ? A HIS 5  
6  1 Y 1 A HIS -20 ? A HIS 6  
7  1 Y 1 A HIS -19 ? A HIS 7  
8  1 Y 1 A HIS -18 ? A HIS 8  
9  1 Y 1 A PRO -17 ? A PRO 9  
10 1 Y 1 A MET -16 ? A MET 10 
11 1 Y 1 A SER -15 ? A SER 11 
12 1 Y 1 A ASP -14 ? A ASP 12 
13 1 Y 1 A TYR -13 ? A TYR 13 
14 1 Y 1 A ASP -12 ? A ASP 14 
15 1 Y 1 A ILE -11 ? A ILE 15 
16 1 Y 1 A PRO -10 ? A PRO 16 
17 1 Y 1 A THR -9  ? A THR 17 
18 1 Y 1 A THR -8  ? A THR 18 
19 1 Y 1 A GLU -7  ? A GLU 19 
20 1 Y 1 A ASN -6  ? A ASN 20 
21 1 Y 1 A LEU -5  ? A LEU 21 
22 1 Y 1 A TYR -4  ? A TYR 22 
23 1 Y 1 A PHE -3  ? A PHE 23 
24 1 Y 1 A GLN -2  ? A GLN 24 
25 1 Y 1 A GLY -1  ? A GLY 25 
26 1 Y 1 A HIS 0   ? A HIS 26 
27 1 Y 1 A MET 1   ? A MET 27 
28 1 Y 1 A LYS 2   ? A LYS 28 
29 1 Y 1 A GLN 3   ? A GLN 29 
30 1 Y 1 A LEU 4   ? A LEU 30 
# 
loop_
_chem_comp_atom.comp_id 
_chem_comp_atom.atom_id 
_chem_comp_atom.type_symbol 
_chem_comp_atom.pdbx_aromatic_flag 
_chem_comp_atom.pdbx_stereo_config 
_chem_comp_atom.pdbx_ordinal 
ALA N    N N N 1   
ALA CA   C N S 2   
ALA C    C N N 3   
ALA O    O N N 4   
ALA CB   C N N 5   
ALA OXT  O N N 6   
ALA H    H N N 7   
ALA H2   H N N 8   
ALA HA   H N N 9   
ALA HB1  H N N 10  
ALA HB2  H N N 11  
ALA HB3  H N N 12  
ALA HXT  H N N 13  
ARG N    N N N 14  
ARG CA   C N S 15  
ARG C    C N N 16  
ARG O    O N N 17  
ARG CB   C N N 18  
ARG CG   C N N 19  
ARG CD   C N N 20  
ARG NE   N N N 21  
ARG CZ   C N N 22  
ARG NH1  N N N 23  
ARG NH2  N N N 24  
ARG OXT  O N N 25  
ARG H    H N N 26  
ARG H2   H N N 27  
ARG HA   H N N 28  
ARG HB2  H N N 29  
ARG HB3  H N N 30  
ARG HG2  H N N 31  
ARG HG3  H N N 32  
ARG HD2  H N N 33  
ARG HD3  H N N 34  
ARG HE   H N N 35  
ARG HH11 H N N 36  
ARG HH12 H N N 37  
ARG HH21 H N N 38  
ARG HH22 H N N 39  
ARG HXT  H N N 40  
ASN N    N N N 41  
ASN CA   C N S 42  
ASN C    C N N 43  
ASN O    O N N 44  
ASN CB   C N N 45  
ASN CG   C N N 46  
ASN OD1  O N N 47  
ASN ND2  N N N 48  
ASN OXT  O N N 49  
ASN H    H N N 50  
ASN H2   H N N 51  
ASN HA   H N N 52  
ASN HB2  H N N 53  
ASN HB3  H N N 54  
ASN HD21 H N N 55  
ASN HD22 H N N 56  
ASN HXT  H N N 57  
ASP N    N N N 58  
ASP CA   C N S 59  
ASP C    C N N 60  
ASP O    O N N 61  
ASP CB   C N N 62  
ASP CG   C N N 63  
ASP OD1  O N N 64  
ASP OD2  O N N 65  
ASP OXT  O N N 66  
ASP H    H N N 67  
ASP H2   H N N 68  
ASP HA   H N N 69  
ASP HB2  H N N 70  
ASP HB3  H N N 71  
ASP HD2  H N N 72  
ASP HXT  H N N 73  
GLN N    N N N 74  
GLN CA   C N S 75  
GLN C    C N N 76  
GLN O    O N N 77  
GLN CB   C N N 78  
GLN CG   C N N 79  
GLN CD   C N N 80  
GLN OE1  O N N 81  
GLN NE2  N N N 82  
GLN OXT  O N N 83  
GLN H    H N N 84  
GLN H2   H N N 85  
GLN HA   H N N 86  
GLN HB2  H N N 87  
GLN HB3  H N N 88  
GLN HG2  H N N 89  
GLN HG3  H N N 90  
GLN HE21 H N N 91  
GLN HE22 H N N 92  
GLN HXT  H N N 93  
GLU N    N N N 94  
GLU CA   C N S 95  
GLU C    C N N 96  
GLU O    O N N 97  
GLU CB   C N N 98  
GLU CG   C N N 99  
GLU CD   C N N 100 
GLU OE1  O N N 101 
GLU OE2  O N N 102 
GLU OXT  O N N 103 
GLU H    H N N 104 
GLU H2   H N N 105 
GLU HA   H N N 106 
GLU HB2  H N N 107 
GLU HB3  H N N 108 
GLU HG2  H N N 109 
GLU HG3  H N N 110 
GLU HE2  H N N 111 
GLU HXT  H N N 112 
GLY N    N N N 113 
GLY CA   C N N 114 
GLY C    C N N 115 
GLY O    O N N 116 
GLY OXT  O N N 117 
GLY H    H N N 118 
GLY H2   H N N 119 
GLY HA2  H N N 120 
GLY HA3  H N N 121 
GLY HXT  H N N 122 
HIS N    N N N 123 
HIS CA   C N S 124 
HIS C    C N N 125 
HIS O    O N N 126 
HIS CB   C N N 127 
HIS CG   C Y N 128 
HIS ND1  N Y N 129 
HIS CD2  C Y N 130 
HIS CE1  C Y N 131 
HIS NE2  N Y N 132 
HIS OXT  O N N 133 
HIS H    H N N 134 
HIS H2   H N N 135 
HIS HA   H N N 136 
HIS HB2  H N N 137 
HIS HB3  H N N 138 
HIS HD1  H N N 139 
HIS HD2  H N N 140 
HIS HE1  H N N 141 
HIS HE2  H N N 142 
HIS HXT  H N N 143 
HOH O    O N N 144 
HOH H1   H N N 145 
HOH H2   H N N 146 
ILE N    N N N 147 
ILE CA   C N S 148 
ILE C    C N N 149 
ILE O    O N N 150 
ILE CB   C N S 151 
ILE CG1  C N N 152 
ILE CG2  C N N 153 
ILE CD1  C N N 154 
ILE OXT  O N N 155 
ILE H    H N N 156 
ILE H2   H N N 157 
ILE HA   H N N 158 
ILE HB   H N N 159 
ILE HG12 H N N 160 
ILE HG13 H N N 161 
ILE HG21 H N N 162 
ILE HG22 H N N 163 
ILE HG23 H N N 164 
ILE HD11 H N N 165 
ILE HD12 H N N 166 
ILE HD13 H N N 167 
ILE HXT  H N N 168 
LEU N    N N N 169 
LEU CA   C N S 170 
LEU C    C N N 171 
LEU O    O N N 172 
LEU CB   C N N 173 
LEU CG   C N N 174 
LEU CD1  C N N 175 
LEU CD2  C N N 176 
LEU OXT  O N N 177 
LEU H    H N N 178 
LEU H2   H N N 179 
LEU HA   H N N 180 
LEU HB2  H N N 181 
LEU HB3  H N N 182 
LEU HG   H N N 183 
LEU HD11 H N N 184 
LEU HD12 H N N 185 
LEU HD13 H N N 186 
LEU HD21 H N N 187 
LEU HD22 H N N 188 
LEU HD23 H N N 189 
LEU HXT  H N N 190 
LYS N    N N N 191 
LYS CA   C N S 192 
LYS C    C N N 193 
LYS O    O N N 194 
LYS CB   C N N 195 
LYS CG   C N N 196 
LYS CD   C N N 197 
LYS CE   C N N 198 
LYS NZ   N N N 199 
LYS OXT  O N N 200 
LYS H    H N N 201 
LYS H2   H N N 202 
LYS HA   H N N 203 
LYS HB2  H N N 204 
LYS HB3  H N N 205 
LYS HG2  H N N 206 
LYS HG3  H N N 207 
LYS HD2  H N N 208 
LYS HD3  H N N 209 
LYS HE2  H N N 210 
LYS HE3  H N N 211 
LYS HZ1  H N N 212 
LYS HZ2  H N N 213 
LYS HZ3  H N N 214 
LYS HXT  H N N 215 
MET N    N N N 216 
MET CA   C N S 217 
MET C    C N N 218 
MET O    O N N 219 
MET CB   C N N 220 
MET CG   C N N 221 
MET SD   S N N 222 
MET CE   C N N 223 
MET OXT  O N N 224 
MET H    H N N 225 
MET H2   H N N 226 
MET HA   H N N 227 
MET HB2  H N N 228 
MET HB3  H N N 229 
MET HG2  H N N 230 
MET HG3  H N N 231 
MET HE1  H N N 232 
MET HE2  H N N 233 
MET HE3  H N N 234 
MET HXT  H N N 235 
PHE N    N N N 236 
PHE CA   C N S 237 
PHE C    C N N 238 
PHE O    O N N 239 
PHE CB   C N N 240 
PHE CG   C Y N 241 
PHE CD1  C Y N 242 
PHE CD2  C Y N 243 
PHE CE1  C Y N 244 
PHE CE2  C Y N 245 
PHE CZ   C Y N 246 
PHE OXT  O N N 247 
PHE H    H N N 248 
PHE H2   H N N 249 
PHE HA   H N N 250 
PHE HB2  H N N 251 
PHE HB3  H N N 252 
PHE HD1  H N N 253 
PHE HD2  H N N 254 
PHE HE1  H N N 255 
PHE HE2  H N N 256 
PHE HZ   H N N 257 
PHE HXT  H N N 258 
PRO N    N N N 259 
PRO CA   C N S 260 
PRO C    C N N 261 
PRO O    O N N 262 
PRO CB   C N N 263 
PRO CG   C N N 264 
PRO CD   C N N 265 
PRO OXT  O N N 266 
PRO H    H N N 267 
PRO HA   H N N 268 
PRO HB2  H N N 269 
PRO HB3  H N N 270 
PRO HG2  H N N 271 
PRO HG3  H N N 272 
PRO HD2  H N N 273 
PRO HD3  H N N 274 
PRO HXT  H N N 275 
SER N    N N N 276 
SER CA   C N S 277 
SER C    C N N 278 
SER O    O N N 279 
SER CB   C N N 280 
SER OG   O N N 281 
SER OXT  O N N 282 
SER H    H N N 283 
SER H2   H N N 284 
SER HA   H N N 285 
SER HB2  H N N 286 
SER HB3  H N N 287 
SER HG   H N N 288 
SER HXT  H N N 289 
THR N    N N N 290 
THR CA   C N S 291 
THR C    C N N 292 
THR O    O N N 293 
THR CB   C N R 294 
THR OG1  O N N 295 
THR CG2  C N N 296 
THR OXT  O N N 297 
THR H    H N N 298 
THR H2   H N N 299 
THR HA   H N N 300 
THR HB   H N N 301 
THR HG1  H N N 302 
THR HG21 H N N 303 
THR HG22 H N N 304 
THR HG23 H N N 305 
THR HXT  H N N 306 
TYR N    N N N 307 
TYR CA   C N S 308 
TYR C    C N N 309 
TYR O    O N N 310 
TYR CB   C N N 311 
TYR CG   C Y N 312 
TYR CD1  C Y N 313 
TYR CD2  C Y N 314 
TYR CE1  C Y N 315 
TYR CE2  C Y N 316 
TYR CZ   C Y N 317 
TYR OH   O N N 318 
TYR OXT  O N N 319 
TYR H    H N N 320 
TYR H2   H N N 321 
TYR HA   H N N 322 
TYR HB2  H N N 323 
TYR HB3  H N N 324 
TYR HD1  H N N 325 
TYR HD2  H N N 326 
TYR HE1  H N N 327 
TYR HE2  H N N 328 
TYR HH   H N N 329 
TYR HXT  H N N 330 
VAL N    N N N 331 
VAL CA   C N S 332 
VAL C    C N N 333 
VAL O    O N N 334 
VAL CB   C N N 335 
VAL CG1  C N N 336 
VAL CG2  C N N 337 
VAL OXT  O N N 338 
VAL H    H N N 339 
VAL H2   H N N 340 
VAL HA   H N N 341 
VAL HB   H N N 342 
VAL HG11 H N N 343 
VAL HG12 H N N 344 
VAL HG13 H N N 345 
VAL HG21 H N N 346 
VAL HG22 H N N 347 
VAL HG23 H N N 348 
VAL HXT  H N N 349 
# 
loop_
_chem_comp_bond.comp_id 
_chem_comp_bond.atom_id_1 
_chem_comp_bond.atom_id_2 
_chem_comp_bond.value_order 
_chem_comp_bond.pdbx_aromatic_flag 
_chem_comp_bond.pdbx_stereo_config 
_chem_comp_bond.pdbx_ordinal 
ALA N   CA   sing N N 1   
ALA N   H    sing N N 2   
ALA N   H2   sing N N 3   
ALA CA  C    sing N N 4   
ALA CA  CB   sing N N 5   
ALA CA  HA   sing N N 6   
ALA C   O    doub N N 7   
ALA C   OXT  sing N N 8   
ALA CB  HB1  sing N N 9   
ALA CB  HB2  sing N N 10  
ALA CB  HB3  sing N N 11  
ALA OXT HXT  sing N N 12  
ARG N   CA   sing N N 13  
ARG N   H    sing N N 14  
ARG N   H2   sing N N 15  
ARG CA  C    sing N N 16  
ARG CA  CB   sing N N 17  
ARG CA  HA   sing N N 18  
ARG C   O    doub N N 19  
ARG C   OXT  sing N N 20  
ARG CB  CG   sing N N 21  
ARG CB  HB2  sing N N 22  
ARG CB  HB3  sing N N 23  
ARG CG  CD   sing N N 24  
ARG CG  HG2  sing N N 25  
ARG CG  HG3  sing N N 26  
ARG CD  NE   sing N N 27  
ARG CD  HD2  sing N N 28  
ARG CD  HD3  sing N N 29  
ARG NE  CZ   sing N N 30  
ARG NE  HE   sing N N 31  
ARG CZ  NH1  sing N N 32  
ARG CZ  NH2  doub N N 33  
ARG NH1 HH11 sing N N 34  
ARG NH1 HH12 sing N N 35  
ARG NH2 HH21 sing N N 36  
ARG NH2 HH22 sing N N 37  
ARG OXT HXT  sing N N 38  
ASN N   CA   sing N N 39  
ASN N   H    sing N N 40  
ASN N   H2   sing N N 41  
ASN CA  C    sing N N 42  
ASN CA  CB   sing N N 43  
ASN CA  HA   sing N N 44  
ASN C   O    doub N N 45  
ASN C   OXT  sing N N 46  
ASN CB  CG   sing N N 47  
ASN CB  HB2  sing N N 48  
ASN CB  HB3  sing N N 49  
ASN CG  OD1  doub N N 50  
ASN CG  ND2  sing N N 51  
ASN ND2 HD21 sing N N 52  
ASN ND2 HD22 sing N N 53  
ASN OXT HXT  sing N N 54  
ASP N   CA   sing N N 55  
ASP N   H    sing N N 56  
ASP N   H2   sing N N 57  
ASP CA  C    sing N N 58  
ASP CA  CB   sing N N 59  
ASP CA  HA   sing N N 60  
ASP C   O    doub N N 61  
ASP C   OXT  sing N N 62  
ASP CB  CG   sing N N 63  
ASP CB  HB2  sing N N 64  
ASP CB  HB3  sing N N 65  
ASP CG  OD1  doub N N 66  
ASP CG  OD2  sing N N 67  
ASP OD2 HD2  sing N N 68  
ASP OXT HXT  sing N N 69  
GLN N   CA   sing N N 70  
GLN N   H    sing N N 71  
GLN N   H2   sing N N 72  
GLN CA  C    sing N N 73  
GLN CA  CB   sing N N 74  
GLN CA  HA   sing N N 75  
GLN C   O    doub N N 76  
GLN C   OXT  sing N N 77  
GLN CB  CG   sing N N 78  
GLN CB  HB2  sing N N 79  
GLN CB  HB3  sing N N 80  
GLN CG  CD   sing N N 81  
GLN CG  HG2  sing N N 82  
GLN CG  HG3  sing N N 83  
GLN CD  OE1  doub N N 84  
GLN CD  NE2  sing N N 85  
GLN NE2 HE21 sing N N 86  
GLN NE2 HE22 sing N N 87  
GLN OXT HXT  sing N N 88  
GLU N   CA   sing N N 89  
GLU N   H    sing N N 90  
GLU N   H2   sing N N 91  
GLU CA  C    sing N N 92  
GLU CA  CB   sing N N 93  
GLU CA  HA   sing N N 94  
GLU C   O    doub N N 95  
GLU C   OXT  sing N N 96  
GLU CB  CG   sing N N 97  
GLU CB  HB2  sing N N 98  
GLU CB  HB3  sing N N 99  
GLU CG  CD   sing N N 100 
GLU CG  HG2  sing N N 101 
GLU CG  HG3  sing N N 102 
GLU CD  OE1  doub N N 103 
GLU CD  OE2  sing N N 104 
GLU OE2 HE2  sing N N 105 
GLU OXT HXT  sing N N 106 
GLY N   CA   sing N N 107 
GLY N   H    sing N N 108 
GLY N   H2   sing N N 109 
GLY CA  C    sing N N 110 
GLY CA  HA2  sing N N 111 
GLY CA  HA3  sing N N 112 
GLY C   O    doub N N 113 
GLY C   OXT  sing N N 114 
GLY OXT HXT  sing N N 115 
HIS N   CA   sing N N 116 
HIS N   H    sing N N 117 
HIS N   H2   sing N N 118 
HIS CA  C    sing N N 119 
HIS CA  CB   sing N N 120 
HIS CA  HA   sing N N 121 
HIS C   O    doub N N 122 
HIS C   OXT  sing N N 123 
HIS CB  CG   sing N N 124 
HIS CB  HB2  sing N N 125 
HIS CB  HB3  sing N N 126 
HIS CG  ND1  sing Y N 127 
HIS CG  CD2  doub Y N 128 
HIS ND1 CE1  doub Y N 129 
HIS ND1 HD1  sing N N 130 
HIS CD2 NE2  sing Y N 131 
HIS CD2 HD2  sing N N 132 
HIS CE1 NE2  sing Y N 133 
HIS CE1 HE1  sing N N 134 
HIS NE2 HE2  sing N N 135 
HIS OXT HXT  sing N N 136 
HOH O   H1   sing N N 137 
HOH O   H2   sing N N 138 
ILE N   CA   sing N N 139 
ILE N   H    sing N N 140 
ILE N   H2   sing N N 141 
ILE CA  C    sing N N 142 
ILE CA  CB   sing N N 143 
ILE CA  HA   sing N N 144 
ILE C   O    doub N N 145 
ILE C   OXT  sing N N 146 
ILE CB  CG1  sing N N 147 
ILE CB  CG2  sing N N 148 
ILE CB  HB   sing N N 149 
ILE CG1 CD1  sing N N 150 
ILE CG1 HG12 sing N N 151 
ILE CG1 HG13 sing N N 152 
ILE CG2 HG21 sing N N 153 
ILE CG2 HG22 sing N N 154 
ILE CG2 HG23 sing N N 155 
ILE CD1 HD11 sing N N 156 
ILE CD1 HD12 sing N N 157 
ILE CD1 HD13 sing N N 158 
ILE OXT HXT  sing N N 159 
LEU N   CA   sing N N 160 
LEU N   H    sing N N 161 
LEU N   H2   sing N N 162 
LEU CA  C    sing N N 163 
LEU CA  CB   sing N N 164 
LEU CA  HA   sing N N 165 
LEU C   O    doub N N 166 
LEU C   OXT  sing N N 167 
LEU CB  CG   sing N N 168 
LEU CB  HB2  sing N N 169 
LEU CB  HB3  sing N N 170 
LEU CG  CD1  sing N N 171 
LEU CG  CD2  sing N N 172 
LEU CG  HG   sing N N 173 
LEU CD1 HD11 sing N N 174 
LEU CD1 HD12 sing N N 175 
LEU CD1 HD13 sing N N 176 
LEU CD2 HD21 sing N N 177 
LEU CD2 HD22 sing N N 178 
LEU CD2 HD23 sing N N 179 
LEU OXT HXT  sing N N 180 
LYS N   CA   sing N N 181 
LYS N   H    sing N N 182 
LYS N   H2   sing N N 183 
LYS CA  C    sing N N 184 
LYS CA  CB   sing N N 185 
LYS CA  HA   sing N N 186 
LYS C   O    doub N N 187 
LYS C   OXT  sing N N 188 
LYS CB  CG   sing N N 189 
LYS CB  HB2  sing N N 190 
LYS CB  HB3  sing N N 191 
LYS CG  CD   sing N N 192 
LYS CG  HG2  sing N N 193 
LYS CG  HG3  sing N N 194 
LYS CD  CE   sing N N 195 
LYS CD  HD2  sing N N 196 
LYS CD  HD3  sing N N 197 
LYS CE  NZ   sing N N 198 
LYS CE  HE2  sing N N 199 
LYS CE  HE3  sing N N 200 
LYS NZ  HZ1  sing N N 201 
LYS NZ  HZ2  sing N N 202 
LYS NZ  HZ3  sing N N 203 
LYS OXT HXT  sing N N 204 
MET N   CA   sing N N 205 
MET N   H    sing N N 206 
MET N   H2   sing N N 207 
MET CA  C    sing N N 208 
MET CA  CB   sing N N 209 
MET CA  HA   sing N N 210 
MET C   O    doub N N 211 
MET C   OXT  sing N N 212 
MET CB  CG   sing N N 213 
MET CB  HB2  sing N N 214 
MET CB  HB3  sing N N 215 
MET CG  SD   sing N N 216 
MET CG  HG2  sing N N 217 
MET CG  HG3  sing N N 218 
MET SD  CE   sing N N 219 
MET CE  HE1  sing N N 220 
MET CE  HE2  sing N N 221 
MET CE  HE3  sing N N 222 
MET OXT HXT  sing N N 223 
PHE N   CA   sing N N 224 
PHE N   H    sing N N 225 
PHE N   H2   sing N N 226 
PHE CA  C    sing N N 227 
PHE CA  CB   sing N N 228 
PHE CA  HA   sing N N 229 
PHE C   O    doub N N 230 
PHE C   OXT  sing N N 231 
PHE CB  CG   sing N N 232 
PHE CB  HB2  sing N N 233 
PHE CB  HB3  sing N N 234 
PHE CG  CD1  doub Y N 235 
PHE CG  CD2  sing Y N 236 
PHE CD1 CE1  sing Y N 237 
PHE CD1 HD1  sing N N 238 
PHE CD2 CE2  doub Y N 239 
PHE CD2 HD2  sing N N 240 
PHE CE1 CZ   doub Y N 241 
PHE CE1 HE1  sing N N 242 
PHE CE2 CZ   sing Y N 243 
PHE CE2 HE2  sing N N 244 
PHE CZ  HZ   sing N N 245 
PHE OXT HXT  sing N N 246 
PRO N   CA   sing N N 247 
PRO N   CD   sing N N 248 
PRO N   H    sing N N 249 
PRO CA  C    sing N N 250 
PRO CA  CB   sing N N 251 
PRO CA  HA   sing N N 252 
PRO C   O    doub N N 253 
PRO C   OXT  sing N N 254 
PRO CB  CG   sing N N 255 
PRO CB  HB2  sing N N 256 
PRO CB  HB3  sing N N 257 
PRO CG  CD   sing N N 258 
PRO CG  HG2  sing N N 259 
PRO CG  HG3  sing N N 260 
PRO CD  HD2  sing N N 261 
PRO CD  HD3  sing N N 262 
PRO OXT HXT  sing N N 263 
SER N   CA   sing N N 264 
SER N   H    sing N N 265 
SER N   H2   sing N N 266 
SER CA  C    sing N N 267 
SER CA  CB   sing N N 268 
SER CA  HA   sing N N 269 
SER C   O    doub N N 270 
SER C   OXT  sing N N 271 
SER CB  OG   sing N N 272 
SER CB  HB2  sing N N 273 
SER CB  HB3  sing N N 274 
SER OG  HG   sing N N 275 
SER OXT HXT  sing N N 276 
THR N   CA   sing N N 277 
THR N   H    sing N N 278 
THR N   H2   sing N N 279 
THR CA  C    sing N N 280 
THR CA  CB   sing N N 281 
THR CA  HA   sing N N 282 
THR C   O    doub N N 283 
THR C   OXT  sing N N 284 
THR CB  OG1  sing N N 285 
THR CB  CG2  sing N N 286 
THR CB  HB   sing N N 287 
THR OG1 HG1  sing N N 288 
THR CG2 HG21 sing N N 289 
THR CG2 HG22 sing N N 290 
THR CG2 HG23 sing N N 291 
THR OXT HXT  sing N N 292 
TYR N   CA   sing N N 293 
TYR N   H    sing N N 294 
TYR N   H2   sing N N 295 
TYR CA  C    sing N N 296 
TYR CA  CB   sing N N 297 
TYR CA  HA   sing N N 298 
TYR C   O    doub N N 299 
TYR C   OXT  sing N N 300 
TYR CB  CG   sing N N 301 
TYR CB  HB2  sing N N 302 
TYR CB  HB3  sing N N 303 
TYR CG  CD1  doub Y N 304 
TYR CG  CD2  sing Y N 305 
TYR CD1 CE1  sing Y N 306 
TYR CD1 HD1  sing N N 307 
TYR CD2 CE2  doub Y N 308 
TYR CD2 HD2  sing N N 309 
TYR CE1 CZ   doub Y N 310 
TYR CE1 HE1  sing N N 311 
TYR CE2 CZ   sing Y N 312 
TYR CE2 HE2  sing N N 313 
TYR CZ  OH   sing N N 314 
TYR OH  HH   sing N N 315 
TYR OXT HXT  sing N N 316 
VAL N   CA   sing N N 317 
VAL N   H    sing N N 318 
VAL N   H2   sing N N 319 
VAL CA  C    sing N N 320 
VAL CA  CB   sing N N 321 
VAL CA  HA   sing N N 322 
VAL C   O    doub N N 323 
VAL C   OXT  sing N N 324 
VAL CB  CG1  sing N N 325 
VAL CB  CG2  sing N N 326 
VAL CB  HB   sing N N 327 
VAL CG1 HG11 sing N N 328 
VAL CG1 HG12 sing N N 329 
VAL CG1 HG13 sing N N 330 
VAL CG2 HG21 sing N N 331 
VAL CG2 HG22 sing N N 332 
VAL CG2 HG23 sing N N 333 
VAL OXT HXT  sing N N 334 
# 
_pdbx_initial_refinement_model.id               1 
_pdbx_initial_refinement_model.entity_id_list   ? 
_pdbx_initial_refinement_model.type             'experimental model' 
_pdbx_initial_refinement_model.source_name      PDB 
_pdbx_initial_refinement_model.accession_code   2WPQ 
_pdbx_initial_refinement_model.details          'PDB ENTRY 2WPQ' 
# 
_atom_sites.entry_id                    5APS 
_atom_sites.fract_transf_matrix[1][1]   -0.02392633 
_atom_sites.fract_transf_matrix[1][2]   -0.01583783 
_atom_sites.fract_transf_matrix[1][3]   0.00940842 
_atom_sites.fract_transf_matrix[2][1]   -0.00817629 
_atom_sites.fract_transf_matrix[2][2]   0.00082727 
_atom_sites.fract_transf_matrix[2][3]   0.02905619 
_atom_sites.fract_transf_matrix[3][1]   -0.00680394 
_atom_sites.fract_transf_matrix[3][2]   0.00898936 
_atom_sites.fract_transf_matrix[3][3]   -0.00217054 
_atom_sites.fract_transf_vector[1]      0.576726 
_atom_sites.fract_transf_vector[2]      0.291016 
_atom_sites.fract_transf_vector[3]      1.058687 
# 
loop_
_atom_type.symbol 
C 
N 
O 
S 
# 
loop_
_atom_site.group_PDB 
_atom_site.id 
_atom_site.type_symbol 
_atom_site.label_atom_id 
_atom_site.label_alt_id 
_atom_site.label_comp_id 
_atom_site.label_asym_id 
_atom_site.label_entity_id 
_atom_site.label_seq_id 
_atom_site.pdbx_PDB_ins_code 
_atom_site.Cartn_x 
_atom_site.Cartn_y 
_atom_site.Cartn_z 
_atom_site.occupancy 
_atom_site.B_iso_or_equiv 
_atom_site.pdbx_formal_charge 
_atom_site.auth_seq_id 
_atom_site.auth_comp_id 
_atom_site.auth_asym_id 
_atom_site.auth_atom_id 
_atom_site.pdbx_PDB_model_num 
ATOM   1   N N   . GLU A 1 31 ? 17.096  -39.679 -2.432  1.00 41.41 ? 5    GLU A N   1 
ATOM   2   C CA  . GLU A 1 31 ? 18.303  -38.878 -2.043  1.00 37.19 ? 5    GLU A CA  1 
ATOM   3   C C   . GLU A 1 31 ? 18.505  -39.065 -0.551  1.00 33.31 ? 5    GLU A C   1 
ATOM   4   O O   . GLU A 1 31 ? 17.518  -39.325 0.186   1.00 33.47 ? 5    GLU A O   1 
ATOM   5   C CB  . GLU A 1 31 ? 18.120  -37.371 -2.369  1.00 38.93 ? 5    GLU A CB  1 
ATOM   6   C CG  . GLU A 1 31 ? 16.763  -36.818 -1.897  1.00 39.95 ? 5    GLU A CG  1 
ATOM   7   C CD  . GLU A 1 31 ? 16.597  -35.328 -2.137  1.00 40.47 ? 5    GLU A CD  1 
ATOM   8   O OE1 . GLU A 1 31 ? 17.507  -34.710 -2.746  1.00 38.71 ? 5    GLU A OE1 1 
ATOM   9   O OE2 . GLU A 1 31 ? 15.544  -34.777 -1.713  1.00 45.66 ? 5    GLU A OE2 1 
ATOM   10  N N   . ASP A 1 32 ? 19.816  -38.842 -0.111  1.00 30.86 ? 6    ASP A N   1 
ATOM   11  C CA  . ASP A 1 32 ? 20.123  -38.857 1.312   1.00 26.17 ? 6    ASP A CA  1 
ATOM   12  C C   . ASP A 1 32 ? 19.525  -37.634 1.931   1.00 21.61 ? 6    ASP A C   1 
ATOM   13  O O   . ASP A 1 32 ? 19.206  -36.625 1.228   1.00 21.01 ? 6    ASP A O   1 
ATOM   14  C CB  . ASP A 1 32 ? 21.618  -38.958 1.641   1.00 25.60 ? 6    ASP A CB  1 
ATOM   15  C CG  . ASP A 1 32 ? 22.401  -37.757 1.284   1.00 25.38 ? 6    ASP A CG  1 
ATOM   16  O OD1 . ASP A 1 32 ? 22.331  -36.717 1.956   1.00 21.53 ? 6    ASP A OD1 1 
ATOM   17  O OD2 . ASP A 1 32 ? 23.159  -37.811 0.294   1.00 28.65 ? 6    ASP A OD2 1 
ATOM   18  N N   . LYS A 1 33 ? 19.330  -37.694 3.222   1.00 19.19 ? 7    LYS A N   1 
ATOM   19  C CA  A LYS A 1 33 ? 18.578  -36.702 3.948   0.50 17.93 ? 7    LYS A CA  1 
ATOM   20  C CA  B LYS A 1 33 ? 18.578  -36.700 3.925   0.50 17.96 ? 7    LYS A CA  1 
ATOM   21  C C   . LYS A 1 33 ? 19.328  -35.407 4.023   1.00 15.99 ? 7    LYS A C   1 
ATOM   22  O O   . LYS A 1 33 ? 18.722  -34.361 4.132   1.00 15.58 ? 7    LYS A O   1 
ATOM   23  C CB  A LYS A 1 33 ? 18.212  -37.186 5.371   0.50 18.85 ? 7    LYS A CB  1 
ATOM   24  C CB  B LYS A 1 33 ? 18.148  -37.227 5.308   0.50 18.97 ? 7    LYS A CB  1 
ATOM   25  C CG  A LYS A 1 33 ? 17.263  -38.380 5.430   0.50 21.25 ? 7    LYS A CG  1 
ATOM   26  C CG  B LYS A 1 33 ? 17.100  -38.322 5.187   0.50 21.48 ? 7    LYS A CG  1 
ATOM   27  C CD  A LYS A 1 33 ? 16.862  -38.705 6.868   0.50 22.83 ? 7    LYS A CD  1 
ATOM   28  C CD  B LYS A 1 33 ? 16.718  -38.963 6.503   0.50 23.09 ? 7    LYS A CD  1 
ATOM   29  C CE  A LYS A 1 33 ? 16.417  -40.145 7.099   0.50 26.76 ? 7    LYS A CE  1 
ATOM   30  C CE  B LYS A 1 33 ? 15.730  -40.104 6.280   0.50 26.81 ? 7    LYS A CE  1 
ATOM   31  N NZ  A LYS A 1 33 ? 16.117  -40.233 8.545   0.50 28.58 ? 7    LYS A NZ  1 
ATOM   32  N NZ  B LYS A 1 33 ? 14.365  -39.712 6.717   0.50 28.06 ? 7    LYS A NZ  1 
ATOM   33  N N   . VAL A 1 34 ? 20.648  -35.421 4.015   1.00 15.43 ? 8    VAL A N   1 
ATOM   34  C CA  . VAL A 1 34 ? 21.395  -34.202 4.111   1.00 15.45 ? 8    VAL A CA  1 
ATOM   35  C C   . VAL A 1 34 ? 21.259  -33.400 2.810   1.00 14.71 ? 8    VAL A C   1 
ATOM   36  O O   . VAL A 1 34 ? 21.007  -32.190 2.840   1.00 14.92 ? 8    VAL A O   1 
ATOM   37  C CB  . VAL A 1 34 ? 22.880  -34.480 4.449   1.00 17.31 ? 8    VAL A CB  1 
ATOM   38  C CG1 . VAL A 1 34 ? 23.700  -33.191 4.506   1.00 17.93 ? 8    VAL A CG1 1 
ATOM   39  C CG2 . VAL A 1 34 ? 22.998  -35.201 5.785   1.00 19.92 ? 8    VAL A CG2 1 
ATOM   40  N N   . GLU A 1 35 ? 21.319  -34.080 1.690   1.00 16.34 ? 9    GLU A N   1 
ATOM   41  C CA  . GLU A 1 35 ? 21.113  -33.416 0.398   1.00 18.36 ? 9    GLU A CA  1 
ATOM   42  C C   . GLU A 1 35 ? 19.711  -32.920 0.311   1.00 18.65 ? 9    GLU A C   1 
ATOM   43  O O   . GLU A 1 35 ? 19.469  -31.794 -0.197  1.00 18.08 ? 9    GLU A O   1 
ATOM   44  C CB  . GLU A 1 35 ? 21.338  -34.424 -0.725  1.00 22.61 ? 9    GLU A CB  1 
ATOM   45  C CG  . GLU A 1 35 ? 20.902  -33.943 -2.104  1.00 28.59 ? 9    GLU A CG  1 
ATOM   46  C CD  . GLU A 1 35 ? 21.449  -34.889 -3.126  1.00 34.18 ? 9    GLU A CD  1 
ATOM   47  O OE1 . GLU A 1 35 ? 21.543  -36.096 -2.789  1.00 38.53 ? 9    GLU A OE1 1 
ATOM   48  O OE2 . GLU A 1 35 ? 21.835  -34.438 -4.229  1.00 39.31 ? 9    GLU A OE2 1 
ATOM   49  N N   . GLU A 1 36 ? 18.748  -33.693 0.741   1.00 16.25 ? 10   GLU A N   1 
ATOM   50  C CA  . GLU A 1 36 ? 17.321  -33.350 0.772   1.00 18.10 ? 10   GLU A CA  1 
ATOM   51  C C   . GLU A 1 36 ? 17.198  -32.052 1.520   1.00 15.06 ? 10   GLU A C   1 
ATOM   52  O O   . GLU A 1 36 ? 16.539  -31.085 1.051   1.00 15.68 ? 10   GLU A O   1 
ATOM   53  C CB  . GLU A 1 36 ? 16.373  -34.408 1.473   1.00 20.74 ? 10   GLU A CB  1 
ATOM   54  C CG  . GLU A 1 36 ? 14.881  -33.977 1.795   1.00 25.61 ? 10   GLU A CG  1 
ATOM   55  C CD  . GLU A 1 36 ? 14.013  -34.966 2.633   1.00 28.00 ? 10   GLU A CD  1 
ATOM   56  O OE1 . GLU A 1 36 ? 14.476  -36.060 3.031   1.00 31.62 ? 10   GLU A OE1 1 
ATOM   57  O OE2 . GLU A 1 36 ? 12.803  -34.641 2.892   1.00 32.00 ? 10   GLU A OE2 1 
ATOM   58  N N   . LEU A 1 37 ? 17.727  -31.984 2.735   1.00 13.62 ? 11   LEU A N   1 
ATOM   59  C CA  . LEU A 1 37 ? 17.634  -30.829 3.573   1.00 13.13 ? 11   LEU A CA  1 
ATOM   60  C C   . LEU A 1 37 ? 18.308  -29.634 2.921   1.00 12.45 ? 11   LEU A C   1 
ATOM   61  O O   . LEU A 1 37 ? 17.738  -28.523 2.928   1.00 12.52 ? 11   LEU A O   1 
ATOM   62  C CB  . LEU A 1 37 ? 18.252  -31.111 4.931   1.00 13.56 ? 11   LEU A CB  1 
ATOM   63  C CG  . LEU A 1 37 ? 17.383  -31.892 5.909   1.00 15.30 ? 11   LEU A CG  1 
ATOM   64  C CD1 . LEU A 1 37 ? 18.162  -32.457 7.082   1.00 15.85 ? 11   LEU A CD1 1 
ATOM   65  C CD2 . LEU A 1 37 ? 16.278  -30.974 6.419   1.00 16.36 ? 11   LEU A CD2 1 
ATOM   66  N N   . LEU A 1 38 ? 19.481  -29.779 2.380   1.00 12.37 ? 12   LEU A N   1 
ATOM   67  C CA  . LEU A 1 38 ? 20.143  -28.653 1.740   1.00 13.11 ? 12   LEU A CA  1 
ATOM   68  C C   . LEU A 1 38 ? 19.301  -28.113 0.611   1.00 12.20 ? 12   LEU A C   1 
ATOM   69  O O   . LEU A 1 38 ? 19.161  -26.896 0.471   1.00 11.63 ? 12   LEU A O   1 
ATOM   70  C CB  . LEU A 1 38 ? 21.531  -29.033 1.243   1.00 15.20 ? 12   LEU A CB  1 
ATOM   71  C CG  . LEU A 1 38 ? 22.573  -29.190 2.359   1.00 17.39 ? 12   LEU A CG  1 
ATOM   72  C CD1 . LEU A 1 38 ? 23.696  -29.992 1.829   1.00 19.49 ? 12   LEU A CD1 1 
ATOM   73  C CD2 . LEU A 1 38 ? 23.093  -27.887 2.888   1.00 17.92 ? 12   LEU A CD2 1 
ATOM   74  N N   . SER A 1 39 ? 18.685  -28.979 -0.181  1.00 12.58 ? 13   SER A N   1 
ATOM   75  C CA  . SER A 1 39 ? 17.861  -28.522 -1.269  1.00 13.29 ? 13   SER A CA  1 
ATOM   76  C C   . SER A 1 39 ? 16.626  -27.824 -0.758  1.00 12.19 ? 13   SER A C   1 
ATOM   77  O O   . SER A 1 39 ? 16.216  -26.789 -1.290  1.00 13.24 ? 13   SER A O   1 
ATOM   78  C CB  . SER A 1 39 ? 17.456  -29.666 -2.110  1.00 16.33 ? 13   SER A CB  1 
ATOM   79  O OG  . SER A 1 39 ? 18.555  -29.883 -3.049  1.00 24.10 ? 13   SER A OG  1 
ATOM   80  N N   . LYS A 1 40 ? 15.974  -28.360 0.267   1.00 11.98 ? 14   LYS A N   1 
ATOM   81  C CA  . LYS A 1 40 ? 14.746  -27.748 0.789   1.00 12.02 ? 14   LYS A CA  1 
ATOM   82  C C   . LYS A 1 40 ? 15.091  -26.392 1.383   1.00 11.62 ? 14   LYS A C   1 
ATOM   83  O O   . LYS A 1 40 ? 14.294  -25.433 1.262   1.00 12.68 ? 14   LYS A O   1 
ATOM   84  C CB  . LYS A 1 40 ? 14.052  -28.642 1.844   1.00 13.74 ? 14   LYS A CB  1 
ATOM   85  C CG  . LYS A 1 40 ? 13.376  -29.816 1.222   1.00 16.57 ? 14   LYS A CG  1 
ATOM   86  C CD  . LYS A 1 40 ? 12.624  -30.662 2.244   1.00 19.68 ? 14   LYS A CD  1 
ATOM   87  C CE  . LYS A 1 40 ? 11.849  -31.765 1.467   1.00 25.11 ? 14   LYS A CE  1 
ATOM   88  N NZ  . LYS A 1 40 ? 10.987  -32.553 2.294   1.00 30.33 ? 14   LYS A NZ  1 
ATOM   89  N N   . VAL A 1 41 ? 16.236  -26.269 2.041   1.00 10.99 ? 15   VAL A N   1 
ATOM   90  C CA  . VAL A 1 41 ? 16.620  -25.007 2.661   1.00 11.02 ? 15   VAL A CA  1 
ATOM   91  C C   . VAL A 1 41 ? 16.885  -23.980 1.565   1.00 11.61 ? 15   VAL A C   1 
ATOM   92  O O   . VAL A 1 41 ? 16.495  -22.819 1.668   1.00 12.14 ? 15   VAL A O   1 
ATOM   93  C CB  . VAL A 1 41 ? 17.793  -25.220 3.599   1.00 12.03 ? 15   VAL A CB  1 
ATOM   94  C CG1 . VAL A 1 41 ? 18.523  -23.933 3.918   1.00 13.07 ? 15   VAL A CG1 1 
ATOM   95  C CG2 . VAL A 1 41 ? 17.308  -25.909 4.877   1.00 13.04 ? 15   VAL A CG2 1 
ATOM   96  N N   . TYR A 1 42 ? 17.580  -24.352 0.506   1.00 11.64 ? 16   TYR A N   1 
ATOM   97  C CA  . TYR A 1 42 ? 17.888  -23.412 -0.586  1.00 12.68 ? 16   TYR A CA  1 
ATOM   98  C C   . TYR A 1 42 ? 16.599  -22.949 -1.214  1.00 12.72 ? 16   TYR A C   1 
ATOM   99  O O   . TYR A 1 42 ? 16.425  -21.759 -1.523  1.00 13.25 ? 16   TYR A O   1 
ATOM   100 C CB  . TYR A 1 42 ? 18.805  -24.062 -1.625  1.00 13.35 ? 16   TYR A CB  1 
ATOM   101 C CG  . TYR A 1 42 ? 19.169  -23.210 -2.790  1.00 13.82 ? 16   TYR A CG  1 
ATOM   102 C CD1 . TYR A 1 42 ? 19.905  -22.039 -2.632  1.00 16.74 ? 16   TYR A CD1 1 
ATOM   103 C CD2 . TYR A 1 42 ? 18.752  -23.491 -4.044  1.00 14.78 ? 16   TYR A CD2 1 
ATOM   104 C CE1 . TYR A 1 42 ? 20.268  -21.280 -3.700  1.00 18.85 ? 16   TYR A CE1 1 
ATOM   105 C CE2 . TYR A 1 42 ? 19.084  -22.725 -5.110  1.00 16.73 ? 16   TYR A CE2 1 
ATOM   106 C CZ  . TYR A 1 42 ? 19.855  -21.612 -4.950  1.00 17.89 ? 16   TYR A CZ  1 
ATOM   107 O OH  . TYR A 1 42 ? 20.169  -20.846 -6.037  1.00 20.89 ? 16   TYR A OH  1 
ATOM   108 N N   . HIS A 1 43 ? 15.646  -23.856 -1.428  1.00 12.50 ? 17   HIS A N   1 
ATOM   109 C CA  . HIS A 1 43 ? 14.367  -23.484 -1.993  1.00 13.80 ? 17   HIS A CA  1 
ATOM   110 C C   . HIS A 1 43 ? 13.651  -22.487 -1.101  1.00 13.12 ? 17   HIS A C   1 
ATOM   111 O O   . HIS A 1 43 ? 13.137  -21.457 -1.590  1.00 14.88 ? 17   HIS A O   1 
ATOM   112 C CB  . HIS A 1 43 ? 13.489  -24.706 -2.254  1.00 15.22 ? 17   HIS A CB  1 
ATOM   113 C CG  . HIS A 1 43 ? 12.345  -24.467 -3.157  1.00 20.12 ? 17   HIS A CG  1 
ATOM   114 N ND1 . HIS A 1 43 ? 11.140  -24.024 -2.696  1.00 23.09 ? 17   HIS A ND1 1 
ATOM   115 C CD2 . HIS A 1 43 ? 12.201  -24.654 -4.486  1.00 23.76 ? 17   HIS A CD2 1 
ATOM   116 C CE1 . HIS A 1 43 ? 10.325  -23.820 -3.710  1.00 23.21 ? 17   HIS A CE1 1 
ATOM   117 N NE2 . HIS A 1 43 ? 10.922  -24.252 -4.810  1.00 26.11 ? 17   HIS A NE2 1 
ATOM   118 N N   . LEU A 1 44 ? 13.673  -22.734 0.196   1.00 13.19 ? 18   LEU A N   1 
ATOM   119 C CA  . LEU A 1 44 ? 13.096  -21.800 1.162   1.00 14.14 ? 18   LEU A CA  1 
ATOM   120 C C   . LEU A 1 44 ? 13.790  -20.456 1.067   1.00 13.02 ? 18   LEU A C   1 
ATOM   121 O O   . LEU A 1 44 ? 13.096  -19.407 1.159   1.00 14.14 ? 18   LEU A O   1 
ATOM   122 C CB  . LEU A 1 44 ? 13.202  -22.347 2.572   1.00 13.86 ? 18   LEU A CB  1 
ATOM   123 C CG  . LEU A 1 44 ? 12.126  -23.338 2.929   1.00 15.69 ? 18   LEU A CG  1 
ATOM   124 C CD1 . LEU A 1 44 ? 12.540  -24.111 4.153   1.00 15.85 ? 18   LEU A CD1 1 
ATOM   125 C CD2 . LEU A 1 44 ? 10.807  -22.626 3.210   1.00 18.09 ? 18   LEU A CD2 1 
ATOM   126 N N   . GLU A 1 45 ? 15.101  -20.413 1.016   1.00 12.84 ? 19   GLU A N   1 
ATOM   127 C CA  . GLU A 1 45 ? 15.831  -19.121 0.947   1.00 13.85 ? 19   GLU A CA  1 
ATOM   128 C C   . GLU A 1 45 ? 15.365  -18.375 -0.267  1.00 14.02 ? 19   GLU A C   1 
ATOM   129 O O   . GLU A 1 45 ? 15.134  -17.146 -0.188  1.00 15.56 ? 19   GLU A O   1 
ATOM   130 C CB  . GLU A 1 45 ? 17.321  -19.343 0.881   1.00 14.23 ? 19   GLU A CB  1 
ATOM   131 C CG  . GLU A 1 45 ? 17.866  -19.883 2.200   1.00 15.70 ? 19   GLU A CG  1 
ATOM   132 C CD  . GLU A 1 45 ? 19.240  -20.403 2.164   1.00 17.77 ? 19   GLU A CD  1 
ATOM   133 O OE1 . GLU A 1 45 ? 19.694  -20.807 1.062   1.00 19.67 ? 19   GLU A OE1 1 
ATOM   134 O OE2 . GLU A 1 45 ? 19.911  -20.477 3.240   1.00 20.00 ? 19   GLU A OE2 1 
ATOM   135 N N   . ASN A 1 46 ? 15.207  -19.029 -1.407  1.00 13.90 ? 20   ASN A N   1 
ATOM   136 C CA  . ASN A 1 46 ? 14.780  -18.304 -2.623  1.00 15.19 ? 20   ASN A CA  1 
ATOM   137 C C   . ASN A 1 46 ? 13.353  -17.849 -2.476  1.00 16.59 ? 20   ASN A C   1 
ATOM   138 O O   . ASN A 1 46 ? 13.033  -16.709 -2.895  1.00 17.42 ? 20   ASN A O   1 
ATOM   139 C CB  . ASN A 1 46 ? 14.955  -19.187 -3.850  1.00 17.17 ? 20   ASN A CB  1 
ATOM   140 C CG  . ASN A 1 46 ? 16.366  -19.384 -4.189  1.00 19.99 ? 20   ASN A CG  1 
ATOM   141 O OD1 . ASN A 1 46 ? 17.233  -18.569 -3.892  1.00 23.07 ? 20   ASN A OD1 1 
ATOM   142 N ND2 . ASN A 1 46 ? 16.631  -20.496 -4.838  1.00 24.19 ? 20   ASN A ND2 1 
ATOM   143 N N   . GLU A 1 47 ? 12.472  -18.661 -1.936  1.00 15.97 ? 21   GLU A N   1 
ATOM   144 C CA  A GLU A 1 47 ? 11.094  -18.250 -1.787  0.50 18.09 ? 21   GLU A CA  1 
ATOM   145 C CA  B GLU A 1 47 ? 11.075  -18.298 -1.716  0.50 18.52 ? 21   GLU A CA  1 
ATOM   146 C C   . GLU A 1 47 ? 10.972  -17.095 -0.802  1.00 17.63 ? 21   GLU A C   1 
ATOM   147 O O   . GLU A 1 47 ? 10.209  -16.134 -1.081  1.00 19.29 ? 21   GLU A O   1 
ATOM   148 C CB  A GLU A 1 47 ? 10.208  -19.385 -1.367  0.50 19.63 ? 21   GLU A CB  1 
ATOM   149 C CB  B GLU A 1 47 ? 10.334  -19.442 -1.070  0.50 20.61 ? 21   GLU A CB  1 
ATOM   150 C CG  A GLU A 1 47 ? 8.761   -18.999 -1.522  0.50 22.36 ? 21   GLU A CG  1 
ATOM   151 C CG  B GLU A 1 47 ? 10.181  -20.635 -1.977  0.50 22.48 ? 21   GLU A CG  1 
ATOM   152 C CD  A GLU A 1 47 ? 7.825   -20.154 -1.345  0.50 24.52 ? 21   GLU A CD  1 
ATOM   153 C CD  B GLU A 1 47 ? 8.769   -21.027 -2.091  0.50 28.48 ? 21   GLU A CD  1 
ATOM   154 O OE1 A GLU A 1 47 ? 8.307   -21.274 -1.030  0.50 26.55 ? 21   GLU A OE1 1 
ATOM   155 O OE1 B GLU A 1 47 ? 8.005   -20.308 -2.769  0.50 32.96 ? 21   GLU A OE1 1 
ATOM   156 O OE2 A GLU A 1 47 ? 6.625   -19.884 -1.527  0.50 27.63 ? 21   GLU A OE2 1 
ATOM   157 O OE2 B GLU A 1 47 ? 8.421   -22.034 -1.486  0.50 30.36 ? 21   GLU A OE2 1 
ATOM   158 N N   . VAL A 1 48 ? 11.684  -17.115 0.309   1.00 16.06 ? 22   VAL A N   1 
ATOM   159 C CA  . VAL A 1 48 ? 11.650  -16.017 1.310   1.00 17.87 ? 22   VAL A CA  1 
ATOM   160 C C   . VAL A 1 48 ? 12.157  -14.774 0.657   1.00 18.37 ? 22   VAL A C   1 
ATOM   161 O O   . VAL A 1 48 ? 11.553  -13.697 0.866   1.00 19.04 ? 22   VAL A O   1 
ATOM   162 C CB  . VAL A 1 48 ? 12.414  -16.397 2.574   1.00 18.24 ? 22   VAL A CB  1 
ATOM   163 C CG1 . VAL A 1 48 ? 12.654  -15.192 3.454   1.00 21.12 ? 22   VAL A CG1 1 
ATOM   164 C CG2 . VAL A 1 48 ? 11.629  -17.477 3.287   1.00 18.87 ? 22   VAL A CG2 1 
ATOM   165 N N   . ALA A 1 49 ? 13.214  -14.832 -0.141  1.00 17.34 ? 23   ALA A N   1 
ATOM   166 C CA  . ALA A 1 49 ? 13.669  -13.616 -0.853  1.00 18.97 ? 23   ALA A CA  1 
ATOM   167 C C   . ALA A 1 49 ? 12.620  -13.077 -1.761  1.00 20.37 ? 23   ALA A C   1 
ATOM   168 O O   . ALA A 1 49 ? 12.418  -11.839 -1.829  1.00 22.31 ? 23   ALA A O   1 
ATOM   169 C CB  . ALA A 1 49 ? 14.955  -13.912 -1.596  1.00 20.06 ? 23   ALA A CB  1 
ATOM   170 N N   . ARG A 1 50 ? 11.929  -13.964 -2.473  1.00 20.41 ? 24   ARG A N   1 
ATOM   171 C CA  . ARG A 1 50 ? 10.911  -13.507 -3.427  1.00 22.66 ? 24   ARG A CA  1 
ATOM   172 C C   . ARG A 1 50 ? 9.794   -12.833 -2.657  1.00 23.35 ? 24   ARG A C   1 
ATOM   173 O O   . ARG A 1 50 ? 9.337   -11.727 -3.048  1.00 23.73 ? 24   ARG A O   1 
ATOM   174 C CB  . ARG A 1 50 ? 10.315  -14.668 -4.197  1.00 25.39 ? 24   ARG A CB  1 
ATOM   175 C CG  . ARG A 1 50 ? 11.170  -15.232 -5.289  1.00 29.71 ? 24   ARG A CG  1 
ATOM   176 C CD  . ARG A 1 50 ? 10.347  -16.190 -6.164  1.00 34.00 ? 24   ARG A CD  1 
ATOM   177 N NE  . ARG A 1 50 ? 9.399   -15.497 -7.048  1.00 38.91 ? 24   ARG A NE  1 
ATOM   178 C CZ  . ARG A 1 50 ? 8.615   -16.079 -7.985  1.00 42.33 ? 24   ARG A CZ  1 
ATOM   179 N NH1 . ARG A 1 50 ? 8.613   -17.389 -8.168  1.00 42.11 ? 24   ARG A NH1 1 
ATOM   180 N NH2 . ARG A 1 50 ? 7.831   -15.358 -8.746  1.00 48.20 ? 24   ARG A NH2 1 
ATOM   181 N N   . LEU A 1 51 ? 9.372   -13.385 -1.532  1.00 22.19 ? 25   LEU A N   1 
ATOM   182 C CA  . LEU A 1 51 ? 8.300   -12.803 -0.775  1.00 26.32 ? 25   LEU A CA  1 
ATOM   183 C C   . LEU A 1 51 ? 8.711   -11.506 -0.135  1.00 25.17 ? 25   LEU A C   1 
ATOM   184 O O   . LEU A 1 51 ? 7.894   -10.582 -0.067  1.00 25.45 ? 25   LEU A O   1 
ATOM   185 C CB  . LEU A 1 51 ? 7.831   -13.773 0.252   1.00 27.32 ? 25   LEU A CB  1 
ATOM   186 C CG  . LEU A 1 51 ? 7.225   -15.000 -0.427  1.00 30.47 ? 25   LEU A CG  1 
ATOM   187 C CD1 . LEU A 1 51 ? 6.820   -15.977 0.685   1.00 32.55 ? 25   LEU A CD1 1 
ATOM   188 C CD2 . LEU A 1 51 ? 6.069   -14.719 -1.398  1.00 33.47 ? 25   LEU A CD2 1 
ATOM   189 N N   A LYS A 1 52 ? 9.947   -11.410 0.335   0.50 23.74 ? 26   LYS A N   1 
ATOM   190 N N   B LYS A 1 52 ? 9.939   -11.423 0.356   0.50 24.37 ? 26   LYS A N   1 
ATOM   191 C CA  A LYS A 1 52 ? 10.433  -10.165 0.927   0.50 25.16 ? 26   LYS A CA  1 
ATOM   192 C CA  B LYS A 1 52 ? 10.464  -10.170 0.889   0.50 26.12 ? 26   LYS A CA  1 
ATOM   193 C C   A LYS A 1 52 ? 10.384  -9.037  -0.111  0.50 26.24 ? 26   LYS A C   1 
ATOM   194 C C   B LYS A 1 52 ? 10.282  -9.065  -0.139  0.50 26.78 ? 26   LYS A C   1 
ATOM   195 O O   A LYS A 1 52 ? 10.024  -7.891  0.213   0.50 27.30 ? 26   LYS A O   1 
ATOM   196 O O   B LYS A 1 52 ? 9.737   -7.973  0.154   0.50 27.45 ? 26   LYS A O   1 
ATOM   197 C CB  A LYS A 1 52 ? 11.846  -10.310 1.476   0.50 25.16 ? 26   LYS A CB  1 
ATOM   198 C CB  B LYS A 1 52 ? 11.945  -10.285 1.158   0.50 26.75 ? 26   LYS A CB  1 
ATOM   199 C CG  A LYS A 1 52 ? 12.365  -9.047  2.136   0.50 27.75 ? 26   LYS A CG  1 
ATOM   200 C CG  B LYS A 1 52 ? 12.301  -10.822 2.516   0.50 28.46 ? 26   LYS A CG  1 
ATOM   201 C CD  A LYS A 1 52 ? 13.473  -9.302  3.130   0.50 29.73 ? 26   LYS A CD  1 
ATOM   202 C CD  B LYS A 1 52 ? 13.752  -10.497 2.773   0.50 30.26 ? 26   LYS A CD  1 
ATOM   203 C CE  A LYS A 1 52 ? 14.752  -9.723  2.421   0.50 30.19 ? 26   LYS A CE  1 
ATOM   204 C CE  B LYS A 1 52 ? 14.099  -9.169  2.115   0.50 32.64 ? 26   LYS A CE  1 
ATOM   205 N NZ  A LYS A 1 52 ? 15.410  -10.894 3.061   0.50 30.69 ? 26   LYS A NZ  1 
ATOM   206 N NZ  B LYS A 1 52 ? 14.351  -8.057  3.073   0.50 35.65 ? 26   LYS A NZ  1 
ATOM   207 N N   . LYS A 1 53 ? 10.717  -9.342  -1.361  1.00 25.94 ? 27   LYS A N   1 
ATOM   208 C CA  . LYS A 1 53 ? 10.653  -8.316  -2.421  1.00 29.39 ? 27   LYS A CA  1 
ATOM   209 C C   . LYS A 1 53 ? 9.201   -7.955  -2.681  1.00 30.04 ? 27   LYS A C   1 
ATOM   210 O O   . LYS A 1 53 ? 8.884   -6.786  -2.833  1.00 30.99 ? 27   LYS A O   1 
ATOM   211 C CB  . LYS A 1 53 ? 11.353  -8.807  -3.672  1.00 32.94 ? 27   LYS A CB  1 
ATOM   212 C CG  . LYS A 1 53 ? 11.199  -7.898  -4.865  1.00 39.04 ? 27   LYS A CG  1 
ATOM   213 C CD  . LYS A 1 53 ? 11.651  -8.577  -6.155  1.00 43.50 ? 27   LYS A CD  1 
ATOM   214 C CE  . LYS A 1 53 ? 11.220  -7.796  -7.407  1.00 49.96 ? 27   LYS A CE  1 
ATOM   215 N NZ  . LYS A 1 53 ? 11.585  -8.527  -8.668  1.00 53.56 ? 27   LYS A NZ  1 
ATOM   216 N N   . LEU A 1 54 ? 8.276   -8.893  -2.641  1.00 28.32 ? 28   LEU A N   1 
ATOM   217 C CA  . LEU A 1 54 ? 6.879   -8.572  -2.853  1.00 33.42 ? 28   LEU A CA  1 
ATOM   218 C C   . LEU A 1 54 ? 6.334   -7.684  -1.746  1.00 31.26 ? 28   LEU A C   1 
ATOM   219 O O   . LEU A 1 54 ? 5.615   -6.713  -2.046  1.00 32.55 ? 28   LEU A O   1 
ATOM   220 C CB  . LEU A 1 54 ? 6.043   -9.829  -2.903  1.00 34.32 ? 28   LEU A CB  1 
ATOM   221 C CG  . LEU A 1 54 ? 6.383   -10.785 -4.043  1.00 39.15 ? 28   LEU A CG  1 
ATOM   222 C CD1 . LEU A 1 54 ? 5.397   -11.956 -3.947  1.00 40.66 ? 28   LEU A CD1 1 
ATOM   223 C CD2 . LEU A 1 54 ? 6.364   -10.086 -5.405  1.00 43.71 ? 28   LEU A CD2 1 
ATOM   224 N N   . ILE A 1 55 ? 6.599   -8.034  -0.489  1.00 31.04 ? 29   ILE A N   1 
ATOM   225 C CA  . ILE A 1 55 ? 6.221   -7.211  0.699   1.00 33.24 ? 29   ILE A CA  1 
ATOM   226 C C   . ILE A 1 55 ? 6.737   -5.799  0.572   1.00 33.91 ? 29   ILE A C   1 
ATOM   227 O O   . ILE A 1 55 ? 6.020   -4.850  0.911   1.00 34.87 ? 29   ILE A O   1 
ATOM   228 C CB  . ILE A 1 55 ? 6.782   -7.791  2.036   1.00 33.14 ? 29   ILE A CB  1 
ATOM   229 C CG1 . ILE A 1 55 ? 6.006   -9.029  2.459   1.00 35.46 ? 29   ILE A CG1 1 
ATOM   230 C CG2 . ILE A 1 55 ? 6.632   -6.809  3.196   1.00 36.63 ? 29   ILE A CG2 1 
ATOM   231 C CD1 . ILE A 1 55 ? 6.678   -9.901  3.503   1.00 35.60 ? 29   ILE A CD1 1 
ATOM   232 N N   . GLU A 1 56 ? 7.989   -5.637  0.163   1.00 32.39 ? 30   GLU A N   1 
ATOM   233 C CA  . GLU A 1 56 ? 8.592   -4.347  0.058   1.00 36.74 ? 30   GLU A CA  1 
ATOM   234 C C   . GLU A 1 56 ? 7.823   -3.558  -0.970  1.00 36.08 ? 30   GLU A C   1 
ATOM   235 O O   . GLU A 1 56 ? 7.540   -2.372  -0.775  1.00 37.26 ? 30   GLU A O   1 
ATOM   236 C CB  . GLU A 1 56 ? 10.059  -4.492  -0.326  1.00 39.19 ? 30   GLU A CB  1 
ATOM   237 C CG  . GLU A 1 56 ? 10.884  -4.991  0.856   1.00 43.44 ? 30   GLU A CG  1 
ATOM   238 C CD  . GLU A 1 56 ? 12.229  -5.600  0.478   1.00 48.82 ? 30   GLU A CD  1 
ATOM   239 O OE1 . GLU A 1 56 ? 12.554  -5.650  -0.745  1.00 52.09 ? 30   GLU A OE1 1 
ATOM   240 O OE2 . GLU A 1 56 ? 12.961  -6.022  1.425   1.00 52.95 ? 30   GLU A OE2 1 
ATOM   241 N N   . ASN A 1 57 ? 7.479   -4.199  -2.072  1.00 34.58 ? 31   ASN A N   1 
ATOM   242 C CA  . ASN A 1 57 ? 6.764   -3.532  -3.165  1.00 38.26 ? 31   ASN A CA  1 
ATOM   243 C C   . ASN A 1 57 ? 5.385   -3.114  -2.738  1.00 38.33 ? 31   ASN A C   1 
ATOM   244 O O   . ASN A 1 57 ? 4.990   -2.011  -3.012  1.00 38.32 ? 31   ASN A O   1 
ATOM   245 C CB  . ASN A 1 57 ? 6.681   -4.494  -4.359  1.00 39.26 ? 31   ASN A CB  1 
ATOM   246 C CG  . ASN A 1 57 ? 8.021   -4.672  -5.041  1.00 41.13 ? 31   ASN A CG  1 
ATOM   247 O OD1 . ASN A 1 57 ? 8.981   -3.942  -4.757  1.00 46.41 ? 31   ASN A OD1 1 
ATOM   248 N ND2 . ASN A 1 57 ? 8.100   -5.636  -5.939  1.00 42.54 ? 31   ASN A ND2 1 
ATOM   249 N N   . LYS A 1 58 ? 4.657   -4.014  -2.065  1.00 38.88 ? 32   LYS A N   1 
ATOM   250 C CA  . LYS A 1 58 ? 3.361   -3.681  -1.460  1.00 41.83 ? 32   LYS A CA  1 
ATOM   251 C C   . LYS A 1 58 ? 3.451   -2.531  -0.448  1.00 41.78 ? 32   LYS A C   1 
ATOM   252 O O   . LYS A 1 58 ? 2.556   -1.660  -0.407  1.00 42.03 ? 32   LYS A O   1 
ATOM   253 C CB  . LYS A 1 58 ? 2.797   -4.901  -0.761  1.00 41.16 ? 32   LYS A CB  1 
ATOM   254 N N   . LYS A 1 59 ? 4.524   -2.489  0.349   1.00 37.77 ? 33   LYS A N   1 
ATOM   255 C CA  . LYS A 1 59 ? 4.707   -1.355  1.275   1.00 38.26 ? 33   LYS A CA  1 
ATOM   256 C C   . LYS A 1 59 ? 4.815   -0.045  0.479   1.00 35.85 ? 33   LYS A C   1 
ATOM   257 O O   . LYS A 1 59 ? 4.190   0.934   0.847   1.00 34.59 ? 33   LYS A O   1 
ATOM   258 C CB  . LYS A 1 59 ? 5.942   -1.523  2.155   1.00 40.86 ? 33   LYS A CB  1 
ATOM   259 N N   . ALA A 1 60 ? 5.625   -0.002  -0.582  1.00 37.19 ? 34   ALA A N   1 
ATOM   260 C CA  . ALA A 1 60 ? 5.787   1.261   -1.325  1.00 38.45 ? 34   ALA A CA  1 
ATOM   261 C C   . ALA A 1 60 ? 4.503   1.653   -2.037  1.00 37.06 ? 34   ALA A C   1 
ATOM   262 O O   . ALA A 1 60 ? 4.148   2.834   -2.113  1.00 37.68 ? 34   ALA A O   1 
ATOM   263 C CB  . ALA A 1 60 ? 6.916   1.173   -2.322  1.00 41.95 ? 34   ALA A CB  1 
ATOM   264 N N   . ASP A 1 61 ? 3.790   0.678   -2.588  1.00 37.45 ? 35   ASP A N   1 
ATOM   265 C CA  . ASP A 1 61 ? 2.498   0.940   -3.206  1.00 38.93 ? 35   ASP A CA  1 
ATOM   266 C C   . ASP A 1 61 ? 1.535   1.535   -2.193  1.00 34.80 ? 35   ASP A C   1 
ATOM   267 O O   . ASP A 1 61 ? 0.799   2.487   -2.499  1.00 32.02 ? 35   ASP A O   1 
ATOM   268 C CB  . ASP A 1 61 ? 1.904   -0.323  -3.810  1.00 41.63 ? 35   ASP A CB  1 
ATOM   269 C CG  . ASP A 1 61 ? 2.678   -0.808  -5.015  1.00 48.25 ? 35   ASP A CG  1 
ATOM   270 O OD1 . ASP A 1 61 ? 3.566   -0.055  -5.502  1.00 52.36 ? 35   ASP A OD1 1 
ATOM   271 O OD2 . ASP A 1 61 ? 2.409   -1.956  -5.458  1.00 55.92 ? 35   ASP A OD2 1 
ATOM   272 N N   . MET A 1 62 ? 1.518   1.014   -0.975  1.00 34.58 ? 36   MET A N   1 
ATOM   273 C CA  A MET A 1 62 ? 0.665   1.533   0.092   0.50 34.19 ? 36   MET A CA  1 
ATOM   274 C CA  B MET A 1 62 ? 0.610   1.544   0.052   0.50 33.63 ? 36   MET A CA  1 
ATOM   275 C C   . MET A 1 62 ? 1.016   2.966   0.413   1.00 32.19 ? 36   MET A C   1 
ATOM   276 O O   . MET A 1 62 ? 0.151   3.792   0.646   1.00 29.05 ? 36   MET A O   1 
ATOM   277 C CB  A MET A 1 62 ? 0.828   0.669   1.342   0.50 37.20 ? 36   MET A CB  1 
ATOM   278 C CB  B MET A 1 62 ? 0.552   0.645   1.303   0.50 35.96 ? 36   MET A CB  1 
ATOM   279 C CG  A MET A 1 62 ? -0.247  -0.368  1.467   0.50 39.48 ? 36   MET A CG  1 
ATOM   280 C CG  B MET A 1 62 ? -0.088  -0.724  1.095   0.50 38.74 ? 36   MET A CG  1 
ATOM   281 S SD  A MET A 1 62 ? -1.667  0.571   1.974   0.50 41.75 ? 36   MET A SD  1 
ATOM   282 S SD  B MET A 1 62 ? -0.046  -1.729  2.600   0.50 43.36 ? 36   MET A SD  1 
ATOM   283 C CE  A MET A 1 62 ? -0.943  1.404   3.373   0.50 41.53 ? 36   MET A CE  1 
ATOM   284 C CE  B MET A 1 62 ? -0.670  -0.458  3.695   0.50 40.63 ? 36   MET A CE  1 
ATOM   285 N N   . LYS A 1 63 ? 2.297   3.286   0.409   1.00 31.82 ? 37   LYS A N   1 
ATOM   286 C CA  . LYS A 1 63 ? 2.712   4.653   0.752   1.00 33.20 ? 37   LYS A CA  1 
ATOM   287 C C   . LYS A 1 63 ? 2.190   5.678   -0.262  1.00 31.17 ? 37   LYS A C   1 
ATOM   288 O O   . LYS A 1 63 ? 1.672   6.755   0.102   1.00 28.20 ? 37   LYS A O   1 
ATOM   289 C CB  . LYS A 1 63 ? 4.221   4.783   0.887   1.00 39.46 ? 37   LYS A CB  1 
ATOM   290 C CG  . LYS A 1 63 ? 4.602   5.992   1.726   1.00 44.26 ? 37   LYS A CG  1 
ATOM   291 C CD  . LYS A 1 63 ? 5.619   6.859   1.028   1.00 50.58 ? 37   LYS A CD  1 
ATOM   292 C CE  . LYS A 1 63 ? 4.987   7.537   -0.171  1.00 50.74 ? 37   LYS A CE  1 
ATOM   293 N NZ  . LYS A 1 63 ? 5.608   8.868   -0.422  1.00 54.96 ? 37   LYS A NZ  1 
ATOM   294 N N   . GLN A 1 64 ? 2.283   5.321   -1.531  1.00 30.50 ? 38   GLN A N   1 
ATOM   295 C CA  . GLN A 1 64 ? 1.834   6.142   -2.600  1.00 30.30 ? 38   GLN A CA  1 
ATOM   296 C C   . GLN A 1 64 ? 0.306   6.325   -2.515  1.00 26.90 ? 38   GLN A C   1 
ATOM   297 O O   . GLN A 1 64 ? -0.216  7.432   -2.676  1.00 26.18 ? 38   GLN A O   1 
ATOM   298 C CB  . GLN A 1 64 ? 2.189   5.545   -3.948  1.00 32.35 ? 38   GLN A CB  1 
ATOM   299 N N   . LEU A 1 65 ? -0.421  5.263   -2.205  1.00 25.98 ? 39   LEU A N   1 
ATOM   300 C CA  . LEU A 1 65 ? -1.855  5.288   -2.063  1.00 26.56 ? 39   LEU A CA  1 
ATOM   301 C C   . LEU A 1 65 ? -2.255  6.148   -0.883  1.00 24.19 ? 39   LEU A C   1 
ATOM   302 O O   . LEU A 1 65 ? -3.221  6.916   -0.978  1.00 21.24 ? 39   LEU A O   1 
ATOM   303 C CB  . LEU A 1 65 ? -2.382  3.877   -1.860  1.00 29.52 ? 39   LEU A CB  1 
ATOM   304 C CG  . LEU A 1 65 ? -3.846  3.637   -2.191  1.00 33.59 ? 39   LEU A CG  1 
ATOM   305 C CD1 . LEU A 1 65 ? -4.200  4.140   -3.595  1.00 34.21 ? 39   LEU A CD1 1 
ATOM   306 C CD2 . LEU A 1 65 ? -4.089  2.130   -2.083  1.00 36.57 ? 39   LEU A CD2 1 
ATOM   307 N N   . GLU A 1 66 ? -1.510  6.047   0.209   1.00 24.85 ? 40   GLU A N   1 
ATOM   308 C CA  . GLU A 1 66 ? -1.781  6.877   1.393   1.00 24.67 ? 40   GLU A CA  1 
ATOM   309 C C   . GLU A 1 66 ? -1.628  8.358   1.048   1.00 23.21 ? 40   GLU A C   1 
ATOM   310 O O   . GLU A 1 66 ? -2.435  9.201   1.452   1.00 20.16 ? 40   GLU A O   1 
ATOM   311 C CB  . GLU A 1 66 ? -0.832  6.488   2.534   1.00 28.78 ? 40   GLU A CB  1 
ATOM   312 C CG  . GLU A 1 66 ? -1.210  5.164   3.178   1.00 34.53 ? 40   GLU A CG  1 
ATOM   313 C CD  . GLU A 1 66 ? -0.144  4.561   4.085   1.00 41.03 ? 40   GLU A CD  1 
ATOM   314 O OE1 . GLU A 1 66 ? 1.077   4.777   3.856   1.00 46.41 ? 40   GLU A OE1 1 
ATOM   315 O OE2 . GLU A 1 66 ? -0.549  3.823   5.014   1.00 46.41 ? 40   GLU A OE2 1 
ATOM   316 N N   . ASP A 1 67 ? -0.612  8.681   0.273   1.00 23.11 ? 41   ASP A N   1 
ATOM   317 C CA  . ASP A 1 67 ? -0.448  10.043  -0.188  1.00 22.74 ? 41   ASP A CA  1 
ATOM   318 C C   . ASP A 1 67 ? -1.636  10.542  -1.020  1.00 21.13 ? 41   ASP A C   1 
ATOM   319 O O   . ASP A 1 67 ? -2.092  11.671  -0.863  1.00 20.37 ? 41   ASP A O   1 
ATOM   320 C CB  . ASP A 1 67 ? 0.810   10.202  -1.036  1.00 27.01 ? 41   ASP A CB  1 
ATOM   321 C CG  . ASP A 1 67 ? 2.072   10.024  -0.275  1.00 30.95 ? 41   ASP A CG  1 
ATOM   322 O OD1 . ASP A 1 67 ? 2.051   10.014  0.970   1.00 33.86 ? 41   ASP A OD1 1 
ATOM   323 O OD2 . ASP A 1 67 ? 3.122   9.879   -0.956  1.00 35.74 ? 41   ASP A OD2 1 
ATOM   324 N N   . LYS A 1 68 ? -2.129  9.715   -1.924  1.00 19.38 ? 42   LYS A N   1 
ATOM   325 C CA  . LYS A 1 68 ? -3.272  10.072  -2.736  1.00 20.12 ? 42   LYS A CA  1 
ATOM   326 C C   . LYS A 1 68 ? -4.517  10.232  -1.881  1.00 17.07 ? 42   LYS A C   1 
ATOM   327 O O   . LYS A 1 68 ? -5.336  11.103  -2.111  1.00 17.30 ? 42   LYS A O   1 
ATOM   328 C CB  . LYS A 1 68 ? -3.547  9.008   -3.815  1.00 22.08 ? 42   LYS A CB  1 
ATOM   329 C CG  . LYS A 1 68 ? -2.513  8.962   -4.911  1.00 27.72 ? 42   LYS A CG  1 
ATOM   330 C CD  . LYS A 1 68 ? -2.941  8.035   -6.031  1.00 31.71 ? 42   LYS A CD  1 
ATOM   331 C CE  . LYS A 1 68 ? -1.919  8.093   -7.163  1.00 38.06 ? 42   LYS A CE  1 
ATOM   332 N NZ  . LYS A 1 68 ? -1.492  6.753   -7.608  1.00 43.03 ? 42   LYS A NZ  1 
ATOM   333 N N   . VAL A 1 69 ? -4.701  9.406   -0.866  1.00 16.96 ? 43   VAL A N   1 
ATOM   334 C CA  . VAL A 1 69 ? -5.844  9.520   0.013   1.00 16.47 ? 43   VAL A CA  1 
ATOM   335 C C   . VAL A 1 69 ? -5.719  10.814  0.836   1.00 15.73 ? 43   VAL A C   1 
ATOM   336 O O   . VAL A 1 69 ? -6.721  11.513  1.009   1.00 15.62 ? 43   VAL A O   1 
ATOM   337 C CB  . VAL A 1 69 ? -5.963  8.283   0.898   1.00 17.35 ? 43   VAL A CB  1 
ATOM   338 C CG1 . VAL A 1 69 ? -6.964  8.472   2.031   1.00 17.40 ? 43   VAL A CG1 1 
ATOM   339 C CG2 . VAL A 1 69 ? -6.384  7.083   0.024   1.00 19.15 ? 43   VAL A CG2 1 
ATOM   340 N N   . GLU A 1 70 ? -4.517  11.191  1.285   1.00 17.36 ? 44   GLU A N   1 
ATOM   341 C CA  . GLU A 1 70 ? -4.373  12.448  2.049   1.00 19.95 ? 44   GLU A CA  1 
ATOM   342 C C   . GLU A 1 70 ? -4.706  13.583  1.143   1.00 19.42 ? 44   GLU A C   1 
ATOM   343 O O   . GLU A 1 70 ? -5.406  14.534  1.546   1.00 19.04 ? 44   GLU A O   1 
ATOM   344 C CB  . GLU A 1 70 ? -2.959  12.590  2.582   1.00 23.91 ? 44   GLU A CB  1 
ATOM   345 C CG  . GLU A 1 70 ? -2.688  13.714  3.600   1.00 29.06 ? 44   GLU A CG  1 
ATOM   346 C CD  . GLU A 1 70 ? -1.267  13.664  4.216   1.00 37.82 ? 44   GLU A CD  1 
ATOM   347 O OE1 . GLU A 1 70 ? -0.467  12.744  3.929   1.00 40.61 ? 44   GLU A OE1 1 
ATOM   348 O OE2 . GLU A 1 70 ? -0.910  14.560  5.006   1.00 42.15 ? 44   GLU A OE2 1 
ATOM   349 N N   . GLU A 1 71 ? -4.316  13.556  -0.127  1.00 18.30 ? 45   GLU A N   1 
ATOM   350 C CA  . GLU A 1 71 ? -4.654  14.643  -1.018  1.00 21.04 ? 45   GLU A CA  1 
ATOM   351 C C   . GLU A 1 71 ? -6.130  14.685  -1.270  1.00 16.79 ? 45   GLU A C   1 
ATOM   352 O O   . GLU A 1 71 ? -6.702  15.811  -1.334  1.00 17.38 ? 45   GLU A O   1 
ATOM   353 C CB  . GLU A 1 71 ? -3.883  14.584  -2.339  1.00 26.30 ? 45   GLU A CB  1 
ATOM   354 C CG  . GLU A 1 71 ? -4.361  15.519  -3.484  1.00 32.76 ? 45   GLU A CG  1 
ATOM   355 C CD  . GLU A 1 71 ? -4.082  17.057  -3.375  1.00 41.23 ? 45   GLU A CD  1 
ATOM   356 O OE1 . GLU A 1 71 ? -4.799  17.851  -2.655  1.00 43.05 ? 45   GLU A OE1 1 
ATOM   357 O OE2 . GLU A 1 71 ? -3.149  17.514  -4.108  1.00 47.54 ? 45   GLU A OE2 1 
ATOM   358 N N   . LEU A 1 72 ? -6.779  13.547  -1.454  1.00 15.51 ? 46   LEU A N   1 
ATOM   359 C CA  . LEU A 1 72 ? -8.212  13.508  -1.627  1.00 14.21 ? 46   LEU A CA  1 
ATOM   360 C C   . LEU A 1 72 ? -8.925  14.101  -0.423  1.00 13.53 ? 46   LEU A C   1 
ATOM   361 O O   . LEU A 1 72 ? -9.903  14.832  -0.574  1.00 14.24 ? 46   LEU A O   1 
ATOM   362 C CB  . LEU A 1 72 ? -8.716  12.074  -1.851  1.00 15.26 ? 46   LEU A CB  1 
ATOM   363 C CG  . LEU A 1 72 ? -8.624  11.571  -3.259  1.00 17.17 ? 46   LEU A CG  1 
ATOM   364 C CD1 . LEU A 1 72 ? -8.689  10.058  -3.244  1.00 18.57 ? 46   LEU A CD1 1 
ATOM   365 C CD2 . LEU A 1 72 ? -9.727  12.169  -4.112  1.00 18.18 ? 46   LEU A CD2 1 
ATOM   366 N N   . LEU A 1 73 ? -8.458  13.789  0.766   1.00 13.14 ? 47   LEU A N   1 
ATOM   367 C CA  . LEU A 1 73 ? -9.092  14.381  1.957   1.00 14.63 ? 47   LEU A CA  1 
ATOM   368 C C   . LEU A 1 73 ? -9.035  15.896  1.877   1.00 13.02 ? 47   LEU A C   1 
ATOM   369 O O   . LEU A 1 73 ? -10.008 16.583  2.169   1.00 12.53 ? 47   LEU A O   1 
ATOM   370 C CB  . LEU A 1 73 ? -8.464  13.873  3.233   1.00 16.38 ? 47   LEU A CB  1 
ATOM   371 C CG  . LEU A 1 73 ? -8.802  12.429  3.615   1.00 19.31 ? 47   LEU A CG  1 
ATOM   372 C CD1 . LEU A 1 73 ? -7.763  11.898  4.553   1.00 21.47 ? 47   LEU A CD1 1 
ATOM   373 C CD2 . LEU A 1 73 ? -10.180 12.255  4.190   1.00 20.54 ? 47   LEU A CD2 1 
ATOM   374 N N   . SER A 1 74 ? -7.910  16.459  1.480   1.00 13.26 ? 48   SER A N   1 
ATOM   375 C CA  . SER A 1 74 ? -7.829  17.924  1.344   1.00 14.13 ? 48   SER A CA  1 
ATOM   376 C C   . SER A 1 74 ? -8.680  18.467  0.214   1.00 13.44 ? 48   SER A C   1 
ATOM   377 O O   . SER A 1 74 ? -9.320  19.498  0.378   1.00 13.84 ? 48   SER A O   1 
ATOM   378 C CB  . SER A 1 74 ? -6.383  18.322  1.149   1.00 16.65 ? 48   SER A CB  1 
ATOM   379 O OG  . SER A 1 74 ? -5.683  18.379  2.450   1.00 20.06 ? 48   SER A OG  1 
ATOM   380 N N   . LYS A 1 75 ? -8.747  17.779  -0.939  1.00 13.05 ? 49   LYS A N   1 
ATOM   381 C CA  . LYS A 1 75 ? -9.561  18.270  -2.024  1.00 13.51 ? 49   LYS A CA  1 
ATOM   382 C C   . LYS A 1 75 ? -11.042 18.236  -1.586  1.00 12.08 ? 49   LYS A C   1 
ATOM   383 O O   . LYS A 1 75 ? -11.789 19.157  -1.921  1.00 12.69 ? 49   LYS A O   1 
ATOM   384 C CB  . LYS A 1 75 ? -9.383  17.415  -3.259  1.00 15.04 ? 49   LYS A CB  1 
ATOM   385 C CG  . LYS A 1 75 ? -8.043  17.602  -3.957  1.00 19.72 ? 49   LYS A CG  1 
ATOM   386 C CD  . LYS A 1 75 ? -8.062  16.717  -5.224  1.00 23.56 ? 49   LYS A CD  1 
ATOM   387 C CE  . LYS A 1 75 ? -6.721  16.372  -5.792  1.00 29.86 ? 49   LYS A CE  1 
ATOM   388 N NZ  . LYS A 1 75 ? -6.268  17.614  -6.440  1.00 33.39 ? 49   LYS A NZ  1 
ATOM   389 N N   . VAL A 1 76 ? -11.454 17.209  -0.872  1.00 11.92 ? 50   VAL A N   1 
ATOM   390 C CA  . VAL A 1 76 ? -12.842 17.128  -0.391  1.00 11.64 ? 50   VAL A CA  1 
ATOM   391 C C   . VAL A 1 76 ? -13.150 18.220  0.600   1.00 11.65 ? 50   VAL A C   1 
ATOM   392 O O   . VAL A 1 76 ? -14.218 18.835  0.536   1.00 11.94 ? 50   VAL A O   1 
ATOM   393 C CB  . VAL A 1 76 ? -13.101 15.725  0.118   1.00 13.26 ? 50   VAL A CB  1 
ATOM   394 C CG1 . VAL A 1 76 ? -14.376 15.652  0.953   1.00 13.87 ? 50   VAL A CG1 1 
ATOM   395 C CG2 . VAL A 1 76 ? -13.184 14.752  -1.049  1.00 13.74 ? 50   VAL A CG2 1 
ATOM   396 N N   . TYR A 1 77 ? -12.228 18.478  1.532   1.00 12.37 ? 51   TYR A N   1 
ATOM   397 C CA  . TYR A 1 77 ? -12.469 19.535  2.515   1.00 13.23 ? 51   TYR A CA  1 
ATOM   398 C C   . TYR A 1 77 ? -12.603 20.867  1.805   1.00 12.68 ? 51   TYR A C   1 
ATOM   399 O O   . TYR A 1 77 ? -13.455 21.690  2.140   1.00 13.61 ? 51   TYR A O   1 
ATOM   400 C CB  . TYR A 1 77 ? -11.336 19.508  3.543   1.00 14.71 ? 51   TYR A CB  1 
ATOM   401 C CG  . TYR A 1 77 ? -11.496 20.524  4.675   1.00 16.52 ? 51   TYR A CG  1 
ATOM   402 C CD1 . TYR A 1 77 ? -12.546 20.446  5.567   1.00 20.88 ? 51   TYR A CD1 1 
ATOM   403 C CD2 . TYR A 1 77 ? -10.696 21.593  4.759   1.00 17.22 ? 51   TYR A CD2 1 
ATOM   404 C CE1 . TYR A 1 77 ? -12.668 21.382  6.595   1.00 22.13 ? 51   TYR A CE1 1 
ATOM   405 C CE2 . TYR A 1 77 ? -10.814 22.515  5.767   1.00 19.60 ? 51   TYR A CE2 1 
ATOM   406 C CZ  . TYR A 1 77 ? -11.789 22.404  6.665   1.00 20.11 ? 51   TYR A CZ  1 
ATOM   407 O OH  . TYR A 1 77 ? -11.928 23.377  7.641   1.00 21.50 ? 51   TYR A OH  1 
ATOM   408 N N   . HIS A 1 78 ? -11.770 21.125  0.809   1.00 13.01 ? 52   HIS A N   1 
ATOM   409 C CA  . HIS A 1 78 ? -11.859 22.355  0.063   1.00 14.48 ? 52   HIS A CA  1 
ATOM   410 C C   . HIS A 1 78 ? -13.212 22.457  -0.627  1.00 13.03 ? 52   HIS A C   1 
ATOM   411 O O   . HIS A 1 78 ? -13.833 23.530  -0.606  1.00 13.71 ? 52   HIS A O   1 
ATOM   412 C CB  . HIS A 1 78 ? -10.723 22.469  -0.933  1.00 16.75 ? 52   HIS A CB  1 
ATOM   413 C CG  . HIS A 1 78 ? -10.785 23.673  -1.801  1.00 21.85 ? 52   HIS A CG  1 
ATOM   414 N ND1 . HIS A 1 78 ? -10.753 24.938  -1.284  1.00 28.54 ? 52   HIS A ND1 1 
ATOM   415 C CD2 . HIS A 1 78 ? -10.983 23.812  -3.131  1.00 24.91 ? 52   HIS A CD2 1 
ATOM   416 C CE1 . HIS A 1 78 ? -10.825 25.810  -2.274  1.00 28.51 ? 52   HIS A CE1 1 
ATOM   417 N NE2 . HIS A 1 78 ? -10.938 25.150  -3.408  1.00 27.99 ? 52   HIS A NE2 1 
ATOM   418 N N   . LEU A 1 79 ? -13.675 21.379  -1.258  1.00 12.65 ? 53   LEU A N   1 
ATOM   419 C CA  . LEU A 1 79 ? -14.990 21.424  -1.870  1.00 12.23 ? 53   LEU A CA  1 
ATOM   420 C C   . LEU A 1 79 ? -16.074 21.663  -0.853  1.00 11.83 ? 53   LEU A C   1 
ATOM   421 O O   . LEU A 1 79 ? -17.020 22.409  -1.161  1.00 12.38 ? 53   LEU A O   1 
ATOM   422 C CB  . LEU A 1 79 ? -15.252 20.096  -2.591  1.00 12.23 ? 53   LEU A CB  1 
ATOM   423 C CG  . LEU A 1 79 ? -14.578 19.909  -3.916  1.00 13.32 ? 53   LEU A CG  1 
ATOM   424 C CD1 . LEU A 1 79 ? -14.581 18.467  -4.294  1.00 14.23 ? 53   LEU A CD1 1 
ATOM   425 C CD2 . LEU A 1 79 ? -15.313 20.707  -4.956  1.00 16.28 ? 53   LEU A CD2 1 
ATOM   426 N N   . GLU A 1 80 ? -15.990 21.090  0.335   1.00 11.66 ? 54   GLU A N   1 
ATOM   427 C CA  . GLU A 1 80 ? -16.970 21.337  1.380   1.00 12.73 ? 54   GLU A CA  1 
ATOM   428 C C   . GLU A 1 80 ? -16.992 22.809  1.721   1.00 12.50 ? 54   GLU A C   1 
ATOM   429 O O   . GLU A 1 80 ? -18.081 23.385  1.880   1.00 13.53 ? 54   GLU A O   1 
ATOM   430 C CB  . GLU A 1 80 ? -16.657 20.492  2.600   1.00 13.84 ? 54   GLU A CB  1 
ATOM   431 C CG  . GLU A 1 80 ? -16.950 19.009  2.411   1.00 14.60 ? 54   GLU A CG  1 
ATOM   432 C CD  . GLU A 1 80 ? -16.428 18.071  3.433   1.00 17.46 ? 54   GLU A CD  1 
ATOM   433 O OE1 . GLU A 1 80 ? -15.513 18.516  4.196   1.00 20.24 ? 54   GLU A OE1 1 
ATOM   434 O OE2 . GLU A 1 80 ? -16.853 16.891  3.549   1.00 19.78 ? 54   GLU A OE2 1 
ATOM   435 N N   . ASN A 1 81 ? -15.847 23.468  1.787   1.00 13.54 ? 55   ASN A N   1 
ATOM   436 C CA  . ASN A 1 81 ? -15.842 24.892  2.090   1.00 14.29 ? 55   ASN A CA  1 
ATOM   437 C C   . ASN A 1 81 ? -16.388 25.692  0.943   1.00 14.07 ? 55   ASN A C   1 
ATOM   438 O O   . ASN A 1 81 ? -17.117 26.678  1.177   1.00 15.28 ? 55   ASN A O   1 
ATOM   439 C CB  . ASN A 1 81 ? -14.432 25.288  2.473   1.00 17.53 ? 55   ASN A CB  1 
ATOM   440 C CG  . ASN A 1 81 ? -14.031 24.682  3.830   1.00 21.03 ? 55   ASN A CG  1 
ATOM   441 O OD1 . ASN A 1 81 ? -14.865 24.395  4.710   1.00 25.93 ? 55   ASN A OD1 1 
ATOM   442 N ND2 . ASN A 1 81 ? -12.730 24.506  4.015   1.00 24.89 ? 55   ASN A ND2 1 
ATOM   443 N N   . GLU A 1 82 ? -16.087 25.333  -0.282  1.00 13.52 ? 56   GLU A N   1 
ATOM   444 C CA  A GLU A 1 82 ? -16.628 26.070  -1.428  0.50 14.01 ? 56   GLU A CA  1 
ATOM   445 C CA  B GLU A 1 82 ? -16.649 26.065  -1.398  0.50 14.01 ? 56   GLU A CA  1 
ATOM   446 C C   . GLU A 1 82 ? -18.147 25.906  -1.518  1.00 13.31 ? 56   GLU A C   1 
ATOM   447 O O   . GLU A 1 82 ? -18.843 26.877  -1.843  1.00 14.11 ? 56   GLU A O   1 
ATOM   448 C CB  A GLU A 1 82 ? -15.978 25.620  -2.745  0.50 15.20 ? 56   GLU A CB  1 
ATOM   449 C CB  B GLU A 1 82 ? -16.019 25.567  -2.658  0.50 15.32 ? 56   GLU A CB  1 
ATOM   450 C CG  A GLU A 1 82 ? -14.498 25.980  -2.941  0.50 17.28 ? 56   GLU A CG  1 
ATOM   451 C CG  B GLU A 1 82 ? -14.534 25.802  -2.693  0.50 17.09 ? 56   GLU A CG  1 
ATOM   452 C CD  A GLU A 1 82 ? -14.236 27.457  -3.261  0.50 19.74 ? 56   GLU A CD  1 
ATOM   453 C CD  B GLU A 1 82 ? -14.009 25.297  -3.964  0.50 19.42 ? 56   GLU A CD  1 
ATOM   454 O OE1 A GLU A 1 82 ? -15.014 28.132  -3.981  0.50 20.92 ? 56   GLU A OE1 1 
ATOM   455 O OE1 B GLU A 1 82 ? -14.030 24.071  -4.103  0.50 18.91 ? 56   GLU A OE1 1 
ATOM   456 O OE2 A GLU A 1 82 ? -13.167 27.997  -2.856  0.50 24.88 ? 56   GLU A OE2 1 
ATOM   457 O OE2 B GLU A 1 82 ? -13.630 26.105  -4.798  0.50 23.60 ? 56   GLU A OE2 1 
ATOM   458 N N   . VAL A 1 83 ? -18.639 24.695  -1.290  1.00 12.95 ? 57   VAL A N   1 
ATOM   459 C CA  . VAL A 1 83 ? -20.086 24.473  -1.303  1.00 13.75 ? 57   VAL A CA  1 
ATOM   460 C C   . VAL A 1 83 ? -20.743 25.283  -0.191  1.00 13.50 ? 57   VAL A C   1 
ATOM   461 O O   . VAL A 1 83 ? -21.795 25.928  -0.397  1.00 14.16 ? 57   VAL A O   1 
ATOM   462 C CB  . VAL A 1 83 ? -20.432 22.981  -1.217  1.00 14.78 ? 57   VAL A CB  1 
ATOM   463 C CG1 . VAL A 1 83 ? -21.897 22.741  -0.871  1.00 16.61 ? 57   VAL A CG1 1 
ATOM   464 C CG2 . VAL A 1 83 ? -20.097 22.321  -2.513  1.00 15.27 ? 57   VAL A CG2 1 
ATOM   465 N N   . ALA A 1 84 ? -20.155 25.324  1.007   1.00 13.65 ? 58   ALA A N   1 
ATOM   466 C CA  . ALA A 1 84 ? -20.717 26.132  2.096   1.00 14.92 ? 58   ALA A CA  1 
ATOM   467 C C   . ALA A 1 84 ? -20.773 27.581  1.730   1.00 14.86 ? 58   ALA A C   1 
ATOM   468 O O   . ALA A 1 84 ? -21.754 28.274  2.044   1.00 15.76 ? 58   ALA A O   1 
ATOM   469 C CB  . ALA A 1 84 ? -19.906 25.919  3.348   1.00 16.15 ? 58   ALA A CB  1 
ATOM   470 N N   . ARG A 1 85 ? -19.740 28.104  1.073   1.00 14.67 ? 59   ARG A N   1 
ATOM   471 C CA  . ARG A 1 85 ? -19.752 29.489  0.718   1.00 15.77 ? 59   ARG A CA  1 
ATOM   472 C C   . ARG A 1 85 ? -20.795 29.815  -0.351  1.00 16.12 ? 59   ARG A C   1 
ATOM   473 O O   . ARG A 1 85 ? -21.501 30.820  -0.243  1.00 16.54 ? 59   ARG A O   1 
ATOM   474 C CB  . ARG A 1 85 ? -18.360 29.909  0.233   1.00 17.90 ? 59   ARG A CB  1 
ATOM   475 C CG  . ARG A 1 85 ? -18.241 31.382  -0.104  1.00 21.44 ? 59   ARG A CG  1 
ATOM   476 C CD  . ARG A 1 85 ? -16.813 31.947  -0.243  1.00 26.62 ? 59   ARG A CD  1 
ATOM   477 N NE  . ARG A 1 85 ? -16.090 31.320  -1.358  1.00 29.85 ? 59   ARG A NE  1 
ATOM   478 C CZ  . ARG A 1 85 ? -15.729 31.930  -2.504  1.00 34.54 ? 59   ARG A CZ  1 
ATOM   479 N NH1 . ARG A 1 85 ? -15.966 33.197  -2.697  1.00 38.39 ? 59   ARG A NH1 1 
ATOM   480 N NH2 . ARG A 1 85 ? -15.078 31.245  -3.455  1.00 34.94 ? 59   ARG A NH2 1 
ATOM   481 N N   . LEU A 1 86 ? -20.942 28.919  -1.334  1.00 15.54 ? 60   LEU A N   1 
ATOM   482 C CA  . LEU A 1 86 ? -22.048 29.063  -2.316  1.00 16.05 ? 60   LEU A CA  1 
ATOM   483 C C   . LEU A 1 86 ? -23.417 29.050  -1.670  1.00 15.54 ? 60   LEU A C   1 
ATOM   484 O O   . LEU A 1 86 ? -24.261 29.871  -2.029  1.00 16.29 ? 60   LEU A O   1 
ATOM   485 C CB  . LEU A 1 86 ? -22.007 27.936  -3.338  1.00 16.92 ? 60   LEU A CB  1 
ATOM   486 C CG  . LEU A 1 86 ? -21.010 28.177  -4.458  1.00 19.09 ? 60   LEU A CG  1 
ATOM   487 C CD1 . LEU A 1 86 ? -20.786 26.865  -5.179  1.00 20.31 ? 60   LEU A CD1 1 
ATOM   488 C CD2 . LEU A 1 86 ? -21.387 29.296  -5.410  1.00 21.67 ? 60   LEU A CD2 1 
ATOM   489 N N   . LYS A 1 87 ? -23.627 28.147  -0.714  1.00 14.66 ? 61   LYS A N   1 
ATOM   490 C CA  . LYS A 1 87 ? -24.900 28.128  0.014   1.00 16.53 ? 61   LYS A CA  1 
ATOM   491 C C   . LYS A 1 87 ? -25.151 29.414  0.740   1.00 15.96 ? 61   LYS A C   1 
ATOM   492 O O   . LYS A 1 87 ? -26.287 29.932  0.720   1.00 17.58 ? 61   LYS A O   1 
ATOM   493 C CB  . LYS A 1 87 ? -24.920 26.986  1.009   1.00 17.47 ? 61   LYS A CB  1 
ATOM   494 C CG  . LYS A 1 87 ? -24.946 25.647  0.300   1.00 18.43 ? 61   LYS A CG  1 
ATOM   495 C CD  . LYS A 1 87 ? -24.682 24.495  1.196   1.00 21.86 ? 61   LYS A CD  1 
ATOM   496 C CE  . LYS A 1 87 ? -25.751 24.322  2.189   1.00 24.62 ? 61   LYS A CE  1 
ATOM   497 N NZ  . LYS A 1 87 ? -25.378 23.046  2.863   1.00 27.82 ? 61   LYS A NZ  1 
ATOM   498 N N   . LYS A 1 88 ? -24.123 29.981  1.357   1.00 16.82 ? 62   LYS A N   1 
ATOM   499 C CA  . LYS A 1 88 ? -24.319 31.300  2.024   1.00 17.96 ? 62   LYS A CA  1 
ATOM   500 C C   . LYS A 1 88 ? -24.657 32.376  0.994   1.00 18.00 ? 62   LYS A C   1 
ATOM   501 O O   . LYS A 1 88 ? -25.483 33.277  1.260   1.00 19.33 ? 62   LYS A O   1 
ATOM   502 C CB  . LYS A 1 88 ? -23.102 31.751  2.780   1.00 21.45 ? 62   LYS A CB  1 
ATOM   503 C CG  . LYS A 1 88 ? -22.621 30.921  3.940   1.00 24.98 ? 62   LYS A CG  1 
ATOM   504 C CD  . LYS A 1 88 ? -23.674 30.559  4.938   1.00 29.97 ? 62   LYS A CD  1 
ATOM   505 C CE  . LYS A 1 88 ? -23.009 30.270  6.297   1.00 34.42 ? 62   LYS A CE  1 
ATOM   506 N NZ  . LYS A 1 88 ? -21.666 29.583  6.253   1.00 39.90 ? 62   LYS A NZ  1 
ATOM   507 N N   . LEU A 1 89 ? -24.019 32.348  -0.159  1.00 16.89 ? 63   LEU A N   1 
ATOM   508 C CA  . LEU A 1 89 ? -24.216 33.407  -1.159  1.00 18.31 ? 63   LEU A CA  1 
ATOM   509 C C   . LEU A 1 89 ? -25.633 33.382  -1.664  1.00 18.69 ? 63   LEU A C   1 
ATOM   510 O O   . LEU A 1 89 ? -26.253 34.445  -1.894  1.00 19.51 ? 63   LEU A O   1 
ATOM   511 C CB  . LEU A 1 89 ? -23.263 33.203  -2.307  1.00 19.82 ? 63   LEU A CB  1 
ATOM   512 C CG  . LEU A 1 89 ? -23.309 34.124  -3.548  1.00 24.06 ? 63   LEU A CG  1 
ATOM   513 C CD1 . LEU A 1 89 ? -22.045 33.990  -4.362  1.00 27.49 ? 63   LEU A CD1 1 
ATOM   514 C CD2 . LEU A 1 89 ? -24.454 33.945  -4.483  1.00 27.08 ? 63   LEU A CD2 1 
ATOM   515 N N   . VAL A 1 90 ? -26.218 32.207  -1.835  1.00 16.76 ? 64   VAL A N   1 
ATOM   516 C CA  . VAL A 1 90 ? -27.587 32.131  -2.359  1.00 18.16 ? 64   VAL A CA  1 
ATOM   517 C C   . VAL A 1 90 ? -28.626 32.024  -1.246  1.00 18.07 ? 64   VAL A C   1 
ATOM   518 O O   . VAL A 1 90 ? -29.817 31.968  -1.525  1.00 18.69 ? 64   VAL A O   1 
ATOM   519 C CB  . VAL A 1 90 ? -27.763 31.020  -3.354  1.00 17.56 ? 64   VAL A CB  1 
ATOM   520 C CG1 . VAL A 1 90 ? -26.866 31.226  -4.558  1.00 18.63 ? 64   VAL A CG1 1 
ATOM   521 C CG2 . VAL A 1 90 ? -27.595 29.670  -2.729  1.00 17.39 ? 64   VAL A CG2 1 
ATOM   522 N N   . GLY A 1 91 ? -28.182 32.050  0.017   1.00 17.82 ? 65   GLY A N   1 
ATOM   523 C CA  . GLY A 1 91 ? -29.038 31.938  1.173   1.00 20.02 ? 65   GLY A CA  1 
ATOM   524 C C   . GLY A 1 91 ? -29.701 30.612  1.359   1.00 19.89 ? 65   GLY A C   1 
ATOM   525 O O   . GLY A 1 91 ? -30.785 30.524  1.933   1.00 21.97 ? 65   GLY A O   1 
ATOM   526 N N   . GLU A 1 92 ? -29.016 29.527  0.978   1.00 20.46 ? 66   GLU A N   1 
ATOM   527 C CA  . GLU A 1 92 ? -29.548 28.201  1.161   1.00 21.58 ? 66   GLU A CA  1 
ATOM   528 C C   . GLU A 1 92 ? -29.148 27.708  2.516   1.00 24.66 ? 66   GLU A C   1 
ATOM   529 O O   . GLU A 1 92 ? -27.951 27.673  2.843   1.00 25.13 ? 66   GLU A O   1 
ATOM   530 C CB  . GLU A 1 92 ? -28.986 27.252  0.108   1.00 22.71 ? 66   GLU A CB  1 
ATOM   531 C CG  . GLU A 1 92 ? -29.693 25.941  0.102   1.00 24.29 ? 66   GLU A CG  1 
ATOM   532 C CD  . GLU A 1 92 ? -29.098 24.995  -0.918  1.00 26.60 ? 66   GLU A CD  1 
ATOM   533 O OE1 . GLU A 1 92 ? -28.006 24.562  -0.608  1.00 24.60 ? 66   GLU A OE1 1 
ATOM   534 O OE2 . GLU A 1 92 ? -29.697 24.674  -1.988  1.00 28.48 ? 66   GLU A OE2 1 
ATOM   535 N N   . ARG A 1 93 ? -30.121 27.348  3.315   1.00 27.05 ? 67   ARG A N   1 
ATOM   536 C CA  . ARG A 1 93 ? -29.874 26.710  4.597   1.00 32.93 ? 67   ARG A CA  1 
ATOM   537 C C   . ARG A 1 93 ? -29.616 25.206  4.394   1.00 37.30 ? 67   ARG A C   1 
ATOM   538 O O   . ARG A 1 93 ? -29.324 24.677  3.271   1.00 38.35 ? 67   ARG A O   1 
ATOM   539 C CB  . ARG A 1 93 ? -31.054 26.999  5.533   1.00 35.30 ? 67   ARG A CB  1 
ATOM   540 C CG  . ARG A 1 93 ? -31.265 28.501  5.777   1.00 36.69 ? 67   ARG A CG  1 
ATOM   541 C CD  . ARG A 1 93 ? -32.293 28.813  6.877   1.00 40.98 ? 67   ARG A CD  1 
ATOM   542 O OXT . ARG A 1 93 ? -29.622 24.491  5.394   1.00 39.61 ? 67   ARG A OXT 1 
HETATM 543 O O   . HOH B 2 .  ? 14.668  -31.872 -1.458  1.00 34.20 ? 2001 HOH A O   1 
HETATM 544 O O   . HOH B 2 .  ? 20.840  -31.018 -2.859  1.00 34.77 ? 2002 HOH A O   1 
HETATM 545 O O   . HOH B 2 .  ? 13.597  -29.176 -2.429  1.00 35.93 ? 2003 HOH A O   1 
HETATM 546 O O   . HOH B 2 .  ? 21.491  -38.895 -2.060  1.00 33.11 ? 2004 HOH A O   1 
HETATM 547 O O   . HOH B 2 .  ? 24.455  -35.809 -0.433  1.00 35.61 ? 2005 HOH A O   1 
HETATM 548 O O   . HOH B 2 .  ? 24.509  -40.219 0.168   1.00 27.36 ? 2006 HOH A O   1 
HETATM 549 O O   . HOH B 2 .  ? 15.485  -41.423 10.928  1.00 29.39 ? 2007 HOH A O   1 
HETATM 550 O O   . HOH B 2 .  ? 17.196  -39.125 10.998  1.00 41.94 ? 2008 HOH A O   1 
HETATM 551 O O   . HOH B 2 .  ? 14.544  -38.368 10.112  1.00 44.72 ? 2009 HOH A O   1 
HETATM 552 O O   . HOH B 2 .  ? 13.388  -37.850 4.916   1.00 32.55 ? 2010 HOH A O   1 
HETATM 553 O O   . HOH B 2 .  ? 13.537  -42.328 6.687   1.00 56.09 ? 2011 HOH A O   1 
HETATM 554 O O   . HOH B 2 .  ? 11.960  -40.420 7.620   1.00 38.20 ? 2012 HOH A O   1 
HETATM 555 O O   . HOH B 2 .  ? 19.207  -15.984 -7.180  1.00 46.90 ? 2013 HOH A O   1 
HETATM 556 O O   . HOH B 2 .  ? 8.114   -25.813 -6.645  1.00 48.87 ? 2014 HOH A O   1 
HETATM 557 O O   . HOH B 2 .  ? 18.665  -15.309 -0.453  1.00 41.29 ? 2015 HOH A O   1 
HETATM 558 O O   . HOH B 2 .  ? 23.442  -21.998 -1.314  1.00 33.53 ? 2016 HOH A O   1 
HETATM 559 O O   . HOH B 2 .  ? 21.821  -18.199 5.987   1.00 29.74 ? 2017 HOH A O   1 
HETATM 560 O O   . HOH B 2 .  ? 11.401  -36.658 0.324   1.00 57.06 ? 2018 HOH A O   1 
HETATM 561 O O   . HOH B 2 .  ? 14.203  -17.093 -7.646  1.00 38.35 ? 2019 HOH A O   1 
HETATM 562 O O   . HOH B 2 .  ? 21.205  -25.184 1.349   1.00 17.35 ? 2020 HOH A O   1 
HETATM 563 O O   . HOH B 2 .  ? 17.811  -28.294 -5.018  1.00 23.79 ? 2021 HOH A O   1 
HETATM 564 O O   . HOH B 2 .  ? 9.523   -34.165 0.149   1.00 46.06 ? 2022 HOH A O   1 
HETATM 565 O O   . HOH B 2 .  ? 21.603  -18.698 -5.780  1.00 32.18 ? 2023 HOH A O   1 
HETATM 566 O O   . HOH B 2 .  ? 19.535  -17.655 -5.447  1.00 46.73 ? 2024 HOH A O   1 
HETATM 567 O O   . HOH B 2 .  ? 0.259   11.668  -4.982  1.00 50.85 ? 2025 HOH A O   1 
HETATM 568 O O   . HOH B 2 .  ? 10.154  -23.697 -0.059  1.00 27.48 ? 2026 HOH A O   1 
HETATM 569 O O   . HOH B 2 .  ? 10.432  -24.245 -7.605  1.00 30.01 ? 2027 HOH A O   1 
HETATM 570 O O   . HOH B 2 .  ? 9.403   -27.383 -3.453  1.00 45.29 ? 2028 HOH A O   1 
HETATM 571 O O   . HOH B 2 .  ? 16.366  -15.524 1.624   1.00 28.19 ? 2029 HOH A O   1 
HETATM 572 O O   . HOH B 2 .  ? 21.626  -22.506 0.832   1.00 20.03 ? 2030 HOH A O   1 
HETATM 573 O O   . HOH B 2 .  ? 20.508  -18.758 -0.772  1.00 34.98 ? 2031 HOH A O   1 
HETATM 574 O O   . HOH B 2 .  ? 22.370  -19.395 3.242   1.00 37.80 ? 2032 HOH A O   1 
HETATM 575 O O   . HOH B 2 .  ? 19.219  -19.267 5.540   1.00 18.49 ? 2033 HOH A O   1 
HETATM 576 O O   . HOH B 2 .  ? -8.359  21.656  -3.675  1.00 30.41 ? 2034 HOH A O   1 
HETATM 577 O O   . HOH B 2 .  ? 14.303  -15.576 -5.171  1.00 33.55 ? 2035 HOH A O   1 
HETATM 578 O O   . HOH B 2 .  ? 18.782  -17.302 -2.114  1.00 39.17 ? 2036 HOH A O   1 
HETATM 579 O O   . HOH B 2 .  ? 14.837  -22.276 -5.850  1.00 21.82 ? 2037 HOH A O   1 
HETATM 580 O O   . HOH B 2 .  ? 6.913   -23.632 -2.963  1.00 47.97 ? 2038 HOH A O   1 
HETATM 581 O O   . HOH B 2 .  ? 7.990   -24.891 0.338   1.00 51.61 ? 2039 HOH A O   1 
HETATM 582 O O   . HOH B 2 .  ? -19.163 22.665  5.637   1.00 45.10 ? 2040 HOH A O   1 
HETATM 583 O O   . HOH B 2 .  ? -13.192 17.654  7.962   1.00 37.76 ? 2041 HOH A O   1 
HETATM 584 O O   . HOH B 2 .  ? 14.671  -10.114 -1.421  1.00 33.11 ? 2042 HOH A O   1 
HETATM 585 O O   . HOH B 2 .  ? 9.315   -10.970 -5.886  1.00 35.12 ? 2043 HOH A O   1 
HETATM 586 O O   . HOH B 2 .  ? 16.769  -11.122 0.112   1.00 45.35 ? 2044 HOH A O   1 
HETATM 587 O O   . HOH B 2 .  ? 15.687  -12.937 1.964   1.00 33.29 ? 2045 HOH A O   1 
HETATM 588 O O   . HOH B 2 .  ? 14.563  -7.285  -0.802  1.00 46.53 ? 2046 HOH A O   1 
HETATM 589 O O   . HOH B 2 .  ? -0.295  2.659   -5.129  1.00 46.46 ? 2047 HOH A O   1 
HETATM 590 O O   . HOH B 2 .  ? 1.113   9.294   -4.355  1.00 39.15 ? 2048 HOH A O   1 
HETATM 591 O O   . HOH B 2 .  ? -3.409  8.679   4.300   1.00 38.67 ? 2049 HOH A O   1 
HETATM 592 O O   . HOH B 2 .  ? -0.327  13.604  -0.067  1.00 36.57 ? 2050 HOH A O   1 
HETATM 593 O O   . HOH B 2 .  ? 1.106   7.883   -9.887  1.00 58.33 ? 2051 HOH A O   1 
HETATM 594 O O   . HOH B 2 .  ? -0.404  6.101   -10.245 1.00 44.67 ? 2052 HOH A O   1 
HETATM 595 O O   . HOH B 2 .  ? -2.758  4.258   -6.771  1.00 53.89 ? 2053 HOH A O   1 
HETATM 596 O O   . HOH B 2 .  ? -2.418  16.126  4.909   1.00 33.57 ? 2054 HOH A O   1 
HETATM 597 O O   . HOH B 2 .  ? -2.549  17.357  -0.863  1.00 43.92 ? 2055 HOH A O   1 
HETATM 598 O O   . HOH B 2 .  ? -6.447  20.410  -2.088  1.00 31.52 ? 2056 HOH A O   1 
HETATM 599 O O   . HOH B 2 .  ? -11.915 15.528  3.981   1.00 18.20 ? 2057 HOH A O   1 
HETATM 600 O O   . HOH B 2 .  ? -6.661  20.662  3.349   1.00 20.39 ? 2058 HOH A O   1 
HETATM 601 O O   . HOH B 2 .  ? -13.904 23.350  9.429   1.00 33.33 ? 2059 HOH A O   1 
HETATM 602 O O   . HOH B 2 .  ? -20.251 22.053  3.165   1.00 29.54 ? 2060 HOH A O   1 
HETATM 603 O O   . HOH B 2 .  ? -13.826 16.819  5.407   1.00 22.26 ? 2061 HOH A O   1 
HETATM 604 O O   . HOH B 2 .  ? -16.157 20.323  6.275   1.00 33.95 ? 2062 HOH A O   1 
HETATM 605 O O   . HOH B 2 .  ? -17.262 15.702  5.905   0.50 29.61 ? 2063 HOH A O   1 
HETATM 606 O O   . HOH B 2 .  ? -19.115 16.061  2.335   1.00 19.45 ? 2064 HOH A O   1 
HETATM 607 O O   . HOH B 2 .  ? -19.772 18.571  4.886   1.00 48.68 ? 2065 HOH A O   1 
HETATM 608 O O   . HOH B 2 .  ? -16.999 28.134  3.466   1.00 26.12 ? 2066 HOH A O   1 
HETATM 609 O O   . HOH B 2 .  ? -14.990 28.993  -0.600  0.50 21.22 ? 2067 HOH A O   1 
HETATM 610 O O   . HOH B 2 .  ? -16.545 22.678  5.637   1.00 45.53 ? 2068 HOH A O   1 
HETATM 611 O O   . HOH B 2 .  ? -14.587 29.298  -2.446  0.50 20.82 ? 2069 HOH A O   1 
HETATM 612 O O   . HOH B 2 .  ? -12.783 23.194  -6.194  1.00 30.99 ? 2070 HOH A O   1 
HETATM 613 O O   . HOH B 2 .  ? -23.306 27.071  4.346   1.00 26.31 ? 2071 HOH A O   1 
HETATM 614 O O   . HOH B 2 .  ? -20.938 33.675  0.552   1.00 33.72 ? 2072 HOH A O   1 
HETATM 615 O O   . HOH B 2 .  ? -22.674 23.451  3.893   1.00 36.90 ? 2073 HOH A O   1 
HETATM 616 O O   . HOH B 2 .  ? -27.305 22.795  4.797   1.00 38.23 ? 2074 HOH A O   1 
HETATM 617 O O   . HOH B 2 .  ? -22.825 35.479  1.708   1.00 30.72 ? 2075 HOH A O   1 
HETATM 618 O O   . HOH B 2 .  ? -26.842 33.496  3.673   1.00 32.64 ? 2076 HOH A O   1 
HETATM 619 O O   . HOH B 2 .  ? -19.200 29.534  4.678   1.00 28.33 ? 2077 HOH A O   1 
HETATM 620 O O   . HOH B 2 .  ? -27.367 30.441  4.249   1.00 38.96 ? 2078 HOH A O   1 
HETATM 621 O O   . HOH B 2 .  ? -25.926 27.441  4.694   1.00 35.24 ? 2079 HOH A O   1 
HETATM 622 O O   . HOH B 2 .  ? -26.916 22.360  -1.307  1.00 19.70 ? 2080 HOH A O   1 
HETATM 623 O O   . HOH B 2 .  ? -32.295 24.870  -2.245  1.00 31.85 ? 2081 HOH A O   1 
HETATM 624 O O   . HOH B 2 .  ? -32.752 27.040  2.039   1.00 31.25 ? 2082 HOH A O   1 
HETATM 625 O O   . HOH B 2 .  ? -30.875 21.892  5.115   1.00 39.31 ? 2083 HOH A O   1 
HETATM 626 O O   . HOH B 2 .  ? 17.276  -32.660 -3.719  1.00 39.05 ? 2084 HOH A O   1 
# 
loop_
_atom_site_anisotrop.id 
_atom_site_anisotrop.type_symbol 
_atom_site_anisotrop.pdbx_label_atom_id 
_atom_site_anisotrop.pdbx_label_alt_id 
_atom_site_anisotrop.pdbx_label_comp_id 
_atom_site_anisotrop.pdbx_label_asym_id 
_atom_site_anisotrop.pdbx_label_seq_id 
_atom_site_anisotrop.pdbx_PDB_ins_code 
_atom_site_anisotrop.U[1][1] 
_atom_site_anisotrop.U[2][2] 
_atom_site_anisotrop.U[3][3] 
_atom_site_anisotrop.U[1][2] 
_atom_site_anisotrop.U[1][3] 
_atom_site_anisotrop.U[2][3] 
_atom_site_anisotrop.pdbx_auth_seq_id 
_atom_site_anisotrop.pdbx_auth_comp_id 
_atom_site_anisotrop.pdbx_auth_asym_id 
_atom_site_anisotrop.pdbx_auth_atom_id 
1   N N   . GLU A 31 ? 0.5899 0.5064 0.4771 -0.0561 -0.0184 -0.0662 5  GLU A N   
2   C CA  . GLU A 31 ? 0.5380 0.4459 0.4289 -0.0346 -0.0123 -0.0503 5  GLU A CA  
3   C C   . GLU A 31 ? 0.4837 0.3811 0.4009 -0.0246 -0.0067 -0.0392 5  GLU A C   
4   O O   . GLU A 31 ? 0.4784 0.3827 0.4103 -0.0319 -0.0108 -0.0375 5  GLU A O   
5   C CB  . GLU A 31 ? 0.5530 0.4877 0.4386 -0.0255 -0.0256 -0.0349 5  GLU A CB  
6   C CG  . GLU A 31 ? 0.5494 0.5144 0.4538 -0.0255 -0.0416 -0.0261 5  GLU A CG  
7   C CD  . GLU A 31 ? 0.5517 0.5330 0.4527 -0.0111 -0.0510 -0.0080 5  GLU A CD  
8   O OE1 . GLU A 31 ? 0.5416 0.5087 0.4204 -0.0051 -0.0452 -0.0023 5  GLU A OE1 
9   O OE2 . GLU A 31 ? 0.6025 0.6087 0.5237 -0.0054 -0.0615 0.0005  5  GLU A OE2 
10  N N   . ASP A 32 ? 0.5134 0.3025 0.3563 -0.0117 0.0077  -0.0661 6  ASP A N   
11  C CA  . ASP A 32 ? 0.4299 0.2382 0.3260 0.0054  0.0126  -0.0421 6  ASP A CA  
12  C C   . ASP A 32 ? 0.3490 0.2061 0.2660 0.0031  -0.0066 -0.0244 6  ASP A C   
13  O O   . ASP A 32 ? 0.3393 0.2169 0.2420 -0.0017 -0.0186 -0.0234 6  ASP A O   
14  C CB  . ASP A 32 ? 0.4151 0.2252 0.3323 0.0332  0.0362  -0.0308 6  ASP A CB  
15  C CG  . ASP A 32 ? 0.4009 0.2466 0.3169 0.0407  0.0379  -0.0246 6  ASP A CG  
16  O OD1 . ASP A 32 ? 0.3333 0.2174 0.2673 0.0383  0.0231  -0.0104 6  ASP A OD1 
17  O OD2 . ASP A 32 ? 0.4540 0.2850 0.3496 0.0476  0.0602  -0.0353 6  ASP A OD2 
18  N N   . LYS A 33 ? 0.3037 0.1749 0.2505 0.0069  -0.0060 -0.0089 7  LYS A N   
19  C CA  A LYS A 33 ? 0.2708 0.1750 0.2353 0.0034  -0.0137 0.0014  7  LYS A CA  
20  C CA  B LYS A 33 ? 0.2712 0.1755 0.2355 0.0033  -0.0138 0.0011  7  LYS A CA  
21  C C   . LYS A 33 ? 0.2406 0.1644 0.2024 0.0124  -0.0117 0.0041  7  LYS A C   
22  O O   . LYS A 33 ? 0.2272 0.1653 0.1994 0.0108  -0.0132 0.0067  7  LYS A O   
23  C CB  A LYS A 33 ? 0.2762 0.1836 0.2562 0.0022  -0.0060 0.0149  7  LYS A CB  
24  C CB  B LYS A 33 ? 0.2779 0.1843 0.2584 0.0013  -0.0065 0.0143  7  LYS A CB  
25  C CG  A LYS A 33 ? 0.3083 0.1955 0.3034 -0.0122 -0.0037 0.0167  7  LYS A CG  
26  C CG  B LYS A 33 ? 0.3104 0.1988 0.3067 -0.0151 -0.0065 0.0135  7  LYS A CG  
27  C CD  A LYS A 33 ? 0.3232 0.2159 0.3280 -0.0136 0.0099  0.0372  7  LYS A CD  
28  C CD  B LYS A 33 ? 0.3278 0.2127 0.3368 -0.0177 0.0076  0.0329  7  LYS A CD  
29  C CE  A LYS A 33 ? 0.3795 0.2380 0.3990 -0.0251 0.0198  0.0475  7  LYS A CE  
30  C CE  B LYS A 33 ? 0.3743 0.2360 0.4081 -0.0398 0.0104  0.0321  7  LYS A CE  
31  N NZ  A LYS A 33 ? 0.3997 0.2696 0.4166 -0.0245 0.0361  0.0739  7  LYS A NZ  
32  N NZ  B LYS A 33 ? 0.3648 0.2639 0.4373 -0.0548 0.0138  0.0401  7  LYS A NZ  
33  N N   . VAL A 34 ? 0.2344 0.1593 0.1924 0.0215  -0.0052 0.0051  8  VAL A N   
34  C CA  . VAL A 34 ? 0.2270 0.1704 0.1895 0.0218  -0.0034 0.0064  8  VAL A CA  
35  C C   . VAL A 34 ? 0.2236 0.1606 0.1743 0.0209  -0.0014 0.0045  8  VAL A C   
36  O O   . VAL A 34 ? 0.2228 0.1632 0.1809 0.0180  -0.0004 0.0084  8  VAL A O   
37  C CB  . VAL A 34 ? 0.2389 0.2010 0.2176 0.0287  -0.0001 0.0137  8  VAL A CB  
38  C CG1 . VAL A 34 ? 0.2353 0.2196 0.2263 0.0197  0.0003  0.0125  8  VAL A CG1 
39  C CG2 . VAL A 34 ? 0.2656 0.2406 0.2504 0.0302  -0.0089 0.0266  8  VAL A CG2 
40  N N   . GLU A 35 ? 0.2576 0.1788 0.1844 0.0224  0.0011  -0.0006 9  GLU A N   
41  C CA  . GLU A 35 ? 0.2944 0.2109 0.1921 0.0190  -0.0002 0.0029  9  GLU A CA  
42  C C   . GLU A 35 ? 0.2923 0.2192 0.1968 0.0134  -0.0206 0.0127  9  GLU A C   
43  O O   . GLU A 35 ? 0.2822 0.2161 0.1884 0.0163  -0.0236 0.0306  9  GLU A O   
44  C CB  . GLU A 35 ? 0.3722 0.2637 0.2233 0.0161  0.0074  -0.0121 9  GLU A CB  
45  C CG  . GLU A 35 ? 0.4672 0.3549 0.2641 0.0065  -0.0014 -0.0078 9  GLU A CG  
46  C CD  . GLU A 35 ? 0.5698 0.4233 0.3052 0.0017  0.0183  -0.0314 9  GLU A CD  
47  O OE1 . GLU A 35 ? 0.6322 0.4586 0.3730 0.0019  0.0284  -0.0534 9  GLU A OE1 
48  O OE2 . GLU A 35 ? 0.6552 0.5023 0.3361 -0.0011 0.0305  -0.0273 9  GLU A OE2 
49  N N   . GLU A 36 ? 0.2424 0.1640 0.2108 0.0346  -0.0174 -0.0102 10 GLU A N   
50  C CA  . GLU A 36 ? 0.2561 0.1780 0.2535 0.0231  -0.0272 -0.0102 10 GLU A CA  
51  C C   . GLU A 36 ? 0.2073 0.1548 0.2098 0.0185  -0.0143 -0.0023 10 GLU A C   
52  O O   . GLU A 36 ? 0.2122 0.1647 0.2188 0.0153  -0.0196 -0.0053 10 GLU A O   
53  C CB  . GLU A 36 ? 0.2767 0.1908 0.3205 0.0144  -0.0290 -0.0012 10 GLU A CB  
54  C CG  . GLU A 36 ? 0.3161 0.2419 0.4148 0.0030  -0.0295 0.0087  10 GLU A CG  
55  C CD  . GLU A 36 ? 0.3259 0.2495 0.4882 -0.0041 -0.0188 0.0287  10 GLU A CD  
56  O OE1 . GLU A 36 ? 0.3769 0.2856 0.5388 -0.0015 -0.0127 0.0347  10 GLU A OE1 
57  O OE2 . GLU A 36 ? 0.3521 0.2895 0.5741 -0.0113 -0.0135 0.0427  10 GLU A OE2 
58  N N   . LEU A 37 ? 0.1868 0.1449 0.1855 0.0209  -0.0003 0.0068  11 LEU A N   
59  C CA  . LEU A 37 ? 0.1789 0.1487 0.1713 0.0216  0.0071  0.0107  11 LEU A CA  
60  C C   . LEU A 37 ? 0.1709 0.1494 0.1527 0.0204  0.0013  0.0035  11 LEU A C   
61  O O   . LEU A 37 ? 0.1699 0.1522 0.1534 0.0177  0.0011  0.0026  11 LEU A O   
62  C CB  . LEU A 37 ? 0.1920 0.1579 0.1653 0.0315  0.0144  0.0176  11 LEU A CB  
63  C CG  . LEU A 37 ? 0.2158 0.1706 0.1947 0.0381  0.0317  0.0334  11 LEU A CG  
64  C CD1 . LEU A 37 ? 0.2386 0.1797 0.1836 0.0543  0.0365  0.0404  11 LEU A CD1 
65  C CD2 . LEU A 37 ? 0.2277 0.1838 0.2100 0.0420  0.0453  0.0412  11 LEU A CD2 
66  N N   . LEU A 38 ? 0.1705 0.1522 0.1471 0.0238  -0.0001 0.0018  12 LEU A N   
67  C CA  . LEU A 38 ? 0.1758 0.1662 0.1561 0.0232  0.0011  0.0022  12 LEU A CA  
68  C C   . LEU A 38 ? 0.1700 0.1525 0.1409 0.0230  0.0006  -0.0002 12 LEU A C   
69  O O   . LEU A 38 ? 0.1600 0.1468 0.1352 0.0198  0.0013  0.0014  12 LEU A O   
70  C CB  . LEU A 38 ? 0.1971 0.1946 0.1859 0.0306  0.0080  0.0079  12 LEU A CB  
71  C CG  . LEU A 38 ? 0.2136 0.2234 0.2236 0.0309  0.0010  0.0108  12 LEU A CG  
72  C CD1 . LEU A 38 ? 0.2332 0.2500 0.2571 0.0410  0.0109  0.0183  12 LEU A CD1 
73  C CD2 . LEU A 38 ? 0.2078 0.2278 0.2451 0.0241  -0.0104 0.0114  12 LEU A CD2 
74  N N   . SER A 39 ? 0.1852 0.1506 0.1420 0.0279  -0.0056 -0.0057 13 SER A N   
75  C CA  . SER A 39 ? 0.2043 0.1550 0.1454 0.0321  -0.0152 -0.0109 13 SER A CA  
76  C C   . SER A 39 ? 0.1793 0.1389 0.1448 0.0218  -0.0222 -0.0109 13 SER A C   
77  O O   . SER A 39 ? 0.1950 0.1533 0.1546 0.0235  -0.0249 -0.0107 13 SER A O   
78  C CB  . SER A 39 ? 0.2591 0.1812 0.1799 0.0414  -0.0317 -0.0212 13 SER A CB  
79  O OG  . SER A 39 ? 0.3777 0.2824 0.2555 0.0615  -0.0200 -0.0200 13 SER A OG  
80  N N   . LYS A 40 ? 0.1646 0.1318 0.1588 0.0144  -0.0213 -0.0079 14 LYS A N   
81  C CA  . LYS A 40 ? 0.1521 0.1290 0.1756 0.0097  -0.0202 -0.0029 14 LYS A CA  
82  C C   . LYS A 40 ? 0.1489 0.1337 0.1585 0.0112  -0.0091 -0.0003 14 LYS A C   
83  O O   . LYS A 40 ? 0.1587 0.1460 0.1769 0.0117  -0.0099 0.0008  14 LYS A O   
84  C CB  . LYS A 40 ? 0.1605 0.1420 0.2194 0.0068  -0.0102 0.0078  14 LYS A CB  
85  C CG  . LYS A 40 ? 0.1876 0.1593 0.2826 0.0016  -0.0279 0.0058  14 LYS A CG  
86  C CD  . LYS A 40 ? 0.2074 0.1851 0.3552 -0.0021 -0.0120 0.0243  14 LYS A CD  
87  C CE  . LYS A 40 ? 0.2618 0.2264 0.4656 -0.0114 -0.0401 0.0204  14 LYS A CE  
88  N NZ  . LYS A 40 ? 0.3004 0.2727 0.5791 -0.0173 -0.0241 0.0436  14 LYS A NZ  
89  N N   . VAL A 41 ? 0.1464 0.1321 0.1387 0.0128  -0.0030 -0.0002 15 VAL A N   
90  C CA  . VAL A 41 ? 0.1505 0.1350 0.1332 0.0142  -0.0020 -0.0015 15 VAL A CA  
91  C C   . VAL A 41 ? 0.1575 0.1419 0.1416 0.0113  -0.0055 -0.0020 15 VAL A C   
92  O O   . VAL A 41 ? 0.1656 0.1455 0.1501 0.0115  -0.0065 -0.0025 15 VAL A O   
93  C CB  . VAL A 41 ? 0.1676 0.1494 0.1398 0.0171  -0.0057 -0.0035 15 VAL A CB  
94  C CG1 . VAL A 41 ? 0.1828 0.1584 0.1555 0.0159  -0.0172 -0.0085 15 VAL A CG1 
95  C CG2 . VAL A 41 ? 0.1894 0.1617 0.1443 0.0275  0.0018  0.0000  15 VAL A CG2 
96  N N   . TYR A 42 ? 0.1590 0.1435 0.1397 0.0126  -0.0040 0.0004  16 TYR A N   
97  C CA  . TYR A 42 ? 0.1754 0.1547 0.1514 0.0159  0.0010  0.0066  16 TYR A CA  
98  C C   . TYR A 42 ? 0.1829 0.1528 0.1476 0.0198  -0.0062 0.0039  16 TYR A C   
99  O O   . TYR A 42 ? 0.1912 0.1563 0.1557 0.0208  -0.0042 0.0084  16 TYR A O   
100 C CB  . TYR A 42 ? 0.1900 0.1647 0.1522 0.0261  0.0118  0.0134  16 TYR A CB  
101 C CG  . TYR A 42 ? 0.2037 0.1679 0.1535 0.0368  0.0263  0.0266  16 TYR A CG  
102 C CD1 . TYR A 42 ? 0.2261 0.1989 0.2110 0.0303  0.0374  0.0402  16 TYR A CD1 
103 C CD2 . TYR A 42 ? 0.2400 0.1794 0.1421 0.0559  0.0276  0.0268  16 TYR A CD2 
104 C CE1 . TYR A 42 ? 0.2584 0.2202 0.2373 0.0421  0.0582  0.0591  16 TYR A CE1 
105 C CE2 . TYR A 42 ? 0.2782 0.2011 0.1562 0.0728  0.0461  0.0429  16 TYR A CE2 
106 C CZ  . TYR A 42 ? 0.2746 0.2109 0.1941 0.0656  0.0664  0.0622  16 TYR A CZ  
107 O OH  . TYR A 42 ? 0.3258 0.2433 0.2246 0.0845  0.0918  0.0846  16 TYR A OH  
108 N N   . HIS A 43 ? 0.1819 0.1481 0.1448 0.0219  -0.0179 -0.0025 17 HIS A N   
109 C CA  . HIS A 43 ? 0.1992 0.1590 0.1658 0.0254  -0.0323 -0.0053 17 HIS A CA  
110 C C   . HIS A 43 ? 0.1786 0.1500 0.1699 0.0209  -0.0267 -0.0019 17 HIS A C   
111 O O   . HIS A 43 ? 0.2038 0.1697 0.1919 0.0256  -0.0304 0.0001  17 HIS A O   
112 C CB  . HIS A 43 ? 0.2136 0.1682 0.1963 0.0254  -0.0527 -0.0127 17 HIS A CB  
113 C CG  . HIS A 43 ? 0.2779 0.2205 0.2661 0.0321  -0.0790 -0.0179 17 HIS A CG  
114 N ND1 . HIS A 43 ? 0.2932 0.2525 0.3317 0.0268  -0.0843 -0.0135 17 HIS A ND1 
115 C CD2 . HIS A 43 ? 0.3477 0.2592 0.2960 0.0475  -0.1044 -0.0272 17 HIS A CD2 
116 C CE1 . HIS A 43 ? 0.2996 0.2441 0.3379 0.0356  -0.1146 -0.0198 17 HIS A CE1 
117 N NE2 . HIS A 43 ? 0.3675 0.2786 0.3457 0.0491  -0.1310 -0.0301 17 HIS A NE2 
118 N N   . LEU A 44 ? 0.1712 0.1525 0.1773 0.0166  -0.0161 -0.0003 18 LEU A N   
119 C CA  . LEU A 44 ? 0.1806 0.1631 0.1935 0.0203  -0.0066 0.0026  18 LEU A CA  
120 C C   . LEU A 44 ? 0.1766 0.1471 0.1707 0.0207  -0.0072 0.0004  18 LEU A C   
121 O O   . LEU A 44 ? 0.1922 0.1565 0.1883 0.0263  -0.0060 0.0013  18 LEU A O   
122 C CB  . LEU A 44 ? 0.1782 0.1608 0.1874 0.0244  0.0065  0.0049  18 LEU A CB  
123 C CG  . LEU A 44 ? 0.1859 0.1799 0.2301 0.0266  0.0164  0.0154  18 LEU A CG  
124 C CD1 . LEU A 44 ? 0.1955 0.1835 0.2230 0.0336  0.0323  0.0209  18 LEU A CD1 
125 C CD2 . LEU A 44 ? 0.2049 0.2051 0.2774 0.0360  0.0282  0.0252  18 LEU A CD2 
126 N N   . GLU A 45 ? 0.1782 0.1452 0.1642 0.0156  -0.0082 -0.0009 19 GLU A N   
127 C CA  . GLU A 45 ? 0.1942 0.1493 0.1827 0.0129  -0.0105 0.0003  19 GLU A CA  
128 C C   . GLU A 45 ? 0.1988 0.1484 0.1854 0.0163  -0.0080 0.0079  19 GLU A C   
129 O O   . GLU A 45 ? 0.2217 0.1582 0.2112 0.0178  -0.0092 0.0090  19 GLU A O   
130 C CB  . GLU A 45 ? 0.1927 0.1517 0.1961 0.0057  -0.0113 0.0038  19 GLU A CB  
131 C CG  . GLU A 45 ? 0.2123 0.1704 0.2138 0.0052  -0.0215 -0.0054 19 GLU A CG  
132 C CD  . GLU A 45 ? 0.2268 0.1954 0.2529 -0.0005 -0.0247 -0.0014 19 GLU A CD  
133 O OE1 . GLU A 45 ? 0.2426 0.2237 0.2812 -0.0011 -0.0104 0.0107  19 GLU A OE1 
134 O OE2 . GLU A 45 ? 0.2559 0.2178 0.2861 -0.0005 -0.0424 -0.0098 19 GLU A OE2 
135 N N   . ASN A 46 ? 0.2007 0.1523 0.1750 0.0215  -0.0070 0.0124  20 ASN A N   
136 C CA  . ASN A 46 ? 0.2275 0.1648 0.1845 0.0319  -0.0070 0.0200  20 ASN A CA  
137 C C   . ASN A 46 ? 0.2432 0.1804 0.2067 0.0363  -0.0183 0.0152  20 ASN A C   
138 O O   . ASN A 46 ? 0.2595 0.1839 0.2180 0.0425  -0.0178 0.0212  20 ASN A O   
139 C CB  . ASN A 46 ? 0.2671 0.1940 0.1909 0.0445  -0.0081 0.0225  20 ASN A CB  
140 C CG  . ASN A 46 ? 0.3051 0.2304 0.2240 0.0469  0.0121  0.0344  20 ASN A CG  
141 O OD1 . ASN A 46 ? 0.3329 0.2627 0.2807 0.0392  0.0266  0.0463  20 ASN A OD1 
142 N ND2 . ASN A 46 ? 0.3714 0.2880 0.2596 0.0587  0.0126  0.0323  20 ASN A ND2 
143 N N   . GLU A 47 ? 0.2244 0.1757 0.2066 0.0347  -0.0262 0.0085  21 GLU A N   
144 C CA  A GLU A 47 ? 0.2412 0.1984 0.2476 0.0404  -0.0331 0.0090  21 GLU A CA  
145 C CA  B GLU A 47 ? 0.2456 0.2040 0.2537 0.0401  -0.0327 0.0088  21 GLU A CA  
146 C C   . GLU A 47 ? 0.2356 0.1882 0.2458 0.0428  -0.0198 0.0104  21 GLU A C   
147 O O   . GLU A 47 ? 0.2569 0.2034 0.2726 0.0515  -0.0223 0.0139  21 GLU A O   
148 C CB  A GLU A 47 ? 0.2416 0.2174 0.2866 0.0378  -0.0390 0.0079  21 GLU A CB  
149 C CB  B GLU A 47 ? 0.2533 0.2309 0.2986 0.0366  -0.0341 0.0081  21 GLU A CB  
150 C CG  A GLU A 47 ? 0.2587 0.2447 0.3462 0.0451  -0.0488 0.0128  21 GLU A CG  
151 C CG  B GLU A 47 ? 0.2756 0.2518 0.3264 0.0349  -0.0562 0.0031  21 GLU A CG  
152 C CD  A GLU A 47 ? 0.2588 0.2649 0.4079 0.0408  -0.0587 0.0163  21 GLU A CD  
153 C CD  B GLU A 47 ? 0.3279 0.3173 0.4367 0.0358  -0.0744 0.0053  21 GLU A CD  
154 O OE1 A GLU A 47 ? 0.2830 0.2915 0.4342 0.0325  -0.0556 0.0144  21 GLU A OE1 
155 O OE1 B GLU A 47 ? 0.3829 0.3685 0.5007 0.0443  -0.0917 0.0057  21 GLU A OE1 
156 O OE2 A GLU A 47 ? 0.2761 0.2953 0.4784 0.0462  -0.0695 0.0227  21 GLU A OE2 
157 O OE2 B GLU A 47 ? 0.3321 0.3360 0.4851 0.0286  -0.0712 0.0091  21 GLU A OE2 
158 N N   . VAL A 48 ? 0.2200 0.1687 0.2214 0.0390  -0.0097 0.0065  22 VAL A N   
159 C CA  . VAL A 48 ? 0.2533 0.1829 0.2425 0.0466  -0.0036 0.0026  22 VAL A CA  
160 C C   . VAL A 48 ? 0.2684 0.1780 0.2512 0.0441  -0.0097 0.0039  22 VAL A C   
161 O O   . VAL A 48 ? 0.2836 0.1766 0.2630 0.0541  -0.0088 0.0035  22 VAL A O   
162 C CB  . VAL A 48 ? 0.2683 0.1874 0.2374 0.0473  -0.0014 -0.0055 22 VAL A CB  
163 C CG1 . VAL A 48 ? 0.3254 0.2090 0.2678 0.0575  -0.0067 -0.0154 22 VAL A CG1 
164 C CG2 . VAL A 48 ? 0.2690 0.2033 0.2445 0.0560  0.0135  -0.0002 22 VAL A CG2 
165 N N   . ALA A 49 ? 0.2553 0.1641 0.2395 0.0340  -0.0120 0.0090  23 ALA A N   
166 C CA  . ALA A 49 ? 0.2814 0.1702 0.2692 0.0329  -0.0110 0.0182  23 ALA A CA  
167 C C   . ALA A 49 ? 0.3036 0.1878 0.2825 0.0453  -0.0109 0.0258  23 ALA A C   
168 O O   . ALA A 49 ? 0.3350 0.1976 0.3150 0.0501  -0.0105 0.0299  23 ALA A O   
169 C CB  . ALA A 49 ? 0.2907 0.1830 0.2885 0.0246  -0.0035 0.0304  23 ALA A CB  
170 N N   . ARG A 50 ? 0.3017 0.2008 0.2729 0.0518  -0.0161 0.0267  24 ARG A N   
171 C CA  . ARG A 50 ? 0.3355 0.2274 0.2980 0.0666  -0.0255 0.0324  24 ARG A CA  
172 C C   . ARG A 50 ? 0.3355 0.2310 0.3206 0.0731  -0.0269 0.0288  24 ARG A C   
173 O O   . ARG A 50 ? 0.3474 0.2259 0.3282 0.0838  -0.0283 0.0349  24 ARG A O   
174 C CB  . ARG A 50 ? 0.3688 0.2710 0.3249 0.0730  -0.0432 0.0286  24 ARG A CB  
175 C CG  . ARG A 50 ? 0.4431 0.3288 0.3567 0.0795  -0.0428 0.0331  24 ARG A CG  
176 C CD  . ARG A 50 ? 0.5050 0.3850 0.4019 0.0926  -0.0733 0.0241  24 ARG A CD  
177 N NE  . ARG A 50 ? 0.5793 0.4400 0.4589 0.1123  -0.0951 0.0265  24 ARG A NE  
178 C CZ  . ARG A 50 ? 0.6351 0.4786 0.4943 0.1294  -0.1339 0.0171  24 ARG A CZ  
179 N NH1 . ARG A 50 ? 0.6339 0.4755 0.4903 0.1279  -0.1556 0.0034  24 ARG A NH1 
180 N NH2 . ARG A 50 ? 0.7223 0.5455 0.5633 0.1496  -0.1564 0.0197  24 ARG A NH2 
181 N N   . LEU A 51 ? 0.3079 0.2209 0.3142 0.0710  -0.0216 0.0218  25 LEU A N   
182 C CA  . LEU A 51 ? 0.3533 0.2681 0.3787 0.0840  -0.0142 0.0228  25 LEU A CA  
183 C C   . LEU A 51 ? 0.3574 0.2394 0.3592 0.0895  -0.0066 0.0186  25 LEU A C   
184 O O   . LEU A 51 ? 0.3630 0.2341 0.3696 0.1048  -0.0035 0.0219  25 LEU A O   
185 C CB  . LEU A 51 ? 0.3507 0.2877 0.3995 0.0856  -0.0018 0.0225  25 LEU A CB  
186 C CG  . LEU A 51 ? 0.3673 0.3337 0.4566 0.0795  -0.0153 0.0269  25 LEU A CG  
187 C CD1 . LEU A 51 ? 0.3760 0.3629 0.4976 0.0804  0.0040  0.0326  25 LEU A CD1 
188 C CD2 . LEU A 51 ? 0.3895 0.3660 0.5159 0.0883  -0.0358 0.0329  25 LEU A CD2 
189 N N   A LYS A 52 ? 0.3523 0.2157 0.3340 0.0784  -0.0076 0.0110  26 LYS A N   
190 N N   B LYS A 52 ? 0.3602 0.2238 0.3417 0.0785  -0.0075 0.0110  26 LYS A N   
191 C CA  A LYS A 52 ? 0.3891 0.2126 0.3540 0.0818  -0.0112 0.0036  26 LYS A CA  
192 C CA  B LYS A 52 ? 0.4010 0.2247 0.3663 0.0811  -0.0115 0.0039  26 LYS A CA  
193 C C   A LYS A 52 ? 0.4067 0.2124 0.3779 0.0826  -0.0144 0.0145  26 LYS A C   
194 C C   B LYS A 52 ? 0.4126 0.2203 0.3843 0.0837  -0.0138 0.0150  26 LYS A C   
195 O O   A LYS A 52 ? 0.4329 0.2076 0.3968 0.0942  -0.0157 0.0115  26 LYS A O   
196 O O   B LYS A 52 ? 0.4325 0.2131 0.3972 0.0976  -0.0138 0.0128  26 LYS A O   
197 C CB  A LYS A 52 ? 0.3960 0.2043 0.3556 0.0667  -0.0217 -0.0060 26 LYS A CB  
198 C CB  B LYS A 52 ? 0.4133 0.2246 0.3786 0.0635  -0.0216 -0.0024 26 LYS A CB  
199 C CG  A LYS A 52 ? 0.4480 0.2078 0.3984 0.0692  -0.0370 -0.0176 26 LYS A CG  
200 C CG  B LYS A 52 ? 0.4453 0.2472 0.3889 0.0674  -0.0269 -0.0184 26 LYS A CG  
201 C CD  A LYS A 52 ? 0.4822 0.2223 0.4250 0.0620  -0.0570 -0.0342 26 LYS A CD  
202 C CD  B LYS A 52 ? 0.4715 0.2513 0.4270 0.0515  -0.0479 -0.0263 26 LYS A CD  
203 C CE  A LYS A 52 ? 0.4654 0.2273 0.4542 0.0362  -0.0620 -0.0232 26 LYS A CE  
204 C CE  B LYS A 52 ? 0.5011 0.2555 0.4833 0.0439  -0.0551 -0.0190 26 LYS A CE  
205 N NZ  A LYS A 52 ? 0.4676 0.2467 0.4516 0.0312  -0.0687 -0.0313 26 LYS A NZ  
206 N NZ  B LYS A 52 ? 0.5619 0.2612 0.5313 0.0509  -0.0803 -0.0382 26 LYS A NZ  
207 N N   . LYS A 53 ? 0.3965 0.2151 0.3737 0.0752  -0.0140 0.0283  27 LYS A N   
208 C CA  . LYS A 53 ? 0.4484 0.2458 0.4225 0.0816  -0.0124 0.0439  27 LYS A CA  
209 C C   . LYS A 53 ? 0.4560 0.2571 0.4281 0.1017  -0.0165 0.0456  27 LYS A C   
210 O O   . LYS A 53 ? 0.4778 0.2523 0.4473 0.1119  -0.0159 0.0512  27 LYS A O   
211 C CB  . LYS A 53 ? 0.4947 0.2975 0.4590 0.0783  -0.0061 0.0603  27 LYS A CB  
212 C CG  . LYS A 53 ? 0.5863 0.3637 0.5333 0.0928  0.0000  0.0810  27 LYS A CG  
213 C CD  . LYS A 53 ? 0.6541 0.4307 0.5679 0.1025  0.0086  0.0972  27 LYS A CD  
214 C CE  . LYS A 53 ? 0.7592 0.5045 0.6344 0.1280  0.0122  0.1179  27 LYS A CE  
215 N NZ  . LYS A 53 ? 0.8276 0.5604 0.6470 0.1482  0.0198  0.1317  27 LYS A NZ  
216 N N   . LEU A 54 ? 0.4196 0.2528 0.4035 0.1077  -0.0218 0.0417  28 LEU A N   
217 C CA  . LEU A 54 ? 0.4748 0.3174 0.4776 0.1263  -0.0282 0.0458  28 LEU A CA  
218 C C   . LEU A 54 ? 0.4496 0.2781 0.4597 0.1393  -0.0153 0.0414  28 LEU A C   
219 O O   . LEU A 54 ? 0.4694 0.2838 0.4836 0.1561  -0.0169 0.0478  28 LEU A O   
220 C CB  . LEU A 54 ? 0.4615 0.3439 0.4986 0.1268  -0.0382 0.0442  28 LEU A CB  
221 C CG  . LEU A 54 ? 0.5259 0.4139 0.5476 0.1209  -0.0583 0.0443  28 LEU A CG  
222 C CD1 . LEU A 54 ? 0.5161 0.4395 0.5893 0.1202  -0.0747 0.0410  28 LEU A CD1 
223 C CD2 . LEU A 54 ? 0.6058 0.4650 0.5899 0.1360  -0.0729 0.0534  28 LEU A CD2 
224 N N   . ILE A 55 ? 0.4488 0.2768 0.4535 0.1373  -0.0030 0.0307  29 ILE A N   
225 C CA  . ILE A 55 ? 0.4919 0.2911 0.4799 0.1575  0.0109  0.0234  29 ILE A CA  
226 C C   . ILE A 55 ? 0.5256 0.2741 0.4884 0.1596  0.0027  0.0191  29 ILE A C   
227 O O   . ILE A 55 ? 0.5487 0.2721 0.5039 0.1825  0.0090  0.0186  29 ILE A O   
228 C CB  . ILE A 55 ? 0.5038 0.2921 0.4633 0.1582  0.0202  0.0100  29 ILE A CB  
229 C CG1 . ILE A 55 ? 0.5092 0.3406 0.4974 0.1648  0.0384  0.0190  29 ILE A CG1 
230 C CG2 . ILE A 55 ? 0.5800 0.3165 0.4950 0.1850  0.0281  -0.0023 29 ILE A CG2 
231 C CD1 . ILE A 55 ? 0.5226 0.3488 0.4811 0.1627  0.0464  0.0104  29 ILE A CD1 
232 N N   . GLU A 56 ? 0.5146 0.2453 0.4706 0.1375  -0.0092 0.0174  30 GLU A N   
233 C CA  . GLU A 56 ? 0.5884 0.2701 0.5374 0.1351  -0.0178 0.0164  30 GLU A CA  
234 C C   . GLU A 56 ? 0.5787 0.2562 0.5359 0.1478  -0.0148 0.0336  30 GLU A C   
235 O O   . GLU A 56 ? 0.6097 0.2467 0.5591 0.1616  -0.0163 0.0321  30 GLU A O   
236 C CB  . GLU A 56 ? 0.6160 0.2923 0.5808 0.1075  -0.0259 0.0202  30 GLU A CB  
237 C CG  . GLU A 56 ? 0.6755 0.3426 0.6323 0.0979  -0.0377 -0.0005 30 GLU A CG  
238 C CD  . GLU A 56 ? 0.7281 0.4120 0.7149 0.0711  -0.0426 0.0063  30 GLU A CD  
239 O OE1 . GLU A 56 ? 0.7563 0.4573 0.7653 0.0620  -0.0303 0.0296  30 GLU A OE1 
240 O OE2 . GLU A 56 ? 0.7836 0.4601 0.7680 0.0635  -0.0577 -0.0108 30 GLU A OE2 
241 N N   . ASN A 57 ? 0.5446 0.2574 0.5117 0.1467  -0.0144 0.0486  31 ASN A N   
242 C CA  . ASN A 57 ? 0.5938 0.2996 0.5600 0.1628  -0.0174 0.0655  31 ASN A CA  
243 C C   . ASN A 57 ? 0.5885 0.3000 0.5677 0.1879  -0.0163 0.0630  31 ASN A C   
244 O O   . ASN A 57 ? 0.5997 0.2817 0.5742 0.2035  -0.0168 0.0702  31 ASN A O   
245 C CB  . ASN A 57 ? 0.5984 0.3336 0.5594 0.1616  -0.0254 0.0765  31 ASN A CB  
246 C CG  . ASN A 57 ? 0.6329 0.3544 0.5755 0.1463  -0.0179 0.0877  31 ASN A CG  
247 O OD1 . ASN A 57 ? 0.7068 0.3995 0.6570 0.1342  -0.0078 0.0921  31 ASN A OD1 
248 N ND2 . ASN A 57 ? 0.6514 0.3903 0.5746 0.1488  -0.0232 0.0933  31 ASN A ND2 
249 N N   . LYS A 58 ? 0.5751 0.3253 0.5769 0.1932  -0.0117 0.0564  32 LYS A N   
250 C CA  . LYS A 58 ? 0.6006 0.3609 0.6277 0.2201  -0.0010 0.0584  32 LYS A CA  
251 C C   . LYS A 58 ? 0.6278 0.3364 0.6230 0.2373  0.0126  0.0483  32 LYS A C   
252 O O   . LYS A 58 ? 0.6332 0.3277 0.6360 0.2637  0.0190  0.0543  32 LYS A O   
253 C CB  . LYS A 58 ? 0.5647 0.3719 0.6274 0.2210  0.0108  0.0580  32 LYS A CB  
254 N N   . LYS A 59 ? 0.4586 0.3959 0.5805 0.2211  -0.0009 0.0020  33 LYS A N   
255 C CA  . LYS A 59 ? 0.4542 0.4215 0.5778 0.2143  -0.0078 0.0094  33 LYS A CA  
256 C C   . LYS A 59 ? 0.4103 0.4058 0.5459 0.2002  -0.0026 0.0009  33 LYS A C   
257 O O   . LYS A 59 ? 0.3933 0.3964 0.5245 0.1852  -0.0068 0.0021  33 LYS A O   
258 C CB  . LYS A 59 ? 0.4750 0.4644 0.6129 0.2346  -0.0191 0.0130  33 LYS A CB  
259 N N   . ALA A 60 ? 0.4166 0.4275 0.5684 0.2091  0.0102  -0.0039 34 ALA A N   
260 C CA  . ALA A 60 ? 0.4181 0.4550 0.5876 0.2009  0.0240  -0.0024 34 ALA A CA  
261 C C   . ALA A 60 ? 0.4199 0.4359 0.5519 0.1904  0.0286  -0.0070 34 ALA A C   
262 O O   . ALA A 60 ? 0.4210 0.4508 0.5597 0.1765  0.0328  -0.0032 34 ALA A O   
263 C CB  . ALA A 60 ? 0.4477 0.5044 0.6419 0.2207  0.0466  0.0019  34 ALA A CB  
264 N N   . ASP A 61 ? 0.4473 0.4293 0.5461 0.1987  0.0247  -0.0180 35 ASP A N   
265 C CA  . ASP A 61 ? 0.4824 0.4437 0.5527 0.1916  0.0202  -0.0287 35 ASP A CA  
266 C C   . ASP A 61 ? 0.4285 0.3881 0.5054 0.1656  0.0104  -0.0221 35 ASP A C   
267 O O   . ASP A 61 ? 0.3954 0.3592 0.4618 0.1543  0.0116  -0.0234 35 ASP A O   
268 C CB  . ASP A 61 ? 0.5348 0.4582 0.5887 0.2056  0.0072  -0.0492 35 ASP A CB  
269 C CG  . ASP A 61 ? 0.6275 0.5485 0.6573 0.2402  0.0154  -0.0613 35 ASP A CG  
270 O OD1 . ASP A 61 ? 0.6714 0.6215 0.6964 0.2531  0.0390  -0.0475 35 ASP A OD1 
271 O OD2 . ASP A 61 ? 0.7379 0.6270 0.7596 0.2572  -0.0005 -0.0836 35 ASP A OD2 
272 N N   . MET A 62 ? 0.4239 0.3770 0.5128 0.1610  0.0031  -0.0126 36 MET A N   
273 C CA  A MET A 62 ? 0.4200 0.3717 0.5072 0.1460  -0.0014 -0.0023 36 MET A CA  
274 C CA  B MET A 62 ? 0.4133 0.3642 0.5000 0.1454  -0.0014 -0.0027 36 MET A CA  
275 C C   . MET A 62 ? 0.3827 0.3659 0.4743 0.1379  -0.0029 -0.0004 36 MET A C   
276 O O   . MET A 62 ? 0.3453 0.3292 0.4291 0.1246  -0.0045 0.0007  36 MET A O   
277 C CB  A MET A 62 ? 0.4615 0.4013 0.5504 0.1569  -0.0032 0.0131  36 MET A CB  
278 C CB  B MET A 62 ? 0.4475 0.3825 0.5362 0.1542  -0.0025 0.0133  36 MET A CB  
279 C CG  A MET A 62 ? 0.4990 0.4021 0.5987 0.1547  0.0020  0.0207  36 MET A CG  
280 C CG  B MET A 62 ? 0.4898 0.3874 0.5946 0.1573  0.0010  0.0151  36 MET A CG  
281 S SD  A MET A 62 ? 0.5292 0.4320 0.6249 0.1371  0.0063  0.0301  36 MET A SD  
282 S SD  B MET A 62 ? 0.5537 0.4317 0.6619 0.1751  0.0112  0.0465  36 MET A SD  
283 C CE  A MET A 62 ? 0.5285 0.4572 0.5923 0.1522  0.0029  0.0434  36 MET A CE  
284 C CE  B MET A 62 ? 0.5228 0.4186 0.6021 0.1722  0.0140  0.0614  36 MET A CE  
285 N N   . LYS A 63 ? 0.3613 0.3712 0.4765 0.1461  -0.0031 -0.0012 37 LYS A N   
286 C CA  . LYS A 63 ? 0.3594 0.3990 0.5029 0.1379  -0.0085 -0.0028 37 LYS A CA  
287 C C   . LYS A 63 ? 0.3319 0.3755 0.4769 0.1249  0.0058  -0.0021 37 LYS A C   
288 O O   . LYS A 63 ? 0.2902 0.3406 0.4405 0.1119  0.0000  -0.0032 37 LYS A O   
289 C CB  . LYS A 63 ? 0.4116 0.4812 0.6063 0.1486  -0.0127 -0.0053 37 LYS A CB  
290 C CG  . LYS A 63 ? 0.4495 0.5450 0.6868 0.1433  -0.0331 -0.0142 37 LYS A CG  
291 C CD  . LYS A 63 ? 0.4925 0.6194 0.8098 0.1381  -0.0212 -0.0127 37 LYS A CD  
292 C CE  . LYS A 63 ? 0.4993 0.6201 0.8083 0.1260  0.0096  0.0007  37 LYS A CE  
293 N NZ  . LYS A 63 ? 0.5149 0.6633 0.9098 0.1165  0.0188  0.0059  37 LYS A NZ  
294 N N   . GLN A 64 ? 0.3296 0.3665 0.4626 0.1342  0.0240  -0.0007 38 GLN A N   
295 C CA  . GLN A 64 ? 0.3310 0.3683 0.4518 0.1337  0.0404  0.0029  38 GLN A CA  
296 C C   . GLN A 64 ? 0.3071 0.3227 0.3920 0.1208  0.0287  -0.0046 38 GLN A C   
297 O O   . GLN A 64 ? 0.2960 0.3177 0.3811 0.1110  0.0327  -0.0011 38 GLN A O   
298 C CB  . GLN A 64 ? 0.3679 0.3976 0.4634 0.1600  0.0596  0.0036  38 GLN A CB  
299 N N   . LEU A 65 ? 0.3100 0.3010 0.3759 0.1205  0.0154  -0.0131 39 LEU A N   
300 C CA  . LEU A 65 ? 0.3284 0.3005 0.3803 0.1084  0.0054  -0.0190 39 LEU A CA  
301 C C   . LEU A 65 ? 0.2918 0.2745 0.3526 0.0922  0.0015  -0.0098 39 LEU A C   
302 O O   . LEU A 65 ? 0.2576 0.2385 0.3109 0.0816  0.0003  -0.0111 39 LEU A O   
303 C CB  . LEU A 65 ? 0.3733 0.3178 0.4304 0.1117  -0.0042 -0.0255 39 LEU A CB  
304 C CG  . LEU A 65 ? 0.4302 0.3526 0.4933 0.1042  -0.0152 -0.0375 39 LEU A CG  
305 C CD1 . LEU A 65 ? 0.4476 0.3684 0.4836 0.1160  -0.0216 -0.0570 39 LEU A CD1 
306 C CD2 . LEU A 65 ? 0.4676 0.3618 0.5599 0.1093  -0.0231 -0.0439 39 LEU A CD2 
307 N N   . GLU A 66 ? 0.2927 0.2862 0.3652 0.0958  -0.0030 -0.0032 40 GLU A N   
308 C CA  . GLU A 66 ? 0.2879 0.2907 0.3586 0.0914  -0.0116 0.0004  40 GLU A CA  
309 C C   . GLU A 66 ? 0.2571 0.2794 0.3453 0.0812  -0.0121 -0.0045 40 GLU A C   
310 O O   . GLU A 66 ? 0.2214 0.2432 0.3010 0.0731  -0.0164 -0.0054 40 GLU A O   
311 C CB  . GLU A 66 ? 0.3361 0.3474 0.4097 0.1084  -0.0230 0.0022  40 GLU A CB  
312 C CG  . GLU A 66 ? 0.4237 0.4113 0.4765 0.1218  -0.0180 0.0154  40 GLU A CG  
313 C CD  . GLU A 66 ? 0.5058 0.4990 0.5540 0.1466  -0.0280 0.0182  40 GLU A CD  
314 O OE1 . GLU A 66 ? 0.5577 0.5731 0.6323 0.1508  -0.0389 0.0062  40 GLU A OE1 
315 O OE2 . GLU A 66 ? 0.5887 0.5638 0.6108 0.1650  -0.0222 0.0354  40 GLU A OE2 
316 N N   . ASP A 67 ? 0.2402 0.2790 0.3587 0.0832  -0.0039 -0.0046 41 ASP A N   
317 C CA  . ASP A 67 ? 0.2201 0.2744 0.3696 0.0745  0.0035  -0.0026 41 ASP A CA  
318 C C   . ASP A 67 ? 0.2147 0.2552 0.3328 0.0680  0.0144  0.0008  41 ASP A C   
319 O O   . ASP A 67 ? 0.2004 0.2450 0.3285 0.0580  0.0127  0.0011  41 ASP A O   
320 C CB  . ASP A 67 ? 0.2524 0.3252 0.4485 0.0820  0.0228  0.0065  41 ASP A CB  
321 C CG  . ASP A 67 ? 0.2774 0.3711 0.5274 0.0870  0.0093  0.0006  41 ASP A CG  
322 O OD1 . ASP A 67 ? 0.3140 0.4093 0.5629 0.0878  -0.0198 -0.0135 41 ASP A OD1 
323 O OD2 . ASP A 67 ? 0.3185 0.4278 0.6116 0.0956  0.0284  0.0106  41 ASP A OD2 
324 N N   . LYS A 68 ? 0.2101 0.2336 0.2923 0.0770  0.0215  -0.0003 42 LYS A N   
325 C CA  . LYS A 68 ? 0.2345 0.2446 0.2853 0.0774  0.0240  -0.0031 42 LYS A CA  
326 C C   . LYS A 68 ? 0.2013 0.2025 0.2449 0.0621  0.0091  -0.0084 42 LYS A C   
327 O O   . LYS A 68 ? 0.2071 0.2074 0.2428 0.0560  0.0094  -0.0085 42 LYS A O   
328 C CB  . LYS A 68 ? 0.2769 0.2685 0.2935 0.0970  0.0232  -0.0135 42 LYS A CB  
329 C CG  . LYS A 68 ? 0.3495 0.3475 0.3558 0.1228  0.0442  -0.0058 42 LYS A CG  
330 C CD  . LYS A 68 ? 0.4234 0.3993 0.3819 0.1514  0.0363  -0.0238 42 LYS A CD  
331 C CE  . LYS A 68 ? 0.5097 0.4921 0.4440 0.1879  0.0643  -0.0114 42 LYS A CE  
332 N NZ  . LYS A 68 ? 0.5846 0.5530 0.4971 0.2130  0.0564  -0.0279 42 LYS A NZ  
333 N N   . VAL A 69 ? 0.2011 0.1953 0.2478 0.0590  0.0001  -0.0089 43 VAL A N   
334 C CA  . VAL A 69 ? 0.1988 0.1854 0.2415 0.0504  -0.0051 -0.0062 43 VAL A CA  
335 C C   . VAL A 69 ? 0.1835 0.1852 0.2288 0.0461  -0.0088 -0.0043 43 VAL A C   
336 O O   . VAL A 69 ? 0.1852 0.1846 0.2236 0.0395  -0.0093 -0.0040 43 VAL A O   
337 C CB  . VAL A 69 ? 0.2128 0.1868 0.2594 0.0563  -0.0048 0.0015  43 VAL A CB  
338 C CG1 . VAL A 69 ? 0.2162 0.1856 0.2590 0.0557  -0.0004 0.0140  43 VAL A CG1 
339 C CG2 . VAL A 69 ? 0.2379 0.1922 0.2975 0.0579  -0.0061 -0.0061 43 VAL A CG2 
340 N N   . GLU A 70 ? 0.1933 0.2103 0.2560 0.0512  -0.0147 -0.0068 44 GLU A N   
341 C CA  . GLU A 70 ? 0.2173 0.2467 0.2938 0.0499  -0.0269 -0.0138 44 GLU A CA  
342 C C   . GLU A 70 ? 0.2045 0.2367 0.2966 0.0378  -0.0183 -0.0127 44 GLU A C   
343 O O   . GLU A 70 ? 0.2011 0.2325 0.2899 0.0333  -0.0243 -0.0166 44 GLU A O   
344 C CB  . GLU A 70 ? 0.2500 0.2962 0.3621 0.0588  -0.0418 -0.0232 44 GLU A CB  
345 C CG  . GLU A 70 ? 0.3046 0.3613 0.4382 0.0649  -0.0679 -0.0414 44 GLU A CG  
346 C CD  . GLU A 70 ? 0.3946 0.4689 0.5732 0.0787  -0.0929 -0.0583 44 GLU A CD  
347 O OE1 . GLU A 70 ? 0.4243 0.5039 0.6147 0.0832  -0.0867 -0.0523 44 GLU A OE1 
348 O OE2 . GLU A 70 ? 0.4365 0.5198 0.6450 0.0877  -0.1235 -0.0820 44 GLU A OE2 
349 N N   . GLU A 71 ? 0.1862 0.2199 0.2891 0.0374  -0.0013 -0.0051 45 GLU A N   
350 C CA  . GLU A 71 ? 0.2182 0.2522 0.3288 0.0334  0.0123  0.0021  45 GLU A CA  
351 C C   . GLU A 71 ? 0.1827 0.2025 0.2525 0.0310  0.0101  -0.0002 45 GLU A C   
352 O O   . GLU A 71 ? 0.1889 0.2086 0.2628 0.0254  0.0113  0.0016  45 GLU A O   
353 C CB  . GLU A 71 ? 0.2804 0.3181 0.4007 0.0454  0.0376  0.0168  45 GLU A CB  
354 C CG  . GLU A 71 ? 0.3683 0.4005 0.4759 0.0534  0.0592  0.0315  45 GLU A CG  
355 C CD  . GLU A 71 ? 0.4536 0.4941 0.6186 0.0441  0.0703  0.0440  45 GLU A CD  
356 O OE1 . GLU A 71 ? 0.4752 0.5129 0.6474 0.0301  0.0534  0.0337  45 GLU A OE1 
357 O OE2 . GLU A 71 ? 0.5163 0.5651 0.7250 0.0539  0.1007  0.0672  45 GLU A OE2 
358 N N   . LEU A 72 ? 0.1800 0.1876 0.2215 0.0350  0.0057  -0.0050 46 LEU A N   
359 C CA  . LEU A 72 ? 0.1733 0.1700 0.1964 0.0320  -0.0005 -0.0104 46 LEU A CA  
360 C C   . LEU A 72 ? 0.1620 0.1613 0.1904 0.0224  -0.0061 -0.0091 46 LEU A C   
361 O O   . LEU A 72 ? 0.1733 0.1707 0.1969 0.0184  -0.0070 -0.0102 46 LEU A O   
362 C CB  . LEU A 72 ? 0.1925 0.1755 0.2118 0.0364  -0.0080 -0.0185 46 LEU A CB  
363 C CG  . LEU A 72 ? 0.2260 0.2000 0.2261 0.0536  -0.0109 -0.0295 46 LEU A CG  
364 C CD1 . LEU A 72 ? 0.2440 0.2045 0.2567 0.0577  -0.0216 -0.0406 46 LEU A CD1 
365 C CD2 . LEU A 72 ? 0.2464 0.2151 0.2290 0.0608  -0.0195 -0.0393 46 LEU A CD2 
366 N N   . LEU A 73 ? 0.1547 0.1575 0.1868 0.0247  -0.0100 -0.0071 47 LEU A N   
367 C CA  . LEU A 73 ? 0.1762 0.1801 0.1995 0.0271  -0.0142 -0.0061 47 LEU A CA  
368 C C   . LEU A 73 ? 0.1503 0.1612 0.1829 0.0225  -0.0198 -0.0130 47 LEU A C   
369 O O   . LEU A 73 ? 0.1479 0.1565 0.1714 0.0214  -0.0203 -0.0134 47 LEU A O   
370 C CB  . LEU A 73 ? 0.2016 0.2071 0.2135 0.0427  -0.0199 -0.0044 47 LEU A CB  
371 C CG  . LEU A 73 ? 0.2451 0.2393 0.2491 0.0509  -0.0082 0.0101  47 LEU A CG  
372 C CD1 . LEU A 73 ? 0.2767 0.2730 0.2660 0.0712  -0.0147 0.0113  47 LEU A CD1 
373 C CD2 . LEU A 73 ? 0.2649 0.2508 0.2644 0.0550  0.0065  0.0254  47 LEU A CD2 
374 N N   . SER A 74 ? 0.1412 0.1602 0.2021 0.0202  -0.0220 -0.0168 48 SER A N   
375 C CA  . SER A 74 ? 0.1417 0.1645 0.2307 0.0147  -0.0248 -0.0207 48 SER A CA  
376 C C   . SER A 74 ? 0.1384 0.1544 0.2176 0.0095  -0.0099 -0.0109 48 SER A C   
377 O O   . SER A 74 ? 0.1433 0.1567 0.2257 0.0066  -0.0128 -0.0131 48 SER A O   
378 C CB  . SER A 74 ? 0.1510 0.1849 0.2964 0.0133  -0.0259 -0.0225 48 SER A CB  
379 O OG  . SER A 74 ? 0.1855 0.2267 0.3500 0.0221  -0.0537 -0.0428 48 SER A OG  
380 N N   . LYS A 75 ? 0.1407 0.1527 0.2022 0.0139  0.0031  -0.0023 49 LYS A N   
381 C CA  . LYS A 75 ? 0.1557 0.1603 0.1969 0.0190  0.0121  0.0038  49 LYS A CA  
382 C C   . LYS A 75 ? 0.1457 0.1456 0.1677 0.0147  0.0002  -0.0048 49 LYS A C   
383 O O   . LYS A 75 ? 0.1561 0.1531 0.1728 0.0156  0.0013  -0.0031 49 LYS A O   
384 C CB  . LYS A 75 ? 0.1859 0.1853 0.2001 0.0351  0.0206  0.0069  49 LYS A CB  
385 C CG  . LYS A 75 ? 0.2378 0.2424 0.2690 0.0464  0.0430  0.0235  49 LYS A CG  
386 C CD  . LYS A 75 ? 0.3052 0.3009 0.2890 0.0733  0.0494  0.0233  49 LYS A CD  
387 C CE  . LYS A 75 ? 0.3800 0.3814 0.3732 0.0895  0.0728  0.0386  49 LYS A CE  
388 N NZ  . LYS A 75 ? 0.4170 0.4215 0.4299 0.1012  0.1054  0.0677  49 LYS A NZ  
389 N N   . VAL A 76 ? 0.1451 0.1441 0.1636 0.0122  -0.0073 -0.0100 50 VAL A N   
390 C CA  . VAL A 76 ? 0.1425 0.1392 0.1603 0.0092  -0.0115 -0.0121 50 VAL A CA  
391 C C   . VAL A 76 ? 0.1414 0.1421 0.1589 0.0080  -0.0119 -0.0111 50 VAL A C   
392 O O   . VAL A 76 ? 0.1454 0.1457 0.1623 0.0072  -0.0121 -0.0115 50 VAL A O   
393 C CB  . VAL A 76 ? 0.1606 0.1540 0.1892 0.0093  -0.0110 -0.0102 50 VAL A CB  
394 C CG1 . VAL A 76 ? 0.1629 0.1570 0.2069 0.0082  -0.0055 -0.0032 50 VAL A CG1 
395 C CG2 . VAL A 76 ? 0.1669 0.1531 0.2018 0.0126  -0.0183 -0.0199 50 VAL A CG2 
396 N N   . TYR A 77 ? 0.1490 0.1531 0.1676 0.0117  -0.0160 -0.0136 51 TYR A N   
397 C CA  . TYR A 77 ? 0.1612 0.1662 0.1753 0.0182  -0.0237 -0.0203 51 TYR A CA  
398 C C   . TYR A 77 ? 0.1494 0.1522 0.1800 0.0111  -0.0246 -0.0230 51 TYR A C   
399 O O   . TYR A 77 ? 0.1639 0.1644 0.1885 0.0139  -0.0268 -0.0261 51 TYR A O   
400 C CB  . TYR A 77 ? 0.1787 0.1869 0.1932 0.0300  -0.0378 -0.0310 51 TYR A CB  
401 C CG  . TYR A 77 ? 0.2060 0.2125 0.2090 0.0467  -0.0547 -0.0470 51 TYR A CG  
402 C CD1 . TYR A 77 ? 0.2756 0.2788 0.2388 0.0653  -0.0483 -0.0418 51 TYR A CD1 
403 C CD2 . TYR A 77 ? 0.2028 0.2099 0.2413 0.0457  -0.0749 -0.0664 51 TYR A CD2 
404 C CE1 . TYR A 77 ? 0.2997 0.2997 0.2414 0.0892  -0.0658 -0.0599 51 TYR A CE1 
405 C CE2 . TYR A 77 ? 0.2369 0.2401 0.2675 0.0651  -0.0979 -0.0889 51 TYR A CE2 
406 C CZ  . TYR A 77 ? 0.2636 0.2625 0.2377 0.0888  -0.0944 -0.0870 51 TYR A CZ  
407 O OH  . TYR A 77 ? 0.2892 0.2819 0.2458 0.1155  -0.1192 -0.1129 51 TYR A OH  
408 N N   . HIS A 78 ? 0.1460 0.1489 0.1994 0.0055  -0.0186 -0.0181 52 HIS A N   
409 C CA  . HIS A 78 ? 0.1597 0.1579 0.2323 0.0030  -0.0116 -0.0122 52 HIS A CA  
410 C C   . HIS A 78 ? 0.1528 0.1464 0.1960 0.0061  -0.0065 -0.0070 52 HIS A C   
411 O O   . HIS A 78 ? 0.1614 0.1505 0.2089 0.0067  -0.0071 -0.0072 52 HIS A O   
412 C CB  . HIS A 78 ? 0.1783 0.1773 0.2808 0.0032  0.0046  0.0019  52 HIS A CB  
413 C CG  . HIS A 78 ? 0.2383 0.2296 0.3622 0.0063  0.0218  0.0180  52 HIS A CG  
414 N ND1 . HIS A 78 ? 0.3098 0.2964 0.4781 0.0003  0.0158  0.0132  52 HIS A ND1 
415 C CD2 . HIS A 78 ? 0.2868 0.2716 0.3882 0.0202  0.0444  0.0392  52 HIS A CD2 
416 C CE1 . HIS A 78 ? 0.3073 0.2849 0.4911 0.0064  0.0391  0.0360  52 HIS A CE1 
417 N NE2 . HIS A 78 ? 0.3162 0.2929 0.4543 0.0214  0.0585  0.0540  52 HIS A NE2 
418 N N   . LEU A 79 ? 0.1555 0.1496 0.1756 0.0100  -0.0052 -0.0059 53 LEU A N   
419 C CA  . LEU A 79 ? 0.1565 0.1480 0.1601 0.0155  -0.0092 -0.0083 53 LEU A CA  
420 C C   . LEU A 79 ? 0.1477 0.1434 0.1582 0.0108  -0.0147 -0.0132 53 LEU A C   
421 O O   . LEU A 79 ? 0.1557 0.1504 0.1640 0.0143  -0.0168 -0.0139 53 LEU A O   
422 C CB  . LEU A 79 ? 0.1602 0.1510 0.1532 0.0220  -0.0162 -0.0152 53 LEU A CB  
423 C CG  . LEU A 79 ? 0.1845 0.1691 0.1526 0.0397  -0.0115 -0.0123 53 LEU A CG  
424 C CD1 . LEU A 79 ? 0.1982 0.1807 0.1617 0.0461  -0.0238 -0.0258 53 LEU A CD1 
425 C CD2 . LEU A 79 ? 0.2327 0.2114 0.1744 0.0593  -0.0134 -0.0112 53 LEU A CD2 
426 N N   . GLU A 80 ? 0.1427 0.1426 0.1576 0.0084  -0.0143 -0.0139 54 GLU A N   
427 C CA  . GLU A 80 ? 0.1549 0.1585 0.1702 0.0127  -0.0115 -0.0125 54 GLU A CA  
428 C C   . GLU A 80 ? 0.1552 0.1551 0.1647 0.0167  -0.0158 -0.0181 54 GLU A C   
429 O O   . GLU A 80 ? 0.1676 0.1692 0.1771 0.0208  -0.0139 -0.0176 54 GLU A O   
430 C CB  . GLU A 80 ? 0.1708 0.1763 0.1787 0.0204  -0.0053 -0.0071 54 GLU A CB  
431 C CG  . GLU A 80 ? 0.1734 0.1801 0.2011 0.0168  0.0027  0.0020  54 GLU A CG  
432 C CD  . GLU A 80 ? 0.2131 0.2183 0.2320 0.0273  0.0129  0.0130  54 GLU A CD  
433 O OE1 . GLU A 80 ? 0.2588 0.2628 0.2473 0.0395  0.0063  0.0074  54 GLU A OE1 
434 O OE2 . GLU A 80 ? 0.2340 0.2379 0.2793 0.0270  0.0257  0.0264  54 GLU A OE2 
435 N N   . ASN A 81 ? 0.1678 0.1627 0.1840 0.0156  -0.0224 -0.0243 55 ASN A N   
436 C CA  . ASN A 81 ? 0.1759 0.1640 0.2030 0.0189  -0.0300 -0.0331 55 ASN A CA  
437 C C   . ASN A 81 ? 0.1720 0.1548 0.2077 0.0149  -0.0228 -0.0243 55 ASN A C   
438 O O   . ASN A 81 ? 0.1887 0.1667 0.2252 0.0196  -0.0256 -0.0281 55 ASN A O   
439 C CB  . ASN A 81 ? 0.2084 0.1935 0.2642 0.0183  -0.0425 -0.0448 55 ASN A CB  
440 C CG  . ASN A 81 ? 0.2584 0.2474 0.2929 0.0337  -0.0569 -0.0592 55 ASN A CG  
441 O OD1 . ASN A 81 ? 0.3331 0.3234 0.3286 0.0506  -0.0549 -0.0593 55 ASN A OD1 
442 N ND2 . ASN A 81 ? 0.2978 0.2890 0.3588 0.0331  -0.0697 -0.0694 55 ASN A ND2 
443 N N   . GLU A 82 ? 0.1654 0.1472 0.2009 0.0125  -0.0134 -0.0124 56 GLU A N   
444 C CA  A GLU A 82 ? 0.1760 0.1506 0.2054 0.0194  -0.0055 -0.0015 56 GLU A CA  
445 C CA  B GLU A 82 ? 0.1760 0.1509 0.2053 0.0193  -0.0059 -0.0020 56 GLU A CA  
446 C C   . GLU A 82 ? 0.1716 0.1517 0.1823 0.0249  -0.0127 -0.0068 56 GLU A C   
447 O O   . GLU A 82 ? 0.1842 0.1589 0.1929 0.0318  -0.0123 -0.0041 56 GLU A O   
448 C CB  A GLU A 82 ? 0.1965 0.1677 0.2133 0.0284  0.0071  0.0128  56 GLU A CB  
449 C CB  B GLU A 82 ? 0.1977 0.1698 0.2146 0.0275  0.0058  0.0113  56 GLU A CB  
450 C CG  A GLU A 82 ? 0.2128 0.1796 0.2639 0.0260  0.0234  0.0268  56 GLU A CG  
451 C CG  B GLU A 82 ? 0.2097 0.1789 0.2604 0.0231  0.0190  0.0221  56 GLU A CG  
452 C CD  A GLU A 82 ? 0.2356 0.1899 0.3242 0.0290  0.0391  0.0436  56 GLU A CD  
453 C CD  B GLU A 82 ? 0.2472 0.2139 0.2764 0.0390  0.0366  0.0393  56 GLU A CD  
454 O OE1 A GLU A 82 ? 0.2609 0.2060 0.3277 0.0431  0.0474  0.0554  56 GLU A OE1 
455 O OE1 B GLU A 82 ? 0.2476 0.2204 0.2505 0.0417  0.0283  0.0300  56 GLU A OE1 
456 O OE2 A GLU A 82 ? 0.2807 0.2328 0.4318 0.0190  0.0443  0.0467  56 GLU A OE2 
457 O OE2 B GLU A 82 ? 0.3005 0.2578 0.3382 0.0525  0.0598  0.0630  56 GLU A OE2 
458 N N   . VAL A 83 ? 0.1647 0.1549 0.1723 0.0225  -0.0184 -0.0131 57 VAL A N   
459 C CA  . VAL A 83 ? 0.1694 0.1681 0.1849 0.0259  -0.0251 -0.0184 57 VAL A CA  
460 C C   . VAL A 83 ? 0.1629 0.1645 0.1857 0.0266  -0.0208 -0.0182 57 VAL A C   
461 O O   . VAL A 83 ? 0.1683 0.1728 0.1968 0.0326  -0.0236 -0.0194 57 VAL A O   
462 C CB  . VAL A 83 ? 0.1727 0.1804 0.2083 0.0218  -0.0295 -0.0230 57 VAL A CB  
463 C CG1 . VAL A 83 ? 0.1793 0.1993 0.2525 0.0220  -0.0316 -0.0252 57 VAL A CG1 
464 C CG2 . VAL A 83 ? 0.1843 0.1875 0.2083 0.0295  -0.0412 -0.0307 57 VAL A CG2 
465 N N   . ALA A 84 ? 0.1668 0.1672 0.1846 0.0263  -0.0163 -0.0189 58 ALA A N   
466 C CA  . ALA A 84 ? 0.1849 0.1853 0.1964 0.0371  -0.0141 -0.0221 58 ALA A CA  
467 C C   . ALA A 84 ? 0.1875 0.1765 0.2005 0.0395  -0.0204 -0.0274 58 ALA A C   
468 O O   . ALA A 84 ? 0.1988 0.1890 0.2110 0.0486  -0.0192 -0.0291 58 ALA A O   
469 C CB  . ALA A 84 ? 0.2074 0.2052 0.2010 0.0468  -0.0152 -0.0276 58 ALA A CB  
470 N N   . ARG A 85 ? 0.1860 0.1630 0.2083 0.0331  -0.0237 -0.0271 59 ARG A N   
471 C CA  . ARG A 85 ? 0.1999 0.1628 0.2364 0.0359  -0.0249 -0.0268 59 ARG A CA  
472 C C   . ARG A 85 ? 0.2071 0.1704 0.2349 0.0420  -0.0200 -0.0162 59 ARG A C   
473 O O   . ARG A 85 ? 0.2132 0.1704 0.2445 0.0494  -0.0215 -0.0179 59 ARG A O   
474 C CB  . ARG A 85 ? 0.2208 0.1713 0.2878 0.0287  -0.0218 -0.0214 59 ARG A CB  
475 C CG  . ARG A 85 ? 0.2602 0.1922 0.3618 0.0310  -0.0183 -0.0163 59 ARG A CG  
476 C CD  . ARG A 85 ? 0.3092 0.2289 0.4732 0.0230  -0.0141 -0.0118 59 ARG A CD  
477 N NE  . ARG A 85 ? 0.3488 0.2718 0.5133 0.0217  0.0087  0.0142  59 ARG A NE  
478 C CZ  . ARG A 85 ? 0.4049 0.3154 0.5918 0.0291  0.0363  0.0456  59 ARG A CZ  
479 N NH1 . ARG A 85 ? 0.4481 0.3407 0.6698 0.0337  0.0449  0.0563  59 ARG A NH1 
480 N NH2 . ARG A 85 ? 0.4130 0.3274 0.5868 0.0364  0.0588  0.0691  59 ARG A NH2 
481 N N   . LEU A 86 ? 0.2017 0.1723 0.2162 0.0435  -0.0185 -0.0094 60 LEU A N   
482 C CA  . LEU A 86 ? 0.2116 0.1848 0.2134 0.0570  -0.0234 -0.0072 60 LEU A CA  
483 C C   . LEU A 86 ? 0.1956 0.1832 0.2113 0.0585  -0.0304 -0.0165 60 LEU A C   
484 O O   . LEU A 86 ? 0.2059 0.1919 0.2209 0.0697  -0.0339 -0.0161 60 LEU A O   
485 C CB  . LEU A 86 ? 0.2260 0.2051 0.2116 0.0644  -0.0306 -0.0092 60 LEU A CB  
486 C CG  . LEU A 86 ? 0.2675 0.2315 0.2264 0.0788  -0.0190 0.0063  60 LEU A CG  
487 C CD1 . LEU A 86 ? 0.2879 0.2572 0.2265 0.0877  -0.0286 -0.0018 60 LEU A CD1 
488 C CD2 . LEU A 86 ? 0.3123 0.2625 0.2484 0.1037  -0.0124 0.0207  60 LEU A CD2 
489 N N   . LYS A 87 ? 0.1747 0.1763 0.2059 0.0503  -0.0281 -0.0208 61 LYS A N   
490 C CA  . LYS A 87 ? 0.1854 0.2024 0.2398 0.0547  -0.0246 -0.0220 61 LYS A CA  
491 C C   . LYS A 87 ? 0.1845 0.1935 0.2282 0.0638  -0.0198 -0.0229 61 LYS A C   
492 O O   . LYS A 87 ? 0.1978 0.2145 0.2553 0.0729  -0.0199 -0.0231 61 LYS A O   
493 C CB  . LYS A 87 ? 0.1875 0.2168 0.2593 0.0501  -0.0124 -0.0168 61 LYS A CB  
494 C CG  . LYS A 87 ? 0.1876 0.2250 0.2874 0.0413  -0.0197 -0.0188 61 LYS A CG  
495 C CD  . LYS A 87 ? 0.2233 0.2667 0.3403 0.0367  -0.0041 -0.0088 61 LYS A CD  
496 C CE  . LYS A 87 ? 0.2414 0.2993 0.3947 0.0448  0.0179  0.0060  61 LYS A CE  
497 N NZ  . LYS A 87 ? 0.2753 0.3353 0.4461 0.0431  0.0362  0.0211  61 LYS A NZ  
498 N N   . LYS A 88 ? 0.2025 0.2111 0.2253 0.0353  -0.0120 -0.0124 62 LYS A N   
499 C CA  . LYS A 88 ? 0.2215 0.2274 0.2334 0.0332  -0.0097 -0.0151 62 LYS A CA  
500 C C   . LYS A 88 ? 0.2231 0.2238 0.2368 0.0323  -0.0025 -0.0157 62 LYS A C   
501 O O   . LYS A 88 ? 0.2445 0.2365 0.2533 0.0359  0.0033  -0.0145 62 LYS A O   
502 C CB  . LYS A 88 ? 0.2642 0.2752 0.2754 0.0285  -0.0161 -0.0205 62 LYS A CB  
503 C CG  . LYS A 88 ? 0.3076 0.3268 0.3145 0.0287  -0.0285 -0.0149 62 LYS A CG  
504 C CD  . LYS A 88 ? 0.3815 0.3920 0.3651 0.0273  -0.0271 -0.0090 62 LYS A CD  
505 C CE  . LYS A 88 ? 0.4410 0.4591 0.4074 0.0208  -0.0415 -0.0032 62 LYS A CE  
506 N NZ  . LYS A 88 ? 0.4968 0.5323 0.4867 0.0265  -0.0590 0.0051  62 LYS A NZ  
507 N N   . LEU A 89 ? 0.2056 0.2100 0.2261 0.0280  -0.0016 -0.0170 63 LEU A N   
508 C CA  . LEU A 89 ? 0.2278 0.2241 0.2434 0.0242  0.0029  -0.0130 63 LEU A CA  
509 C C   . LEU A 89 ? 0.2322 0.2312 0.2466 0.0295  0.0019  -0.0017 63 LEU A C   
510 O O   . LEU A 89 ? 0.2459 0.2355 0.2597 0.0347  0.0032  0.0072  63 LEU A O   
511 C CB  . LEU A 89 ? 0.2439 0.2475 0.2614 0.0142  0.0060  -0.0170 63 LEU A CB  
512 C CG  . LEU A 89 ? 0.3047 0.3001 0.3093 0.0044  0.0100  -0.0096 63 LEU A CG  
513 C CD1 . LEU A 89 ? 0.3443 0.3499 0.3501 -0.0097 0.0178  -0.0190 63 LEU A CD1 
514 C CD2 . LEU A 89 ? 0.3451 0.3442 0.3394 0.0041  0.0057  0.0032  63 LEU A CD2 
515 N N   . VAL A 90 ? 0.2027 0.2149 0.2191 0.0284  -0.0012 -0.0005 64 VAL A N   
516 C CA  . VAL A 90 ? 0.2150 0.2410 0.2340 0.0292  -0.0046 0.0103  64 VAL A CA  
517 C C   . VAL A 90 ? 0.2079 0.2419 0.2367 0.0377  -0.0025 0.0126  64 VAL A C   
518 O O   . VAL A 90 ? 0.2051 0.2599 0.2449 0.0393  -0.0048 0.0214  64 VAL A O   
519 C CB  . VAL A 90 ? 0.2060 0.2431 0.2179 0.0159  -0.0076 0.0086  64 VAL A CB  
520 C CG1 . VAL A 90 ? 0.2254 0.2582 0.2242 0.0049  -0.0054 0.0051  64 VAL A CG1 
521 C CG2 . VAL A 90 ? 0.2054 0.2374 0.2179 0.0131  -0.0050 -0.0007 64 VAL A CG2 
522 N N   . GLY A 91 ? 0.2098 0.2324 0.2346 0.0413  0.0021  0.0046  65 GLY A N   
523 C CA  . GLY A 91 ? 0.2350 0.2638 0.2616 0.0452  0.0082  0.0038  65 GLY A CA  
524 C C   . GLY A 91 ? 0.2293 0.2712 0.2551 0.0367  0.0067  0.0069  65 GLY A C   
525 O O   . GLY A 91 ? 0.2479 0.3060 0.2807 0.0368  0.0134  0.0092  65 GLY A O   
526 N N   . GLU A 92 ? 0.2423 0.2748 0.2603 0.0285  0.0010  0.0055  66 GLU A N   
527 C CA  . GLU A 92 ? 0.2580 0.2905 0.2712 0.0179  0.0009  0.0080  66 GLU A CA  
528 C C   . GLU A 92 ? 0.3069 0.3239 0.3060 0.0178  0.0014  0.0097  66 GLU A C   
529 O O   . GLU A 92 ? 0.3192 0.3218 0.3137 0.0231  -0.0043 0.0084  66 GLU A O   
530 C CB  . GLU A 92 ? 0.2774 0.2974 0.2878 0.0101  -0.0021 0.0035  66 GLU A CB  
531 C CG  . GLU A 92 ? 0.3017 0.3152 0.3057 -0.0047 -0.0002 0.0045  66 GLU A CG  
532 C CD  . GLU A 92 ? 0.3397 0.3324 0.3385 -0.0128 0.0015  -0.0051 66 GLU A CD  
533 O OE1 . GLU A 92 ? 0.3219 0.2903 0.3222 -0.0028 0.0024  -0.0077 66 GLU A OE1 
534 O OE2 . GLU A 92 ? 0.3624 0.3640 0.3559 -0.0293 0.0024  -0.0107 66 GLU A OE2 
535 N N   . ARG A 93 ? 0.3370 0.3613 0.3295 0.0102  0.0074  0.0141  67 ARG A N   
536 C CA  . ARG A 93 ? 0.4243 0.4325 0.3943 0.0046  0.0068  0.0202  67 ARG A CA  
537 C C   . ARG A 93 ? 0.4904 0.4731 0.4536 -0.0034 0.0015  0.0279  67 ARG A C   
538 O O   . ARG A 93 ? 0.5033 0.4759 0.4777 -0.0031 -0.0006 0.0233  67 ARG A O   
539 C CB  . ARG A 93 ? 0.4504 0.4773 0.4134 -0.0033 0.0201  0.0204  67 ARG A CB  
540 C CG  . ARG A 93 ? 0.4597 0.5025 0.4317 0.0081  0.0296  0.0099  67 ARG A CG  
541 C CD  . ARG A 93 ? 0.5108 0.5707 0.4755 0.0018  0.0483  0.0055  67 ARG A CD  
542 O OXT . ARG A 93 ? 0.5321 0.4980 0.4747 -0.0105 0.0002  0.0387  67 ARG A OXT 
# 
